data_2GRJ
#
_entry.id   2GRJ
#
_cell.length_a   90.832
_cell.length_b   87.217
_cell.length_c   98.586
_cell.angle_alpha   90.000
_cell.angle_beta   106.920
_cell.angle_gamma   90.000
#
_symmetry.space_group_name_H-M   'P 1 21 1'
#
loop_
_entity.id
_entity.type
_entity.pdbx_description
1 polymer 'Dephospho-CoA kinase'
2 non-polymer "ADENOSINE-5'-DIPHOSPHATE"
3 non-polymer 'DEPHOSPHO COENZYME A'
4 non-polymer 'CHLORIDE ION'
5 water water
#
_entity_poly.entity_id   1
_entity_poly.type   'polypeptide(L)'
_entity_poly.pdbx_seq_one_letter_code
;(MSE)GSDKIHHHHHH(MSE)VIGVTGKIGTGKSTVCEILKNKYGAHVVNVDRIGHEVLEEVKEKLVELFGGSVLEDGKV
NRKKLAGIVFESRENLKKLELLVHPL(MSE)KKRVQEIINKTSGLIVIEAALLKR(MSE)GLDQLCDHVITVVASRETIL
KRNREADRRLKFQEDIVPQGIVVANNSTLEDLEKKVEEV(MSE)KLVWEKRE
;
_entity_poly.pdbx_strand_id   A,B,C,D,E,F,G,H
#
# COMPACT_ATOMS: atom_id res chain seq x y z
N HIS A 10 -43.76 -8.80 8.90
CA HIS A 10 -43.17 -7.51 8.35
C HIS A 10 -43.99 -6.91 7.21
N HIS A 11 -45.07 -6.24 7.61
CA HIS A 11 -45.91 -5.47 6.70
C HIS A 11 -45.23 -4.14 6.46
N HIS A 12 -45.09 -3.75 5.19
CA HIS A 12 -44.41 -2.52 4.86
C HIS A 12 -44.86 -1.94 3.51
N VAL A 14 -42.97 0.13 0.23
CA VAL A 14 -41.69 0.49 -0.35
C VAL A 14 -41.89 1.51 -1.43
N ILE A 15 -41.23 2.67 -1.26
CA ILE A 15 -41.30 3.77 -2.21
C ILE A 15 -39.91 4.03 -2.70
N GLY A 16 -39.71 3.94 -4.00
CA GLY A 16 -38.42 4.24 -4.57
C GLY A 16 -38.33 5.71 -4.84
N VAL A 17 -37.16 6.28 -4.56
CA VAL A 17 -36.90 7.67 -4.86
C VAL A 17 -35.68 7.72 -5.74
N THR A 18 -35.86 8.09 -7.00
CA THR A 18 -34.78 8.10 -7.94
C THR A 18 -34.74 9.46 -8.60
N GLY A 19 -33.86 9.58 -9.59
CA GLY A 19 -33.59 10.84 -10.29
C GLY A 19 -32.10 11.07 -10.45
N LYS A 20 -31.74 11.93 -11.40
CA LYS A 20 -30.33 12.20 -11.67
C LYS A 20 -29.64 12.86 -10.46
N ILE A 21 -28.33 12.87 -10.48
CA ILE A 21 -27.52 13.52 -9.45
C ILE A 21 -27.91 15.00 -9.28
N GLY A 22 -27.99 15.43 -8.02
CA GLY A 22 -28.26 16.83 -7.70
C GLY A 22 -29.69 17.32 -7.83
N THR A 23 -30.60 16.42 -8.19
CA THR A 23 -31.99 16.78 -8.41
C THR A 23 -32.73 16.98 -7.11
N GLY A 24 -32.41 16.19 -6.10
CA GLY A 24 -33.06 16.36 -4.80
C GLY A 24 -33.50 15.12 -4.05
N LYS A 25 -33.00 13.97 -4.46
CA LYS A 25 -33.35 12.73 -3.81
C LYS A 25 -33.10 12.73 -2.29
N SER A 26 -31.89 13.11 -1.88
CA SER A 26 -31.56 13.15 -0.45
C SER A 26 -32.46 14.04 0.32
N THR A 27 -32.83 15.15 -0.31
CA THR A 27 -33.63 16.18 0.32
C THR A 27 -35.05 15.66 0.49
N VAL A 28 -35.61 15.08 -0.57
CA VAL A 28 -36.89 14.43 -0.47
C VAL A 28 -36.85 13.33 0.59
N CYS A 29 -35.84 12.48 0.55
CA CYS A 29 -35.75 11.38 1.53
C CYS A 29 -35.65 11.86 2.97
N GLU A 30 -34.91 12.94 3.21
CA GLU A 30 -34.86 13.53 4.52
C GLU A 30 -36.24 13.95 4.98
N ILE A 31 -37.02 14.54 4.08
CA ILE A 31 -38.37 14.95 4.45
C ILE A 31 -39.19 13.71 4.79
N LEU A 32 -39.17 12.69 3.93
CA LEU A 32 -39.93 11.45 4.22
C LEU A 32 -39.49 10.84 5.57
N LYS A 33 -38.20 10.88 5.85
CA LYS A 33 -37.72 10.33 7.11
C LYS A 33 -38.23 11.15 8.29
N ASN A 34 -38.08 12.46 8.20
CA ASN A 34 -38.38 13.34 9.33
C ASN A 34 -39.85 13.58 9.55
N LYS A 35 -40.63 13.72 8.48
CA LYS A 35 -42.04 14.03 8.62
C LYS A 35 -42.86 12.76 8.59
N TYR A 36 -42.50 11.79 7.77
CA TYR A 36 -43.39 10.64 7.59
C TYR A 36 -42.88 9.36 8.27
N GLY A 37 -41.71 9.42 8.90
CA GLY A 37 -41.17 8.23 9.56
C GLY A 37 -40.51 7.20 8.67
N ALA A 38 -40.16 7.55 7.46
CA ALA A 38 -39.61 6.57 6.55
C ALA A 38 -38.27 6.00 7.05
N HIS A 39 -38.06 4.72 6.81
CA HIS A 39 -36.75 4.09 6.94
C HIS A 39 -36.07 4.22 5.58
N VAL A 40 -35.01 5.04 5.53
CA VAL A 40 -34.37 5.35 4.27
C VAL A 40 -33.23 4.40 3.97
N VAL A 41 -33.32 3.65 2.88
CA VAL A 41 -32.26 2.78 2.44
C VAL A 41 -31.41 3.55 1.43
N ASN A 42 -30.27 4.05 1.91
CA ASN A 42 -29.33 4.80 1.08
C ASN A 42 -28.55 3.83 0.24
N VAL A 43 -28.89 3.73 -1.04
CA VAL A 43 -28.26 2.72 -1.86
C VAL A 43 -26.79 3.05 -2.15
N ASP A 44 -26.43 4.33 -2.14
CA ASP A 44 -25.04 4.73 -2.27
C ASP A 44 -24.18 4.17 -1.11
N ARG A 45 -24.62 4.39 0.13
CA ARG A 45 -23.89 3.89 1.32
C ARG A 45 -23.71 2.38 1.27
N ILE A 46 -24.76 1.66 0.91
CA ILE A 46 -24.68 0.21 0.75
C ILE A 46 -23.62 -0.17 -0.28
N GLY A 47 -23.53 0.59 -1.38
CA GLY A 47 -22.43 0.48 -2.34
C GLY A 47 -21.06 0.60 -1.69
N HIS A 48 -20.89 1.58 -0.81
CA HIS A 48 -19.62 1.80 -0.13
C HIS A 48 -19.20 0.61 0.72
N GLU A 49 -20.16 -0.02 1.38
CA GLU A 49 -19.93 -1.20 2.19
C GLU A 49 -19.59 -2.40 1.32
N VAL A 50 -20.25 -2.53 0.18
CA VAL A 50 -19.94 -3.59 -0.74
C VAL A 50 -18.53 -3.45 -1.30
N LEU A 51 -18.13 -2.23 -1.64
CA LEU A 51 -16.78 -2.05 -2.19
C LEU A 51 -15.72 -2.66 -1.30
N GLU A 52 -15.86 -2.46 0.00
CA GLU A 52 -14.90 -3.03 0.95
C GLU A 52 -14.87 -4.53 0.91
N GLU A 53 -16.02 -5.14 0.65
CA GLU A 53 -16.13 -6.60 0.61
C GLU A 53 -15.49 -7.21 -0.67
N VAL A 54 -15.27 -6.40 -1.72
CA VAL A 54 -14.73 -6.92 -2.98
C VAL A 54 -13.38 -6.29 -3.34
N LYS A 55 -12.62 -5.89 -2.32
CA LYS A 55 -11.28 -5.29 -2.51
C LYS A 55 -10.41 -6.07 -3.51
N GLU A 56 -10.29 -7.38 -3.34
CA GLU A 56 -9.38 -8.16 -4.19
C GLU A 56 -9.84 -8.17 -5.63
N LYS A 57 -11.14 -8.30 -5.88
CA LYS A 57 -11.64 -8.27 -7.26
C LYS A 57 -11.48 -6.90 -7.92
N LEU A 58 -11.65 -5.82 -7.16
CA LEU A 58 -11.39 -4.47 -7.68
C LEU A 58 -9.97 -4.32 -8.12
N VAL A 59 -9.04 -4.78 -7.28
CA VAL A 59 -7.62 -4.67 -7.60
C VAL A 59 -7.34 -5.47 -8.87
N GLU A 60 -7.90 -6.67 -8.95
CA GLU A 60 -7.83 -7.49 -10.16
C GLU A 60 -8.37 -6.77 -11.43
N LEU A 61 -9.46 -6.01 -11.28
CA LEU A 61 -10.03 -5.26 -12.39
C LEU A 61 -9.27 -3.98 -12.74
N PHE A 62 -8.93 -3.15 -11.74
CA PHE A 62 -8.46 -1.77 -12.00
C PHE A 62 -7.05 -1.47 -11.55
N GLY A 63 -6.34 -2.45 -10.99
CA GLY A 63 -4.98 -2.25 -10.47
C GLY A 63 -4.93 -1.77 -9.02
N GLY A 64 -3.73 -1.65 -8.49
CA GLY A 64 -3.52 -1.20 -7.12
C GLY A 64 -3.86 0.25 -6.86
N SER A 65 -3.90 1.06 -7.93
CA SER A 65 -4.20 2.49 -7.82
C SER A 65 -5.59 2.85 -7.25
N VAL A 66 -6.58 2.04 -7.61
CA VAL A 66 -7.87 2.19 -6.92
C VAL A 66 -7.69 2.22 -5.40
N LEU A 67 -6.47 2.01 -4.91
CA LEU A 67 -6.18 2.07 -3.48
C LEU A 67 -5.30 3.26 -3.10
N GLU A 68 -5.26 3.56 -1.80
CA GLU A 68 -4.49 4.68 -1.26
C GLU A 68 -3.29 4.13 -0.50
N ASP A 69 -3.56 3.33 0.53
CA ASP A 69 -2.52 2.42 1.08
C ASP A 69 -2.93 1.00 0.71
N GLY A 70 -3.39 0.21 1.67
CA GLY A 70 -3.92 -1.12 1.35
C GLY A 70 -5.39 -1.02 1.10
N LYS A 71 -5.88 0.21 0.83
CA LYS A 71 -7.29 0.60 1.07
C LYS A 71 -8.05 1.10 -0.17
N VAL A 72 -9.24 0.56 -0.37
CA VAL A 72 -10.18 1.09 -1.36
C VAL A 72 -10.41 2.57 -1.10
N ASN A 73 -10.18 3.37 -2.13
CA ASN A 73 -10.34 4.82 -2.16
C ASN A 73 -11.29 5.25 -3.27
N ARG A 74 -12.44 5.74 -2.87
CA ARG A 74 -13.48 6.06 -3.85
C ARG A 74 -13.13 7.19 -4.81
N LYS A 75 -12.33 8.17 -4.38
CA LYS A 75 -11.93 9.28 -5.24
C LYS A 75 -11.08 8.71 -6.41
N LYS A 76 -10.08 7.88 -6.09
CA LYS A 76 -9.25 7.28 -7.12
C LYS A 76 -10.04 6.34 -8.03
N LEU A 77 -11.00 5.63 -7.47
CA LEU A 77 -11.80 4.70 -8.24
C LEU A 77 -12.75 5.44 -9.20
N ALA A 78 -13.39 6.47 -8.68
CA ALA A 78 -14.20 7.38 -9.49
C ALA A 78 -13.42 8.02 -10.64
N GLY A 79 -12.15 8.38 -10.37
CA GLY A 79 -11.27 8.88 -11.41
C GLY A 79 -11.15 7.92 -12.59
N ILE A 80 -11.15 6.63 -12.28
CA ILE A 80 -11.04 5.60 -13.28
C ILE A 80 -12.34 5.33 -13.96
N VAL A 81 -13.37 5.02 -13.19
CA VAL A 81 -14.62 4.52 -13.76
C VAL A 81 -15.43 5.60 -14.47
N PHE A 82 -15.31 6.84 -14.04
CA PHE A 82 -16.06 7.90 -14.72
C PHE A 82 -15.33 8.50 -15.89
N GLU A 83 -14.26 7.87 -16.36
CA GLU A 83 -13.62 8.30 -17.62
C GLU A 83 -14.03 7.40 -18.79
N SER A 84 -14.70 6.29 -18.48
CA SER A 84 -15.05 5.28 -19.46
C SER A 84 -16.34 4.53 -19.09
N ARG A 85 -17.21 4.33 -20.07
CA ARG A 85 -18.40 3.48 -19.87
C ARG A 85 -18.01 2.01 -19.69
N GLU A 86 -16.98 1.58 -20.42
CA GLU A 86 -16.46 0.22 -20.31
C GLU A 86 -16.05 -0.05 -18.84
N ASN A 87 -15.30 0.88 -18.24
CA ASN A 87 -14.83 0.70 -16.86
C ASN A 87 -15.98 0.70 -15.86
N LEU A 88 -16.90 1.64 -16.06
CA LEU A 88 -18.02 1.74 -15.15
C LEU A 88 -18.85 0.45 -15.23
N LYS A 89 -19.04 -0.11 -16.43
CA LYS A 89 -19.80 -1.36 -16.54
C LYS A 89 -19.12 -2.45 -15.75
N LYS A 90 -17.80 -2.55 -15.82
CA LYS A 90 -17.06 -3.57 -15.09
C LYS A 90 -17.31 -3.51 -13.60
N LEU A 91 -17.32 -2.29 -13.05
CA LEU A 91 -17.60 -2.11 -11.63
C LEU A 91 -19.06 -2.46 -11.28
N GLU A 92 -20.00 -1.99 -12.09
CA GLU A 92 -21.41 -2.27 -11.89
C GLU A 92 -21.68 -3.78 -11.87
N LEU A 93 -21.09 -4.51 -12.82
CA LEU A 93 -21.25 -5.98 -12.86
C LEU A 93 -20.73 -6.66 -11.61
N LEU A 94 -19.72 -6.08 -11.00
CA LEU A 94 -19.17 -6.61 -9.76
C LEU A 94 -20.03 -6.28 -8.53
N VAL A 95 -20.50 -5.03 -8.39
CA VAL A 95 -21.12 -4.57 -7.11
C VAL A 95 -22.66 -4.53 -7.09
N HIS A 96 -23.31 -4.34 -8.23
CA HIS A 96 -24.76 -4.26 -8.24
C HIS A 96 -25.51 -5.49 -7.71
N PRO A 97 -25.08 -6.68 -8.09
CA PRO A 97 -25.78 -7.86 -7.57
C PRO A 97 -25.75 -7.98 -6.05
N LEU A 98 -24.58 -7.70 -5.48
CA LEU A 98 -24.44 -7.72 -4.03
C LEU A 98 -25.22 -6.60 -3.35
N LYS A 100 -28.03 -5.21 -4.50
CA LYS A 100 -29.43 -5.65 -4.62
C LYS A 100 -29.79 -6.63 -3.51
N LYS A 101 -28.97 -7.65 -3.34
CA LYS A 101 -29.19 -8.65 -2.30
C LYS A 101 -29.34 -7.98 -0.92
N ARG A 102 -28.52 -6.97 -0.71
CA ARG A 102 -28.47 -6.27 0.56
C ARG A 102 -29.72 -5.40 0.74
N VAL A 103 -30.17 -4.73 -0.31
CA VAL A 103 -31.42 -3.99 -0.25
C VAL A 103 -32.59 -4.93 0.11
N GLN A 104 -32.74 -6.01 -0.64
CA GLN A 104 -33.84 -6.95 -0.42
C GLN A 104 -33.88 -7.45 1.03
N GLU A 105 -32.71 -7.74 1.56
CA GLU A 105 -32.54 -8.18 2.94
C GLU A 105 -33.06 -7.12 3.95
N ILE A 106 -32.77 -5.84 3.72
CA ILE A 106 -33.30 -4.79 4.59
C ILE A 106 -34.82 -4.71 4.51
N ILE A 107 -35.33 -4.73 3.29
CA ILE A 107 -36.77 -4.72 3.06
C ILE A 107 -37.44 -5.85 3.85
N ASN A 108 -36.90 -7.05 3.75
CA ASN A 108 -37.48 -8.19 4.43
C ASN A 108 -37.51 -8.07 5.93
N LYS A 109 -36.54 -7.36 6.48
CA LYS A 109 -36.38 -7.24 7.93
C LYS A 109 -37.03 -5.99 8.52
N THR A 110 -37.71 -5.21 7.68
CA THR A 110 -38.15 -3.87 8.06
C THR A 110 -39.65 -3.67 7.81
N SER A 111 -40.33 -3.10 8.81
CA SER A 111 -41.76 -2.78 8.75
C SER A 111 -42.00 -1.29 8.51
N GLY A 112 -43.22 -0.93 8.10
CA GLY A 112 -43.64 0.46 7.96
C GLY A 112 -43.25 1.02 6.61
N LEU A 113 -42.99 2.32 6.56
CA LEU A 113 -42.64 3.01 5.30
C LEU A 113 -41.14 2.91 5.01
N ILE A 114 -40.81 2.31 3.87
CA ILE A 114 -39.42 2.11 3.49
C ILE A 114 -39.19 2.87 2.22
N VAL A 115 -38.13 3.67 2.18
CA VAL A 115 -37.78 4.50 1.02
C VAL A 115 -36.44 4.04 0.48
N ILE A 116 -36.39 3.67 -0.79
CA ILE A 116 -35.17 3.22 -1.42
C ILE A 116 -34.63 4.37 -2.23
N GLU A 117 -33.58 4.99 -1.72
CA GLU A 117 -33.03 6.17 -2.37
C GLU A 117 -31.94 5.66 -3.28
N ALA A 118 -32.12 5.84 -4.58
CA ALA A 118 -31.11 5.43 -5.53
C ALA A 118 -31.30 6.07 -6.92
N ALA A 119 -30.29 6.83 -7.33
CA ALA A 119 -30.23 7.35 -8.69
C ALA A 119 -30.46 6.21 -9.69
N LEU A 120 -29.88 5.04 -9.41
CA LEU A 120 -29.91 3.93 -10.37
C LEU A 120 -31.03 2.92 -10.10
N LEU A 121 -32.15 3.41 -9.59
CA LEU A 121 -33.24 2.56 -9.21
C LEU A 121 -33.62 1.63 -10.35
N LYS A 122 -33.81 2.17 -11.55
CA LYS A 122 -34.18 1.36 -12.69
C LYS A 122 -33.02 0.50 -13.20
N ARG A 123 -31.83 1.06 -13.33
CA ARG A 123 -30.73 0.30 -13.90
C ARG A 123 -30.45 -0.96 -13.09
N GLY A 125 -32.70 -2.66 -11.32
CA GLY A 125 -33.92 -3.44 -11.16
C GLY A 125 -34.58 -3.33 -9.77
N LEU A 126 -34.16 -2.32 -9.00
CA LEU A 126 -34.75 -2.07 -7.69
C LEU A 126 -36.17 -1.53 -7.79
N ASP A 127 -36.47 -0.87 -8.90
CA ASP A 127 -37.83 -0.35 -9.08
C ASP A 127 -38.89 -1.44 -8.94
N GLN A 128 -38.53 -2.67 -9.31
CA GLN A 128 -39.46 -3.78 -9.19
C GLN A 128 -39.73 -4.20 -7.74
N LEU A 129 -38.88 -3.79 -6.79
CA LEU A 129 -39.16 -3.99 -5.35
C LEU A 129 -40.15 -2.99 -4.81
N CYS A 130 -40.48 -1.97 -5.61
CA CYS A 130 -41.20 -0.80 -5.10
C CYS A 130 -42.69 -0.84 -5.34
N ASP A 131 -43.47 -0.40 -4.38
CA ASP A 131 -44.91 -0.23 -4.56
C ASP A 131 -45.21 1.07 -5.34
N HIS A 132 -44.45 2.12 -5.10
CA HIS A 132 -44.52 3.36 -5.87
C HIS A 132 -43.13 3.88 -6.09
N VAL A 133 -42.98 4.67 -7.14
CA VAL A 133 -41.71 5.29 -7.47
C VAL A 133 -41.94 6.78 -7.63
N ILE A 134 -41.10 7.57 -6.97
CA ILE A 134 -41.02 9.00 -7.19
C ILE A 134 -39.73 9.27 -7.98
N THR A 135 -39.83 10.00 -9.08
CA THR A 135 -38.62 10.52 -9.73
C THR A 135 -38.51 12.00 -9.45
N VAL A 136 -37.38 12.43 -8.89
CA VAL A 136 -37.14 13.83 -8.73
C VAL A 136 -36.45 14.34 -9.99
N VAL A 137 -36.94 15.46 -10.52
CA VAL A 137 -36.28 16.06 -11.70
C VAL A 137 -35.94 17.50 -11.45
N ALA A 138 -34.94 17.97 -12.19
CA ALA A 138 -34.48 19.34 -12.10
C ALA A 138 -33.67 19.64 -13.35
N SER A 139 -33.68 20.90 -13.78
CA SER A 139 -32.94 21.36 -14.94
C SER A 139 -31.41 21.17 -14.76
N ARG A 140 -30.73 21.02 -15.89
CA ARG A 140 -29.30 20.87 -15.89
C ARG A 140 -28.65 22.03 -15.18
N GLU A 141 -29.09 23.25 -15.46
CA GLU A 141 -28.43 24.43 -14.86
C GLU A 141 -28.58 24.33 -13.36
N THR A 142 -29.78 23.95 -12.90
CA THR A 142 -30.05 23.81 -11.47
C THR A 142 -29.11 22.75 -10.86
N ILE A 143 -29.00 21.62 -11.52
CA ILE A 143 -28.14 20.56 -11.02
C ILE A 143 -26.71 21.03 -10.90
N LEU A 144 -26.22 21.69 -11.95
CA LEU A 144 -24.83 22.17 -11.93
C LEU A 144 -24.53 23.22 -10.84
N LYS A 145 -25.47 24.10 -10.53
CA LYS A 145 -25.25 25.06 -9.41
C LYS A 145 -25.13 24.31 -8.09
N ARG A 146 -25.80 23.17 -7.97
CA ARG A 146 -25.87 22.46 -6.68
C ARG A 146 -24.79 21.42 -6.39
N ASN A 147 -24.35 20.66 -7.39
CA ASN A 147 -23.41 19.52 -7.19
C ASN A 147 -22.22 19.62 -8.14
N ARG A 148 -21.02 19.44 -7.62
CA ARG A 148 -19.80 19.72 -8.43
C ARG A 148 -19.32 18.50 -9.23
N GLU A 149 -19.74 17.30 -8.81
CA GLU A 149 -19.50 16.07 -9.59
C GLU A 149 -20.44 15.91 -10.79
N ALA A 150 -21.50 16.73 -10.85
CA ALA A 150 -22.57 16.50 -11.82
C ALA A 150 -22.08 16.62 -13.26
N ASP A 151 -21.29 17.64 -13.57
CA ASP A 151 -20.81 17.79 -14.95
C ASP A 151 -20.27 16.45 -15.46
N ARG A 152 -19.45 15.80 -14.63
CA ARG A 152 -18.79 14.54 -15.01
C ARG A 152 -19.74 13.35 -14.98
N ARG A 153 -20.63 13.28 -14.00
CA ARG A 153 -21.43 12.07 -13.80
C ARG A 153 -22.70 12.02 -14.59
N LEU A 154 -23.23 13.19 -14.95
CA LEU A 154 -24.46 13.25 -15.76
C LEU A 154 -24.31 12.47 -17.06
N LYS A 155 -23.12 12.54 -17.65
CA LYS A 155 -22.87 11.85 -18.90
C LYS A 155 -23.18 10.34 -18.78
N PHE A 156 -23.11 9.80 -17.55
CA PHE A 156 -23.39 8.36 -17.29
C PHE A 156 -24.76 8.17 -16.66
N GLN A 157 -25.67 9.14 -16.81
CA GLN A 157 -27.06 9.03 -16.27
C GLN A 157 -28.15 9.27 -17.31
N GLU A 158 -27.80 9.25 -18.60
CA GLU A 158 -28.80 9.47 -19.67
C GLU A 158 -29.99 8.45 -19.65
N ASP A 159 -29.78 7.26 -19.10
CA ASP A 159 -30.86 6.28 -18.98
C ASP A 159 -31.75 6.48 -17.73
N ILE A 160 -31.47 7.49 -16.91
CA ILE A 160 -32.26 7.74 -15.73
C ILE A 160 -33.37 8.66 -16.13
N VAL A 161 -34.48 8.09 -16.60
CA VAL A 161 -35.57 8.89 -17.15
C VAL A 161 -36.73 8.90 -16.15
N PRO A 162 -37.60 9.91 -16.24
CA PRO A 162 -38.71 9.98 -15.28
C PRO A 162 -39.62 8.76 -15.28
N GLN A 163 -39.89 8.20 -14.10
CA GLN A 163 -40.86 7.12 -13.95
C GLN A 163 -41.65 7.34 -12.70
N GLY A 164 -42.86 6.78 -12.69
CA GLY A 164 -43.75 6.89 -11.55
C GLY A 164 -44.29 8.30 -11.39
N ILE A 165 -44.14 8.86 -10.20
CA ILE A 165 -44.64 10.18 -9.92
C ILE A 165 -43.46 11.15 -9.98
N VAL A 166 -43.57 12.12 -10.89
CA VAL A 166 -42.52 13.08 -11.14
C VAL A 166 -42.72 14.26 -10.25
N VAL A 167 -41.70 14.57 -9.45
CA VAL A 167 -41.68 15.71 -8.55
C VAL A 167 -40.55 16.66 -8.99
N ALA A 168 -40.93 17.75 -9.63
CA ALA A 168 -39.99 18.76 -10.10
C ALA A 168 -39.45 19.59 -8.92
N ASN A 169 -38.13 19.72 -8.84
CA ASN A 169 -37.45 20.42 -7.76
C ASN A 169 -36.63 21.52 -8.35
N ASN A 170 -37.28 22.52 -8.94
CA ASN A 170 -36.57 23.67 -9.55
C ASN A 170 -36.88 25.01 -8.85
N SER A 171 -37.47 24.99 -7.67
CA SER A 171 -37.68 26.24 -6.96
C SER A 171 -37.24 26.05 -5.52
N THR A 172 -38.06 26.38 -4.54
CA THR A 172 -37.64 26.40 -3.15
C THR A 172 -37.85 25.05 -2.46
N LEU A 173 -37.24 24.92 -1.28
CA LEU A 173 -37.43 23.79 -0.40
C LEU A 173 -38.86 23.72 0.12
N GLU A 174 -39.46 24.85 0.48
CA GLU A 174 -40.85 24.86 0.92
C GLU A 174 -41.75 24.30 -0.19
N ASP A 175 -41.48 24.67 -1.44
CA ASP A 175 -42.25 24.17 -2.57
C ASP A 175 -42.06 22.68 -2.75
N LEU A 176 -40.85 22.22 -2.56
CA LEU A 176 -40.59 20.79 -2.57
C LEU A 176 -41.34 20.08 -1.44
N GLU A 177 -41.32 20.66 -0.25
CA GLU A 177 -42.07 20.10 0.88
C GLU A 177 -43.58 20.00 0.61
N LYS A 178 -44.15 21.00 -0.05
CA LYS A 178 -45.57 20.93 -0.43
C LYS A 178 -45.80 19.75 -1.38
N LYS A 179 -44.93 19.61 -2.38
CA LYS A 179 -45.12 18.56 -3.38
C LYS A 179 -44.99 17.19 -2.76
N VAL A 180 -44.06 17.03 -1.83
CA VAL A 180 -43.83 15.73 -1.22
C VAL A 180 -45.04 15.37 -0.40
N GLU A 181 -45.61 16.36 0.27
CA GLU A 181 -46.83 16.18 1.05
C GLU A 181 -48.00 15.76 0.13
N GLU A 182 -48.14 16.37 -1.03
CA GLU A 182 -49.21 15.96 -1.97
C GLU A 182 -49.06 14.56 -2.50
N VAL A 183 -47.84 14.14 -2.73
CA VAL A 183 -47.57 12.80 -3.15
C VAL A 183 -47.91 11.82 -2.03
N LYS A 185 -50.04 12.25 0.36
CA LYS A 185 -51.50 12.21 0.44
C LYS A 185 -52.05 11.17 -0.56
N LEU A 186 -51.41 11.03 -1.71
CA LEU A 186 -51.90 10.09 -2.68
C LEU A 186 -51.61 8.63 -2.30
N VAL A 187 -50.43 8.36 -1.78
CA VAL A 187 -49.95 6.99 -1.72
C VAL A 187 -49.86 6.43 -0.32
N TRP A 188 -49.92 7.28 0.73
CA TRP A 188 -49.64 6.87 2.12
C TRP A 188 -50.85 6.95 3.08
N HIS B 10 -1.80 11.88 5.45
CA HIS B 10 -3.19 12.38 5.24
C HIS B 10 -3.34 13.79 5.83
N HIS B 11 -3.10 14.79 4.97
CA HIS B 11 -3.35 16.20 5.27
C HIS B 11 -4.85 16.45 5.07
N HIS B 12 -5.49 17.06 6.07
CA HIS B 12 -6.93 17.29 6.02
C HIS B 12 -7.35 18.43 6.91
N VAL B 14 -10.71 19.25 9.51
CA VAL B 14 -11.86 18.63 10.12
C VAL B 14 -12.79 19.70 10.66
N ILE B 15 -14.04 19.69 10.20
CA ILE B 15 -15.06 20.65 10.63
C ILE B 15 -16.18 19.88 11.31
N GLY B 16 -16.44 20.19 12.57
CA GLY B 16 -17.59 19.57 13.25
C GLY B 16 -18.85 20.33 12.91
N VAL B 17 -19.94 19.62 12.66
CA VAL B 17 -21.23 20.27 12.45
C VAL B 17 -22.17 19.72 13.49
N THR B 18 -22.53 20.54 14.46
CA THR B 18 -23.37 20.10 15.54
C THR B 18 -24.63 20.95 15.62
N GLY B 19 -25.42 20.71 16.66
CA GLY B 19 -26.68 21.40 16.84
C GLY B 19 -27.78 20.44 17.19
N LYS B 20 -28.83 20.97 17.79
CA LYS B 20 -29.94 20.13 18.21
C LYS B 20 -30.61 19.44 17.03
N ILE B 21 -31.36 18.40 17.33
CA ILE B 21 -32.19 17.70 16.36
C ILE B 21 -33.13 18.65 15.53
N GLY B 22 -33.16 18.46 14.23
CA GLY B 22 -34.05 19.22 13.38
C GLY B 22 -33.57 20.61 12.97
N THR B 23 -32.40 21.03 13.44
CA THR B 23 -31.94 22.38 13.18
C THR B 23 -31.35 22.52 11.78
N GLY B 24 -30.80 21.43 11.23
CA GLY B 24 -30.30 21.45 9.86
C GLY B 24 -28.88 20.98 9.59
N LYS B 25 -28.33 20.15 10.47
CA LYS B 25 -26.98 19.55 10.30
C LYS B 25 -26.87 18.73 9.02
N SER B 26 -27.83 17.83 8.79
CA SER B 26 -27.81 17.03 7.55
C SER B 26 -27.79 17.94 6.32
N THR B 27 -28.59 18.98 6.40
CA THR B 27 -28.80 19.88 5.28
C THR B 27 -27.51 20.65 5.01
N VAL B 28 -26.92 21.19 6.07
CA VAL B 28 -25.59 21.80 5.97
C VAL B 28 -24.59 20.81 5.44
N CYS B 29 -24.54 19.64 6.02
CA CYS B 29 -23.57 18.66 5.60
C CYS B 29 -23.72 18.26 4.12
N GLU B 30 -24.94 18.12 3.61
CA GLU B 30 -25.14 17.84 2.17
C GLU B 30 -24.57 18.96 1.31
N ILE B 31 -24.74 20.19 1.76
CA ILE B 31 -24.21 21.30 1.01
C ILE B 31 -22.70 21.14 0.96
N LEU B 32 -22.10 21.00 2.15
CA LEU B 32 -20.65 20.85 2.27
C LEU B 32 -20.13 19.72 1.35
N LYS B 33 -20.84 18.61 1.33
CA LYS B 33 -20.46 17.46 0.50
C LYS B 33 -20.57 17.77 -0.98
N ASN B 34 -21.70 18.35 -1.37
CA ASN B 34 -21.99 18.55 -2.77
C ASN B 34 -21.30 19.76 -3.36
N LYS B 35 -21.19 20.84 -2.62
CA LYS B 35 -20.59 22.07 -3.16
C LYS B 35 -19.09 22.14 -2.82
N TYR B 36 -18.67 21.68 -1.64
CA TYR B 36 -17.26 21.84 -1.21
C TYR B 36 -16.45 20.55 -1.20
N GLY B 37 -17.07 19.43 -1.52
CA GLY B 37 -16.34 18.16 -1.58
C GLY B 37 -16.04 17.54 -0.26
N ALA B 38 -16.81 17.87 0.76
CA ALA B 38 -16.55 17.29 2.06
C ALA B 38 -16.77 15.78 2.09
N HIS B 39 -15.93 15.08 2.86
CA HIS B 39 -16.19 13.73 3.26
C HIS B 39 -16.97 13.83 4.58
N VAL B 40 -18.24 13.45 4.56
CA VAL B 40 -19.14 13.57 5.70
C VAL B 40 -19.10 12.29 6.52
N VAL B 41 -18.72 12.40 7.78
CA VAL B 41 -18.77 11.31 8.72
C VAL B 41 -20.07 11.47 9.52
N ASN B 42 -21.04 10.65 9.16
CA ASN B 42 -22.33 10.60 9.81
C ASN B 42 -22.24 9.80 11.11
N VAL B 43 -22.15 10.51 12.23
CA VAL B 43 -21.92 9.82 13.51
C VAL B 43 -23.13 8.99 13.96
N ASP B 44 -24.32 9.38 13.56
CA ASP B 44 -25.50 8.53 13.82
C ASP B 44 -25.37 7.16 13.19
N ARG B 45 -25.02 7.13 11.90
CA ARG B 45 -24.84 5.84 11.17
C ARG B 45 -23.72 4.98 11.84
N ILE B 46 -22.63 5.63 12.25
CA ILE B 46 -21.57 4.93 12.95
C ILE B 46 -22.12 4.32 14.21
N GLY B 47 -23.03 5.05 14.89
CA GLY B 47 -23.76 4.53 16.05
C GLY B 47 -24.54 3.27 15.73
N HIS B 48 -25.19 3.25 14.59
CA HIS B 48 -25.99 2.07 14.21
C HIS B 48 -25.12 0.84 13.96
N GLU B 49 -23.92 1.04 13.44
CA GLU B 49 -22.98 -0.05 13.21
C GLU B 49 -22.45 -0.55 14.54
N VAL B 50 -22.11 0.37 15.44
CA VAL B 50 -21.65 -0.01 16.77
C VAL B 50 -22.68 -0.78 17.60
N LEU B 51 -23.95 -0.43 17.47
CA LEU B 51 -25.02 -1.16 18.13
C LEU B 51 -24.98 -2.65 17.82
N GLU B 52 -24.79 -2.98 16.55
CA GLU B 52 -24.75 -4.37 16.10
C GLU B 52 -23.56 -5.12 16.71
N GLU B 53 -22.47 -4.40 16.95
CA GLU B 53 -21.29 -4.98 17.60
C GLU B 53 -21.48 -5.32 19.07
N VAL B 54 -22.41 -4.68 19.75
CA VAL B 54 -22.58 -4.87 21.20
C VAL B 54 -23.94 -5.47 21.53
N LYS B 55 -24.50 -6.22 20.59
CA LYS B 55 -25.78 -6.87 20.82
C LYS B 55 -25.89 -7.50 22.21
N GLU B 56 -24.90 -8.33 22.60
CA GLU B 56 -25.01 -9.11 23.86
C GLU B 56 -25.02 -8.16 25.04
N LYS B 57 -24.19 -7.13 25.05
CA LYS B 57 -24.17 -6.19 26.15
C LYS B 57 -25.45 -5.33 26.27
N LEU B 58 -26.03 -4.95 25.13
CA LEU B 58 -27.34 -4.29 25.12
C LEU B 58 -28.40 -5.18 25.74
N VAL B 59 -28.42 -6.47 25.39
CA VAL B 59 -29.40 -7.38 25.96
C VAL B 59 -29.21 -7.44 27.47
N GLU B 60 -27.95 -7.55 27.89
CA GLU B 60 -27.58 -7.60 29.31
C GLU B 60 -28.03 -6.34 30.05
N LEU B 61 -28.02 -5.20 29.37
CA LEU B 61 -28.48 -3.93 29.97
C LEU B 61 -30.00 -3.73 29.95
N PHE B 62 -30.63 -3.98 28.80
CA PHE B 62 -32.01 -3.56 28.55
C PHE B 62 -33.03 -4.68 28.27
N GLY B 63 -32.59 -5.95 28.34
CA GLY B 63 -33.46 -7.09 28.10
C GLY B 63 -33.59 -7.49 26.65
N GLY B 64 -34.26 -8.61 26.41
CA GLY B 64 -34.49 -9.13 25.06
C GLY B 64 -35.35 -8.27 24.15
N SER B 65 -36.16 -7.38 24.72
CA SER B 65 -37.06 -6.52 23.94
C SER B 65 -36.37 -5.70 22.83
N VAL B 66 -35.05 -5.50 22.89
CA VAL B 66 -34.34 -4.67 21.90
C VAL B 66 -33.75 -5.44 20.72
N LEU B 67 -34.19 -6.69 20.52
CA LEU B 67 -33.74 -7.50 19.39
C LEU B 67 -34.92 -8.11 18.64
N GLU B 68 -34.84 -8.11 17.32
CA GLU B 68 -35.94 -8.59 16.48
C GLU B 68 -35.28 -9.24 15.29
N ASP B 69 -35.38 -10.57 15.24
CA ASP B 69 -34.48 -11.44 14.49
C ASP B 69 -32.98 -11.16 14.77
N GLY B 70 -32.26 -10.99 13.67
CA GLY B 70 -30.86 -10.60 13.72
C GLY B 70 -30.64 -9.29 14.44
N LYS B 71 -31.22 -8.22 13.92
CA LYS B 71 -30.80 -6.85 14.28
C LYS B 71 -31.16 -6.36 15.70
N VAL B 72 -30.42 -5.36 16.14
CA VAL B 72 -30.88 -4.46 17.18
C VAL B 72 -32.06 -3.70 16.59
N ASN B 73 -33.11 -3.56 17.37
CA ASN B 73 -34.27 -2.84 16.94
C ASN B 73 -34.22 -1.44 17.52
N ARG B 74 -33.88 -0.45 16.69
CA ARG B 74 -33.68 0.89 17.23
C ARG B 74 -34.95 1.56 17.72
N LYS B 75 -36.10 1.22 17.14
CA LYS B 75 -37.38 1.81 17.61
C LYS B 75 -37.63 1.36 19.04
N LYS B 76 -37.51 0.07 19.31
CA LYS B 76 -37.75 -0.47 20.66
C LYS B 76 -36.73 0.09 21.65
N LEU B 77 -35.49 0.24 21.19
CA LEU B 77 -34.42 0.68 22.07
C LEU B 77 -34.64 2.13 22.45
N ALA B 78 -34.95 2.95 21.42
CA ALA B 78 -35.34 4.34 21.62
C ALA B 78 -36.49 4.44 22.62
N GLY B 79 -37.46 3.54 22.48
CA GLY B 79 -38.59 3.48 23.40
C GLY B 79 -38.19 3.40 24.85
N ILE B 80 -37.09 2.67 25.09
CA ILE B 80 -36.56 2.49 26.46
C ILE B 80 -35.68 3.65 26.88
N VAL B 81 -34.68 3.97 26.06
CA VAL B 81 -33.65 4.96 26.48
C VAL B 81 -34.16 6.39 26.54
N PHE B 82 -35.13 6.75 25.70
CA PHE B 82 -35.67 8.11 25.73
C PHE B 82 -36.85 8.30 26.65
N GLU B 83 -37.00 7.38 27.60
CA GLU B 83 -37.95 7.56 28.69
C GLU B 83 -37.23 7.86 30.00
N SER B 84 -35.89 7.72 30.00
CA SER B 84 -35.09 7.85 31.21
C SER B 84 -33.66 8.33 30.92
N ARG B 85 -33.18 9.34 31.66
CA ARG B 85 -31.77 9.79 31.53
C ARG B 85 -30.81 8.71 32.02
N GLU B 86 -31.23 7.99 33.05
CA GLU B 86 -30.47 6.88 33.59
C GLU B 86 -30.20 5.87 32.49
N ASN B 87 -31.23 5.46 31.78
CA ASN B 87 -31.07 4.46 30.72
C ASN B 87 -30.25 5.01 29.55
N LEU B 88 -30.48 6.27 29.20
CA LEU B 88 -29.73 6.85 28.10
C LEU B 88 -28.25 6.89 28.42
N LYS B 89 -27.92 7.23 29.67
CA LYS B 89 -26.53 7.26 30.13
C LYS B 89 -25.89 5.87 30.00
N LYS B 90 -26.63 4.81 30.35
CA LYS B 90 -26.10 3.43 30.24
C LYS B 90 -25.74 3.09 28.80
N LEU B 91 -26.58 3.48 27.87
CA LEU B 91 -26.28 3.24 26.45
C LEU B 91 -25.07 4.03 25.99
N GLU B 92 -25.05 5.32 26.34
CA GLU B 92 -23.94 6.18 25.95
C GLU B 92 -22.58 5.71 26.50
N LEU B 93 -22.55 5.23 27.74
CA LEU B 93 -21.31 4.66 28.27
C LEU B 93 -20.85 3.44 27.47
N LEU B 94 -21.79 2.67 26.95
CA LEU B 94 -21.47 1.48 26.18
C LEU B 94 -20.98 1.82 24.79
N VAL B 95 -21.66 2.73 24.08
CA VAL B 95 -21.36 2.94 22.64
C VAL B 95 -20.49 4.12 22.25
N HIS B 96 -20.52 5.20 23.02
CA HIS B 96 -19.77 6.41 22.65
C HIS B 96 -18.24 6.20 22.54
N PRO B 97 -17.60 5.52 23.49
CA PRO B 97 -16.18 5.22 23.26
C PRO B 97 -15.87 4.53 21.92
N LEU B 98 -16.63 3.49 21.58
CA LEU B 98 -16.43 2.79 20.32
C LEU B 98 -16.67 3.69 19.11
N LYS B 100 -16.35 6.97 19.00
CA LYS B 100 -15.25 7.93 18.93
C LYS B 100 -14.01 7.29 18.30
N LYS B 101 -13.66 6.08 18.71
CA LYS B 101 -12.52 5.35 18.11
C LYS B 101 -12.73 5.24 16.59
N ARG B 102 -13.95 4.95 16.20
CA ARG B 102 -14.29 4.75 14.80
C ARG B 102 -14.16 6.09 14.02
N VAL B 103 -14.63 7.17 14.61
CA VAL B 103 -14.47 8.48 13.99
C VAL B 103 -12.97 8.82 13.81
N GLN B 104 -12.20 8.68 14.88
CA GLN B 104 -10.76 8.92 14.83
C GLN B 104 -10.10 8.14 13.73
N GLU B 105 -10.47 6.88 13.58
CA GLU B 105 -9.92 6.00 12.55
C GLU B 105 -10.20 6.51 11.13
N ILE B 106 -11.41 7.00 10.89
CA ILE B 106 -11.79 7.57 9.59
C ILE B 106 -11.02 8.86 9.33
N ILE B 107 -10.96 9.76 10.31
CA ILE B 107 -10.13 10.93 10.20
C ILE B 107 -8.68 10.59 9.82
N ASN B 108 -8.05 9.63 10.47
CA ASN B 108 -6.64 9.28 10.13
C ASN B 108 -6.42 8.80 8.71
N LYS B 109 -7.44 8.18 8.14
CA LYS B 109 -7.34 7.51 6.85
C LYS B 109 -7.86 8.36 5.68
N THR B 110 -8.24 9.61 5.96
CA THR B 110 -8.94 10.46 5.00
C THR B 110 -8.25 11.80 4.82
N SER B 111 -8.13 12.22 3.57
CA SER B 111 -7.56 13.52 3.23
C SER B 111 -8.63 14.54 2.88
N GLY B 112 -8.23 15.81 2.84
CA GLY B 112 -9.08 16.86 2.35
C GLY B 112 -10.07 17.29 3.42
N LEU B 113 -11.23 17.78 2.99
CA LEU B 113 -12.18 18.36 3.90
C LEU B 113 -13.07 17.29 4.52
N ILE B 114 -13.05 17.20 5.84
CA ILE B 114 -13.79 16.19 6.53
C ILE B 114 -14.79 16.89 7.40
N VAL B 115 -16.02 16.42 7.37
CA VAL B 115 -17.05 17.02 8.18
C VAL B 115 -17.54 15.94 9.10
N ILE B 116 -17.57 16.25 10.40
CA ILE B 116 -18.11 15.33 11.41
C ILE B 116 -19.50 15.80 11.81
N GLU B 117 -20.49 15.08 11.35
CA GLU B 117 -21.88 15.45 11.58
C GLU B 117 -22.33 14.78 12.82
N ALA B 118 -22.62 15.54 13.87
CA ALA B 118 -23.06 14.93 15.14
C ALA B 118 -23.73 15.93 16.08
N ALA B 119 -24.97 15.65 16.44
CA ALA B 119 -25.65 16.43 17.46
C ALA B 119 -24.88 16.48 18.75
N LEU B 120 -24.22 15.37 19.09
CA LEU B 120 -23.55 15.19 20.36
C LEU B 120 -22.04 15.41 20.28
N LEU B 121 -21.63 16.30 19.39
CA LEU B 121 -20.22 16.59 19.16
C LEU B 121 -19.50 16.89 20.47
N LYS B 122 -20.07 17.77 21.28
CA LYS B 122 -19.42 18.11 22.54
C LYS B 122 -19.52 16.95 23.55
N ARG B 123 -20.71 16.41 23.75
CA ARG B 123 -20.88 15.37 24.74
C ARG B 123 -19.94 14.19 24.55
N GLY B 125 -16.91 14.38 23.15
CA GLY B 125 -15.52 14.81 23.02
C GLY B 125 -15.00 14.81 21.58
N LEU B 126 -15.92 14.79 20.62
CA LEU B 126 -15.54 14.85 19.22
C LEU B 126 -15.10 16.24 18.81
N ASP B 127 -15.58 17.26 19.51
CA ASP B 127 -15.20 18.65 19.21
C ASP B 127 -13.69 18.84 19.24
N GLN B 128 -13.01 18.11 20.11
CA GLN B 128 -11.54 18.19 20.22
C GLN B 128 -10.80 17.63 19.01
N LEU B 129 -11.47 16.85 18.17
CA LEU B 129 -10.87 16.41 16.89
C LEU B 129 -11.04 17.44 15.76
N CYS B 130 -11.76 18.54 16.03
CA CYS B 130 -12.11 19.47 14.99
C CYS B 130 -11.22 20.69 14.96
N ASP B 131 -10.86 21.13 13.77
CA ASP B 131 -10.20 22.42 13.59
C ASP B 131 -11.21 23.57 13.75
N HIS B 132 -12.44 23.39 13.27
CA HIS B 132 -13.51 24.37 13.48
C HIS B 132 -14.79 23.64 13.76
N VAL B 133 -15.72 24.31 14.42
CA VAL B 133 -17.03 23.79 14.68
C VAL B 133 -18.09 24.79 14.21
N ILE B 134 -19.07 24.28 13.53
CA ILE B 134 -20.24 25.02 13.20
C ILE B 134 -21.36 24.45 14.05
N THR B 135 -22.11 25.32 14.74
CA THR B 135 -23.33 24.91 15.42
C THR B 135 -24.52 25.48 14.65
N VAL B 136 -25.39 24.60 14.18
CA VAL B 136 -26.62 25.03 13.53
C VAL B 136 -27.70 25.27 14.59
N VAL B 137 -28.35 26.40 14.55
CA VAL B 137 -29.43 26.64 15.52
C VAL B 137 -30.75 27.00 14.84
N ALA B 138 -31.85 26.74 15.54
CA ALA B 138 -33.16 27.01 15.03
C ALA B 138 -34.14 27.00 16.20
N SER B 139 -35.19 27.78 16.07
CA SER B 139 -36.18 27.87 17.14
C SER B 139 -36.88 26.55 17.36
N ARG B 140 -37.39 26.39 18.57
CA ARG B 140 -38.07 25.17 18.95
C ARG B 140 -39.30 24.98 18.07
N GLU B 141 -40.05 26.05 17.75
CA GLU B 141 -41.22 25.92 16.86
C GLU B 141 -40.78 25.44 15.48
N THR B 142 -39.67 25.96 14.99
CA THR B 142 -39.16 25.55 13.71
C THR B 142 -38.80 24.06 13.77
N ILE B 143 -38.08 23.65 14.79
CA ILE B 143 -37.66 22.27 14.93
C ILE B 143 -38.86 21.32 14.96
N LEU B 144 -39.90 21.67 15.69
CA LEU B 144 -41.05 20.76 15.83
C LEU B 144 -41.86 20.64 14.56
N LYS B 145 -41.92 21.66 13.72
CA LYS B 145 -42.59 21.55 12.41
C LYS B 145 -41.82 20.64 11.47
N ARG B 146 -40.52 20.50 11.69
CA ARG B 146 -39.68 19.71 10.80
C ARG B 146 -39.53 18.22 11.13
N ASN B 147 -39.55 17.86 12.42
CA ASN B 147 -39.15 16.51 12.87
C ASN B 147 -40.04 16.01 13.98
N ARG B 148 -40.53 14.77 13.85
CA ARG B 148 -41.57 14.25 14.76
C ARG B 148 -40.99 13.68 16.04
N GLU B 149 -39.75 13.22 15.97
CA GLU B 149 -39.03 12.73 17.16
C GLU B 149 -38.54 13.89 18.08
N ALA B 150 -38.63 15.13 17.60
CA ALA B 150 -37.98 16.24 18.28
C ALA B 150 -38.58 16.54 19.65
N ASP B 151 -39.91 16.53 19.76
CA ASP B 151 -40.56 16.72 21.05
C ASP B 151 -39.90 15.88 22.13
N ARG B 152 -39.78 14.60 21.86
CA ARG B 152 -39.28 13.62 22.83
C ARG B 152 -37.80 13.73 23.10
N ARG B 153 -37.02 14.00 22.07
CA ARG B 153 -35.55 13.90 22.16
C ARG B 153 -34.86 15.21 22.55
N LEU B 154 -35.55 16.34 22.33
CA LEU B 154 -35.03 17.64 22.78
C LEU B 154 -34.79 17.68 24.27
N LYS B 155 -35.64 16.99 25.04
CA LYS B 155 -35.50 16.97 26.49
C LYS B 155 -34.11 16.45 26.89
N PHE B 156 -33.50 15.65 26.03
CA PHE B 156 -32.20 15.07 26.29
C PHE B 156 -31.05 15.80 25.56
N GLN B 157 -31.30 17.05 25.12
CA GLN B 157 -30.31 17.83 24.36
C GLN B 157 -30.13 19.24 24.88
N GLU B 158 -30.51 19.46 26.12
CA GLU B 158 -30.29 20.76 26.75
C GLU B 158 -28.82 21.12 26.88
N ASP B 159 -27.91 20.14 26.91
CA ASP B 159 -26.46 20.45 26.98
C ASP B 159 -25.81 20.75 25.59
N ILE B 160 -26.59 20.69 24.52
CA ILE B 160 -26.07 21.01 23.18
C ILE B 160 -26.24 22.50 22.96
N VAL B 161 -25.24 23.25 23.36
CA VAL B 161 -25.31 24.71 23.32
C VAL B 161 -24.46 25.22 22.16
N PRO B 162 -24.75 26.41 21.67
CA PRO B 162 -23.92 26.92 20.58
C PRO B 162 -22.41 26.96 20.86
N GLN B 163 -21.65 26.48 19.91
CA GLN B 163 -20.19 26.55 19.99
C GLN B 163 -19.59 26.78 18.58
N GLY B 164 -18.44 27.45 18.53
CA GLY B 164 -17.77 27.79 17.27
C GLY B 164 -18.51 28.85 16.48
N ILE B 165 -18.84 28.54 15.25
CA ILE B 165 -19.57 29.46 14.38
C ILE B 165 -21.06 29.10 14.34
N VAL B 166 -21.90 30.03 14.78
CA VAL B 166 -23.30 29.78 14.86
C VAL B 166 -23.92 30.12 13.49
N VAL B 167 -24.66 29.15 12.94
CA VAL B 167 -25.38 29.30 11.71
C VAL B 167 -26.88 29.12 12.00
N ALA B 168 -27.61 30.22 12.01
CA ALA B 168 -29.05 30.16 12.24
C ALA B 168 -29.76 29.69 10.96
N ASN B 169 -30.65 28.71 11.14
CA ASN B 169 -31.39 28.12 10.03
C ASN B 169 -32.87 28.23 10.26
N ASN B 170 -33.38 29.47 10.29
CA ASN B 170 -34.76 29.76 10.57
C ASN B 170 -35.46 30.38 9.40
N SER B 171 -34.88 30.35 8.21
CA SER B 171 -35.51 30.86 7.04
C SER B 171 -35.48 29.83 5.91
N THR B 172 -35.01 30.23 4.74
CA THR B 172 -35.01 29.38 3.55
C THR B 172 -33.73 28.55 3.41
N LEU B 173 -33.79 27.54 2.56
CA LEU B 173 -32.61 26.78 2.18
C LEU B 173 -31.60 27.64 1.45
N GLU B 174 -32.06 28.53 0.57
CA GLU B 174 -31.13 29.43 -0.14
C GLU B 174 -30.41 30.36 0.83
N ASP B 175 -31.11 30.86 1.86
CA ASP B 175 -30.45 31.67 2.91
C ASP B 175 -29.43 30.84 3.72
N LEU B 176 -29.76 29.57 4.00
CA LEU B 176 -28.79 28.66 4.64
C LEU B 176 -27.58 28.38 3.70
N GLU B 177 -27.81 28.25 2.41
CA GLU B 177 -26.73 28.08 1.43
C GLU B 177 -25.80 29.29 1.43
N LYS B 178 -26.37 30.49 1.47
CA LYS B 178 -25.57 31.72 1.55
C LYS B 178 -24.71 31.74 2.84
N LYS B 179 -25.31 31.39 3.97
CA LYS B 179 -24.55 31.42 5.22
C LYS B 179 -23.43 30.37 5.23
N VAL B 180 -23.69 29.19 4.69
CA VAL B 180 -22.68 28.12 4.64
C VAL B 180 -21.53 28.59 3.77
N GLU B 181 -21.85 29.24 2.66
CA GLU B 181 -20.78 29.78 1.80
C GLU B 181 -19.91 30.83 2.53
N GLU B 182 -20.55 31.74 3.27
CA GLU B 182 -19.82 32.75 4.03
C GLU B 182 -18.88 32.12 5.06
N VAL B 183 -19.32 31.05 5.70
CA VAL B 183 -18.52 30.34 6.67
C VAL B 183 -17.34 29.67 5.97
N LYS B 185 -15.93 30.61 3.23
CA LYS B 185 -14.97 31.67 2.83
C LYS B 185 -14.06 31.99 4.04
N LEU B 186 -14.59 31.89 5.26
CA LEU B 186 -13.78 32.18 6.43
C LEU B 186 -12.69 31.14 6.69
N VAL B 187 -13.05 29.87 6.58
CA VAL B 187 -12.22 28.81 7.12
C VAL B 187 -11.52 27.98 6.06
N TRP B 188 -11.65 28.33 4.77
CA TRP B 188 -11.31 27.38 3.67
C TRP B 188 -11.47 28.01 2.29
N HIS C 10 -25.95 -48.64 22.93
CA HIS C 10 -25.30 -47.32 22.60
C HIS C 10 -26.05 -46.54 21.51
N HIS C 11 -27.04 -45.77 21.95
CA HIS C 11 -27.90 -44.99 21.07
C HIS C 11 -27.29 -43.61 20.83
N HIS C 12 -27.14 -43.24 19.56
CA HIS C 12 -26.46 -42.00 19.22
C HIS C 12 -26.91 -41.43 17.89
N VAL C 14 -25.05 -39.34 14.63
CA VAL C 14 -23.76 -38.96 14.08
C VAL C 14 -23.96 -37.93 12.96
N ILE C 15 -23.30 -36.79 13.11
CA ILE C 15 -23.41 -35.68 12.18
C ILE C 15 -22.02 -35.38 11.70
N GLY C 16 -21.79 -35.47 10.41
CA GLY C 16 -20.52 -35.15 9.86
C GLY C 16 -20.45 -33.67 9.59
N VAL C 17 -19.30 -33.08 9.89
CA VAL C 17 -19.10 -31.69 9.58
C VAL C 17 -17.87 -31.60 8.70
N THR C 18 -18.07 -31.20 7.46
CA THR C 18 -16.99 -31.17 6.52
C THR C 18 -16.94 -29.82 5.81
N GLY C 19 -16.05 -29.73 4.82
CA GLY C 19 -15.80 -28.49 4.11
C GLY C 19 -14.32 -28.21 4.03
N LYS C 20 -13.96 -27.35 3.10
CA LYS C 20 -12.56 -27.08 2.81
C LYS C 20 -11.92 -26.40 4.01
N ILE C 21 -10.60 -26.39 4.03
CA ILE C 21 -9.82 -25.68 5.03
C ILE C 21 -10.21 -24.18 5.19
N GLY C 22 -10.28 -23.73 6.44
CA GLY C 22 -10.60 -22.34 6.76
C GLY C 22 -12.06 -21.91 6.62
N THR C 23 -12.94 -22.83 6.26
CA THR C 23 -14.35 -22.51 6.04
C THR C 23 -15.09 -22.33 7.34
N GLY C 24 -14.74 -23.08 8.37
CA GLY C 24 -15.40 -22.92 9.69
C GLY C 24 -15.84 -24.18 10.43
N LYS C 25 -15.33 -25.34 10.01
CA LYS C 25 -15.65 -26.61 10.67
C LYS C 25 -15.41 -26.57 12.20
N SER C 26 -14.21 -26.18 12.62
CA SER C 26 -13.89 -26.12 14.03
C SER C 26 -14.82 -25.23 14.75
N THR C 27 -15.17 -24.13 14.13
CA THR C 27 -16.02 -23.10 14.75
C THR C 27 -17.43 -23.65 14.90
N VAL C 28 -17.97 -24.24 13.85
CA VAL C 28 -19.26 -24.94 13.93
C VAL C 28 -19.20 -26.01 15.01
N CYS C 29 -18.17 -26.86 14.98
CA CYS C 29 -18.06 -27.93 15.95
C CYS C 29 -17.99 -27.41 17.41
N GLU C 30 -17.24 -26.33 17.65
CA GLU C 30 -17.22 -25.70 18.99
C GLU C 30 -18.64 -25.30 19.45
N ILE C 31 -19.42 -24.76 18.53
CA ILE C 31 -20.79 -24.40 18.86
C ILE C 31 -21.59 -25.64 19.19
N LEU C 32 -21.58 -26.66 18.32
CA LEU C 32 -22.25 -27.93 18.62
C LEU C 32 -21.83 -28.51 19.98
N LYS C 33 -20.55 -28.47 20.30
CA LYS C 33 -20.07 -29.00 21.58
C LYS C 33 -20.58 -28.18 22.75
N ASN C 34 -20.46 -26.86 22.64
CA ASN C 34 -20.78 -25.98 23.76
C ASN C 34 -22.28 -25.76 23.96
N LYS C 35 -23.03 -25.67 22.88
CA LYS C 35 -24.47 -25.40 22.95
C LYS C 35 -25.26 -26.68 22.98
N TYR C 36 -24.89 -27.66 22.17
CA TYR C 36 -25.74 -28.83 21.98
C TYR C 36 -25.18 -30.07 22.62
N GLY C 37 -24.04 -29.99 23.28
CA GLY C 37 -23.49 -31.16 23.95
C GLY C 37 -22.82 -32.20 23.06
N ALA C 38 -22.44 -31.85 21.85
CA ALA C 38 -21.86 -32.84 20.97
C ALA C 38 -20.55 -33.38 21.54
N HIS C 39 -20.29 -34.65 21.28
CA HIS C 39 -18.99 -35.24 21.39
C HIS C 39 -18.30 -35.12 20.04
N VAL C 40 -17.27 -34.28 19.97
CA VAL C 40 -16.62 -33.95 18.71
C VAL C 40 -15.45 -34.88 18.45
N VAL C 41 -15.50 -35.63 17.37
CA VAL C 41 -14.40 -36.45 16.94
C VAL C 41 -13.54 -35.65 15.94
N ASN C 42 -12.42 -35.14 16.44
CA ASN C 42 -11.46 -34.38 15.63
C ASN C 42 -10.64 -35.37 14.79
N VAL C 43 -11.00 -35.53 13.53
CA VAL C 43 -10.31 -36.51 12.70
C VAL C 43 -8.87 -36.11 12.39
N ASP C 44 -8.56 -34.82 12.38
CA ASP C 44 -7.16 -34.39 12.26
C ASP C 44 -6.30 -34.94 13.42
N ARG C 45 -6.76 -34.72 14.67
CA ARG C 45 -6.03 -35.20 15.88
C ARG C 45 -5.84 -36.70 15.81
N ILE C 46 -6.86 -37.41 15.37
CA ILE C 46 -6.76 -38.86 15.24
C ILE C 46 -5.66 -39.22 14.26
N GLY C 47 -5.59 -38.46 13.17
CA GLY C 47 -4.49 -38.56 12.21
C GLY C 47 -3.12 -38.41 12.88
N HIS C 48 -2.98 -37.41 13.75
CA HIS C 48 -1.71 -37.20 14.45
C HIS C 48 -1.30 -38.40 15.30
N GLU C 49 -2.27 -39.06 15.93
CA GLU C 49 -2.00 -40.24 16.75
C GLU C 49 -1.66 -41.42 15.87
N VAL C 50 -2.31 -41.56 14.73
CA VAL C 50 -1.99 -42.64 13.80
C VAL C 50 -0.58 -42.50 13.21
N LEU C 51 -0.17 -41.26 12.92
CA LEU C 51 1.19 -41.02 12.43
C LEU C 51 2.23 -41.62 13.31
N GLU C 52 2.11 -41.40 14.60
CA GLU C 52 3.09 -41.94 15.54
C GLU C 52 3.10 -43.48 15.53
N GLU C 53 1.95 -44.09 15.25
CA GLU C 53 1.84 -45.56 15.16
C GLU C 53 2.50 -46.16 13.91
N VAL C 54 2.73 -45.36 12.87
CA VAL C 54 3.33 -45.89 11.62
C VAL C 54 4.67 -45.21 11.29
N LYS C 55 5.40 -44.77 12.32
CA LYS C 55 6.74 -44.17 12.16
C LYS C 55 7.59 -44.94 11.14
N GLU C 56 7.72 -46.26 11.31
CA GLU C 56 8.64 -47.05 10.51
C GLU C 56 8.24 -47.03 9.04
N LYS C 57 6.95 -47.19 8.77
CA LYS C 57 6.47 -47.18 7.40
C LYS C 57 6.62 -45.79 6.73
N LEU C 58 6.41 -44.72 7.50
CA LEU C 58 6.64 -43.35 7.00
C LEU C 58 8.08 -43.19 6.56
N VAL C 59 9.01 -43.65 7.40
CA VAL C 59 10.42 -43.54 7.10
C VAL C 59 10.73 -44.29 5.81
N GLU C 60 10.19 -45.50 5.70
CA GLU C 60 10.34 -46.32 4.47
C GLU C 60 9.74 -45.62 3.23
N LEU C 61 8.68 -44.86 3.39
CA LEU C 61 8.10 -44.12 2.27
C LEU C 61 8.83 -42.81 1.92
N PHE C 62 9.15 -41.99 2.93
CA PHE C 62 9.58 -40.60 2.71
C PHE C 62 10.97 -40.25 3.20
N GLY C 63 11.69 -41.22 3.75
CA GLY C 63 13.02 -40.98 4.28
C GLY C 63 13.03 -40.51 5.72
N GLY C 64 14.23 -40.41 6.28
CA GLY C 64 14.45 -39.96 7.66
C GLY C 64 14.12 -38.51 7.92
N SER C 65 14.04 -37.70 6.87
CA SER C 65 13.70 -36.27 6.98
C SER C 65 12.38 -35.99 7.69
N VAL C 66 11.44 -36.93 7.61
CA VAL C 66 10.16 -36.73 8.26
C VAL C 66 10.18 -36.89 9.80
N LEU C 67 11.36 -36.91 10.42
CA LEU C 67 11.46 -37.07 11.87
C LEU C 67 12.46 -36.04 12.42
N GLU C 68 12.68 -36.03 13.74
CA GLU C 68 13.59 -35.01 14.31
C GLU C 68 14.73 -35.49 15.24
N ASP C 69 14.37 -36.04 16.40
CA ASP C 69 15.21 -37.01 17.07
C ASP C 69 14.36 -38.29 17.01
N GLY C 70 13.30 -38.33 17.82
CA GLY C 70 12.44 -39.50 17.92
C GLY C 70 11.17 -39.48 17.10
N LYS C 71 10.34 -38.45 17.33
CA LYS C 71 8.97 -38.38 16.77
C LYS C 71 8.88 -38.14 15.24
N VAL C 72 7.64 -38.21 14.74
CA VAL C 72 7.28 -37.72 13.40
C VAL C 72 7.13 -36.20 13.52
N ASN C 73 7.67 -35.46 12.55
CA ASN C 73 7.56 -33.99 12.47
C ASN C 73 6.63 -33.58 11.35
N ARG C 74 5.46 -33.12 11.74
CA ARG C 74 4.39 -32.84 10.80
C ARG C 74 4.69 -31.70 9.83
N LYS C 75 5.49 -30.72 10.26
CA LYS C 75 5.92 -29.62 9.39
C LYS C 75 6.72 -30.18 8.23
N LYS C 76 7.73 -30.99 8.55
CA LYS C 76 8.62 -31.57 7.53
C LYS C 76 7.89 -32.53 6.60
N LEU C 77 6.90 -33.24 7.16
CA LEU C 77 6.13 -34.19 6.38
C LEU C 77 5.19 -33.45 5.43
N ALA C 78 4.52 -32.41 5.95
CA ALA C 78 3.68 -31.51 5.11
C ALA C 78 4.49 -30.92 3.97
N GLY C 79 5.72 -30.55 4.26
CA GLY C 79 6.64 -30.02 3.26
C GLY C 79 6.78 -30.96 2.09
N ILE C 80 6.78 -32.27 2.38
CA ILE C 80 6.93 -33.28 1.36
C ILE C 80 5.60 -33.58 0.68
N VAL C 81 4.57 -33.92 1.45
CA VAL C 81 3.35 -34.45 0.86
C VAL C 81 2.54 -33.40 0.13
N PHE C 82 2.61 -32.15 0.56
CA PHE C 82 1.83 -31.10 -0.13
C PHE C 82 2.56 -30.46 -1.29
N GLU C 83 3.62 -31.10 -1.78
CA GLU C 83 4.25 -30.65 -3.02
C GLU C 83 3.86 -31.56 -4.17
N SER C 84 3.24 -32.70 -3.87
CA SER C 84 2.90 -33.70 -4.89
C SER C 84 1.62 -34.48 -4.53
N ARG C 85 0.75 -34.68 -5.51
CA ARG C 85 -0.40 -35.58 -5.33
C ARG C 85 0.01 -37.06 -5.13
N GLU C 86 1.06 -37.47 -5.84
CA GLU C 86 1.58 -38.82 -5.73
C GLU C 86 2.00 -39.07 -4.24
N ASN C 87 2.74 -38.14 -3.65
CA ASN C 87 3.21 -38.29 -2.27
C ASN C 87 2.06 -38.28 -1.29
N LEU C 88 1.11 -37.37 -1.51
CA LEU C 88 -0.04 -37.28 -0.65
C LEU C 88 -0.85 -38.58 -0.67
N LYS C 89 -1.01 -39.16 -1.86
CA LYS C 89 -1.76 -40.40 -2.00
C LYS C 89 -1.06 -41.53 -1.22
N LYS C 90 0.27 -41.58 -1.27
CA LYS C 90 1.06 -42.57 -0.51
C LYS C 90 0.75 -42.49 0.99
N LEU C 91 0.71 -41.28 1.52
CA LEU C 91 0.44 -41.11 2.94
C LEU C 91 -0.99 -41.51 3.28
N GLU C 92 -1.93 -41.06 2.46
CA GLU C 92 -3.37 -41.35 2.63
C GLU C 92 -3.64 -42.86 2.68
N LEU C 93 -3.04 -43.60 1.73
CA LEU C 93 -3.19 -45.05 1.70
C LEU C 93 -2.65 -45.74 2.96
N LEU C 94 -1.65 -45.13 3.57
CA LEU C 94 -1.08 -45.65 4.83
C LEU C 94 -1.93 -45.33 6.06
N VAL C 95 -2.40 -44.09 6.18
CA VAL C 95 -3.06 -43.63 7.45
C VAL C 95 -4.58 -43.58 7.45
N HIS C 96 -5.22 -43.40 6.32
CA HIS C 96 -6.69 -43.32 6.28
C HIS C 96 -7.48 -44.55 6.80
N PRO C 97 -7.14 -45.76 6.33
CA PRO C 97 -7.76 -46.96 6.91
C PRO C 97 -7.69 -47.04 8.46
N LEU C 98 -6.51 -46.76 9.02
CA LEU C 98 -6.36 -46.78 10.49
C LEU C 98 -7.22 -45.72 11.17
N LYS C 100 -10.03 -44.35 9.99
CA LYS C 100 -11.41 -44.79 9.87
C LYS C 100 -11.79 -45.81 10.96
N LYS C 101 -10.94 -46.81 11.16
CA LYS C 101 -11.19 -47.81 12.20
C LYS C 101 -11.31 -47.11 13.57
N ARG C 102 -10.43 -46.16 13.80
CA ARG C 102 -10.39 -45.46 15.07
C ARG C 102 -11.66 -44.60 15.25
N VAL C 103 -12.14 -43.96 14.20
CA VAL C 103 -13.41 -43.21 14.27
C VAL C 103 -14.59 -44.12 14.57
N GLN C 104 -14.70 -45.18 13.80
CA GLN C 104 -15.73 -46.19 14.00
C GLN C 104 -15.76 -46.69 15.46
N GLU C 105 -14.59 -46.97 16.04
CA GLU C 105 -14.52 -47.47 17.44
C GLU C 105 -15.05 -46.41 18.45
N ILE C 106 -14.76 -45.13 18.21
CA ILE C 106 -15.30 -44.08 19.08
C ILE C 106 -16.81 -44.01 18.99
N ILE C 107 -17.34 -43.98 17.76
CA ILE C 107 -18.78 -44.02 17.53
C ILE C 107 -19.44 -45.17 18.28
N ASN C 108 -18.89 -46.38 18.18
CA ASN C 108 -19.51 -47.50 18.85
C ASN C 108 -19.52 -47.44 20.38
N LYS C 109 -18.56 -46.70 20.96
CA LYS C 109 -18.44 -46.60 22.41
C LYS C 109 -19.08 -45.31 22.98
N THR C 110 -19.76 -44.54 22.13
CA THR C 110 -20.25 -43.21 22.50
C THR C 110 -21.75 -43.06 22.28
N SER C 111 -22.42 -42.47 23.27
CA SER C 111 -23.86 -42.19 23.20
C SER C 111 -24.14 -40.70 22.95
N GLY C 112 -25.36 -40.38 22.51
CA GLY C 112 -25.80 -38.99 22.36
C GLY C 112 -25.38 -38.42 21.03
N LEU C 113 -25.17 -37.10 20.99
CA LEU C 113 -24.82 -36.41 19.76
C LEU C 113 -23.33 -36.52 19.48
N ILE C 114 -22.97 -37.10 18.34
CA ILE C 114 -21.60 -37.28 17.94
C ILE C 114 -21.36 -36.51 16.66
N VAL C 115 -20.30 -35.70 16.64
CA VAL C 115 -19.96 -34.89 15.49
C VAL C 115 -18.58 -35.33 14.96
N ILE C 116 -18.52 -35.64 13.67
CA ILE C 116 -17.27 -36.06 13.04
C ILE C 116 -16.75 -34.92 12.21
N GLU C 117 -15.72 -34.27 12.74
CA GLU C 117 -15.16 -33.09 12.11
C GLU C 117 -14.06 -33.58 11.19
N ALA C 118 -14.25 -33.41 9.90
CA ALA C 118 -13.23 -33.81 8.92
C ALA C 118 -13.42 -33.14 7.56
N ALA C 119 -12.41 -32.38 7.16
CA ALA C 119 -12.35 -31.87 5.80
C ALA C 119 -12.55 -33.03 4.78
N LEU C 120 -11.98 -34.19 5.07
CA LEU C 120 -11.97 -35.30 4.13
C LEU C 120 -13.03 -36.36 4.47
N LEU C 121 -14.16 -35.88 4.96
CA LEU C 121 -15.28 -36.79 5.29
C LEU C 121 -15.63 -37.72 4.13
N LYS C 122 -15.81 -37.16 2.94
CA LYS C 122 -16.14 -37.98 1.80
C LYS C 122 -14.99 -38.85 1.36
N ARG C 123 -13.80 -38.25 1.21
CA ARG C 123 -12.66 -38.99 0.65
C ARG C 123 -12.34 -40.20 1.48
N GLY C 125 -14.56 -42.01 3.18
CA GLY C 125 -15.74 -42.82 3.36
C GLY C 125 -16.37 -42.67 4.72
N LEU C 126 -16.02 -41.62 5.48
CA LEU C 126 -16.63 -41.40 6.79
C LEU C 126 -18.06 -40.87 6.67
N ASP C 127 -18.41 -40.23 5.56
CA ASP C 127 -19.79 -39.76 5.36
C ASP C 127 -20.84 -40.90 5.49
N GLN C 128 -20.43 -42.12 5.14
CA GLN C 128 -21.24 -43.33 5.31
C GLN C 128 -21.59 -43.68 6.75
N LEU C 129 -20.80 -43.21 7.71
CA LEU C 129 -21.08 -43.41 9.12
C LEU C 129 -22.06 -42.37 9.67
N CYS C 130 -22.41 -41.37 8.88
CA CYS C 130 -23.19 -40.23 9.38
C CYS C 130 -24.67 -40.32 9.10
N ASP C 131 -25.50 -39.92 10.06
CA ASP C 131 -26.93 -39.76 9.82
C ASP C 131 -27.26 -38.49 9.05
N HIS C 132 -26.48 -37.42 9.25
CA HIS C 132 -26.58 -36.20 8.45
C HIS C 132 -25.22 -35.65 8.26
N VAL C 133 -25.07 -34.85 7.21
CA VAL C 133 -23.82 -34.19 6.92
C VAL C 133 -24.08 -32.70 6.79
N ILE C 134 -23.26 -31.90 7.45
CA ILE C 134 -23.20 -30.47 7.21
C ILE C 134 -21.91 -30.17 6.45
N THR C 135 -22.02 -29.45 5.33
CA THR C 135 -20.86 -28.89 4.68
C THR C 135 -20.78 -27.39 4.96
N VAL C 136 -19.65 -26.96 5.52
CA VAL C 136 -19.37 -25.56 5.68
C VAL C 136 -18.71 -25.01 4.41
N VAL C 137 -19.21 -23.91 3.87
CA VAL C 137 -18.54 -23.30 2.73
C VAL C 137 -18.23 -21.87 2.98
N ALA C 138 -17.22 -21.37 2.26
CA ALA C 138 -16.83 -19.97 2.29
C ALA C 138 -16.00 -19.67 1.07
N SER C 139 -16.01 -18.40 0.66
CA SER C 139 -15.29 -17.97 -0.51
C SER C 139 -13.77 -18.15 -0.32
N ARG C 140 -13.10 -18.29 -1.44
CA ARG C 140 -11.67 -18.41 -1.43
C ARG C 140 -11.02 -17.21 -0.74
N GLU C 141 -11.46 -16.00 -1.08
CA GLU C 141 -10.83 -14.80 -0.46
C GLU C 141 -11.02 -14.82 1.09
N THR C 142 -12.19 -15.25 1.55
CA THR C 142 -12.44 -15.40 2.99
C THR C 142 -11.49 -16.43 3.57
N ILE C 143 -11.39 -17.58 2.92
CA ILE C 143 -10.54 -18.64 3.42
C ILE C 143 -9.09 -18.19 3.56
N LEU C 144 -8.57 -17.49 2.55
CA LEU C 144 -7.19 -17.02 2.56
C LEU C 144 -6.91 -15.99 3.65
N LYS C 145 -7.86 -15.09 3.94
CA LYS C 145 -7.65 -14.13 5.04
C LYS C 145 -7.51 -14.87 6.38
N ARG C 146 -8.14 -16.03 6.50
CA ARG C 146 -8.26 -16.73 7.78
C ARG C 146 -7.18 -17.72 8.11
N ASN C 147 -6.69 -18.43 7.09
CA ASN C 147 -5.77 -19.57 7.28
C ASN C 147 -4.55 -19.47 6.38
N ARG C 148 -3.37 -19.63 6.95
CA ARG C 148 -2.14 -19.38 6.18
C ARG C 148 -1.67 -20.60 5.39
N GLU C 149 -2.12 -21.79 5.77
CA GLU C 149 -1.86 -23.02 5.02
C GLU C 149 -2.79 -23.21 3.82
N ALA C 150 -3.82 -22.40 3.72
CA ALA C 150 -4.85 -22.64 2.69
C ALA C 150 -4.32 -22.52 1.26
N ASP C 151 -3.54 -21.49 1.03
CA ASP C 151 -2.99 -21.27 -0.29
C ASP C 151 -2.43 -22.56 -0.88
N ARG C 152 -1.66 -23.25 -0.05
CA ARG C 152 -0.99 -24.49 -0.44
C ARG C 152 -1.90 -25.72 -0.41
N ARG C 153 -2.82 -25.80 0.51
CA ARG C 153 -3.55 -27.03 0.70
C ARG C 153 -4.86 -27.10 -0.06
N LEU C 154 -5.41 -25.95 -0.42
CA LEU C 154 -6.63 -25.93 -1.22
C LEU C 154 -6.49 -26.68 -2.53
N LYS C 155 -5.30 -26.63 -3.12
CA LYS C 155 -5.04 -27.33 -4.39
C LYS C 155 -5.33 -28.82 -4.24
N PHE C 156 -5.24 -29.36 -3.01
CA PHE C 156 -5.52 -30.79 -2.76
C PHE C 156 -6.90 -31.01 -2.14
N GLN C 157 -7.80 -30.03 -2.30
CA GLN C 157 -9.14 -30.13 -1.76
C GLN C 157 -10.25 -29.89 -2.82
N GLU C 158 -9.89 -29.92 -4.10
CA GLU C 158 -10.86 -29.73 -5.17
C GLU C 158 -12.02 -30.78 -5.15
N ASP C 159 -11.81 -31.97 -4.60
CA ASP C 159 -12.89 -32.98 -4.50
C ASP C 159 -13.79 -32.82 -3.27
N ILE C 160 -13.54 -31.80 -2.43
CA ILE C 160 -14.37 -31.54 -1.26
C ILE C 160 -15.50 -30.62 -1.69
N VAL C 161 -16.58 -31.23 -2.17
CA VAL C 161 -17.68 -30.48 -2.75
C VAL C 161 -18.83 -30.47 -1.75
N PRO C 162 -19.72 -29.48 -1.82
CA PRO C 162 -20.85 -29.40 -0.89
C PRO C 162 -21.73 -30.68 -0.89
N GLN C 163 -22.03 -31.20 0.30
CA GLN C 163 -22.96 -32.36 0.43
C GLN C 163 -23.77 -32.16 1.71
N GLY C 164 -24.96 -32.73 1.72
CA GLY C 164 -25.87 -32.61 2.84
C GLY C 164 -26.44 -31.20 2.94
N ILE C 165 -26.30 -30.63 4.12
CA ILE C 165 -26.85 -29.34 4.43
C ILE C 165 -25.69 -28.37 4.39
N VAL C 166 -25.78 -27.41 3.45
CA VAL C 166 -24.71 -26.46 3.22
C VAL C 166 -24.96 -25.26 4.08
N VAL C 167 -23.93 -24.91 4.86
CA VAL C 167 -23.91 -23.78 5.75
C VAL C 167 -22.81 -22.79 5.26
N ALA C 168 -23.23 -21.71 4.67
CA ALA C 168 -22.33 -20.63 4.26
C ALA C 168 -21.84 -19.86 5.48
N ASN C 169 -20.53 -19.64 5.58
CA ASN C 169 -19.89 -18.91 6.69
C ASN C 169 -19.03 -17.79 6.12
N ASN C 170 -19.69 -16.82 5.48
CA ASN C 170 -19.00 -15.67 4.87
C ASN C 170 -19.33 -14.34 5.57
N SER C 171 -19.96 -14.38 6.73
CA SER C 171 -20.19 -13.13 7.43
C SER C 171 -19.75 -13.30 8.89
N THR C 172 -20.61 -13.01 9.85
CA THR C 172 -20.21 -12.96 11.25
C THR C 172 -20.33 -14.34 11.92
N LEU C 173 -19.72 -14.45 13.09
CA LEU C 173 -19.92 -15.60 13.98
C LEU C 173 -21.36 -15.72 14.49
N GLU C 174 -21.96 -14.59 14.84
CA GLU C 174 -23.38 -14.57 15.25
C GLU C 174 -24.28 -15.12 14.12
N ASP C 175 -24.01 -14.74 12.87
CA ASP C 175 -24.79 -15.25 11.78
C ASP C 175 -24.57 -16.75 11.64
N LEU C 176 -23.34 -17.21 11.82
CA LEU C 176 -23.05 -18.62 11.78
C LEU C 176 -23.79 -19.36 12.90
N GLU C 177 -23.76 -18.81 14.11
CA GLU C 177 -24.49 -19.41 15.24
C GLU C 177 -25.98 -19.53 14.93
N LYS C 178 -26.57 -18.51 14.29
CA LYS C 178 -28.00 -18.56 13.92
C LYS C 178 -28.24 -19.73 12.93
N LYS C 179 -27.38 -19.86 11.94
CA LYS C 179 -27.55 -20.93 10.95
C LYS C 179 -27.41 -22.32 11.57
N VAL C 180 -26.45 -22.47 12.51
CA VAL C 180 -26.18 -23.76 13.11
C VAL C 180 -27.39 -24.15 13.95
N GLU C 181 -27.98 -23.17 14.62
CA GLU C 181 -29.20 -23.40 15.36
C GLU C 181 -30.35 -23.82 14.47
N GLU C 182 -30.50 -23.20 13.31
CA GLU C 182 -31.57 -23.60 12.38
C GLU C 182 -31.37 -24.98 11.84
N VAL C 183 -30.13 -25.39 11.60
CA VAL C 183 -29.86 -26.76 11.21
C VAL C 183 -30.22 -27.74 12.35
N LYS C 185 -32.34 -27.33 14.69
CA LYS C 185 -33.81 -27.41 14.76
C LYS C 185 -34.34 -28.44 13.75
N LEU C 186 -33.68 -28.59 12.60
CA LEU C 186 -34.10 -29.57 11.60
C LEU C 186 -33.81 -31.01 11.99
N VAL C 187 -32.63 -31.28 12.53
CA VAL C 187 -32.17 -32.64 12.64
C VAL C 187 -32.17 -33.15 14.04
N TRP C 188 -32.53 -32.31 15.00
CA TRP C 188 -32.28 -32.57 16.42
C TRP C 188 -33.07 -31.59 17.28
N HIS D 10 15.09 -27.22 21.80
CA HIS D 10 14.41 -26.70 20.57
C HIS D 10 13.91 -25.26 20.80
N HIS D 11 14.32 -24.29 19.94
CA HIS D 11 14.08 -22.86 20.21
C HIS D 11 12.59 -22.58 20.00
N HIS D 12 11.92 -21.99 21.00
CA HIS D 12 10.48 -21.78 20.91
C HIS D 12 10.02 -20.65 21.80
N VAL D 14 6.64 -19.83 24.34
CA VAL D 14 5.47 -20.42 24.97
C VAL D 14 4.54 -19.31 25.47
N ILE D 15 3.28 -19.37 25.01
CA ILE D 15 2.27 -18.42 25.40
C ILE D 15 1.14 -19.21 26.04
N GLY D 16 0.83 -18.90 27.29
CA GLY D 16 -0.31 -19.47 27.95
C GLY D 16 -1.57 -18.70 27.57
N VAL D 17 -2.65 -19.43 27.32
CA VAL D 17 -3.94 -18.82 27.06
C VAL D 17 -4.97 -19.39 28.04
N THR D 18 -5.36 -18.57 29.00
CA THR D 18 -6.17 -19.02 30.08
C THR D 18 -7.43 -18.16 30.18
N GLY D 19 -8.26 -18.41 31.18
CA GLY D 19 -9.54 -17.74 31.29
C GLY D 19 -10.63 -18.71 31.67
N LYS D 20 -11.68 -18.19 32.28
CA LYS D 20 -12.76 -19.08 32.73
C LYS D 20 -13.41 -19.77 31.53
N ILE D 21 -14.20 -20.80 31.83
CA ILE D 21 -15.03 -21.47 30.85
C ILE D 21 -15.93 -20.53 30.00
N GLY D 22 -15.92 -20.75 28.68
CA GLY D 22 -16.78 -20.00 27.80
C GLY D 22 -16.26 -18.66 27.34
N THR D 23 -15.11 -18.23 27.87
CA THR D 23 -14.67 -16.87 27.62
C THR D 23 -14.11 -16.70 26.25
N GLY D 24 -13.53 -17.78 25.71
CA GLY D 24 -12.99 -17.72 24.34
C GLY D 24 -11.57 -18.23 24.10
N LYS D 25 -11.05 -19.04 25.02
CA LYS D 25 -9.70 -19.63 24.89
C LYS D 25 -9.52 -20.46 23.61
N SER D 26 -10.45 -21.37 23.34
CA SER D 26 -10.37 -22.19 22.10
C SER D 26 -10.39 -21.32 20.88
N THR D 27 -11.23 -20.29 20.90
CA THR D 27 -11.39 -19.40 19.75
C THR D 27 -10.10 -18.58 19.50
N VAL D 28 -9.53 -18.02 20.57
CA VAL D 28 -8.23 -17.40 20.50
C VAL D 28 -7.20 -18.38 20.04
N CYS D 29 -7.22 -19.57 20.59
CA CYS D 29 -6.22 -20.56 20.18
C CYS D 29 -6.30 -20.95 18.71
N GLU D 30 -7.53 -21.10 18.20
CA GLU D 30 -7.71 -21.39 16.76
C GLU D 30 -7.15 -20.29 15.89
N ILE D 31 -7.32 -19.05 16.31
CA ILE D 31 -6.77 -17.95 15.58
C ILE D 31 -5.23 -18.03 15.58
N LEU D 32 -4.63 -18.16 16.77
CA LEU D 32 -3.19 -18.30 16.87
C LEU D 32 -2.67 -19.47 16.00
N LYS D 33 -3.38 -20.59 16.01
CA LYS D 33 -2.97 -21.73 15.18
C LYS D 33 -3.03 -21.40 13.68
N ASN D 34 -4.16 -20.84 13.27
CA ASN D 34 -4.46 -20.61 11.86
C ASN D 34 -3.75 -19.43 11.26
N LYS D 35 -3.64 -18.36 12.01
CA LYS D 35 -3.02 -17.15 11.52
C LYS D 35 -1.52 -17.10 11.86
N TYR D 36 -1.13 -17.57 13.03
CA TYR D 36 0.24 -17.37 13.46
C TYR D 36 1.02 -18.63 13.52
N GLY D 37 0.45 -19.77 13.14
CA GLY D 37 1.19 -21.03 13.13
C GLY D 37 1.47 -21.65 14.48
N ALA D 38 0.71 -21.31 15.50
CA ALA D 38 0.97 -21.87 16.81
C ALA D 38 0.76 -23.38 16.83
N HIS D 39 1.57 -24.07 17.62
CA HIS D 39 1.27 -25.43 18.04
C HIS D 39 0.47 -25.32 19.35
N VAL D 40 -0.78 -25.75 19.31
CA VAL D 40 -1.70 -25.61 20.41
C VAL D 40 -1.71 -26.86 21.29
N VAL D 41 -1.33 -26.72 22.55
CA VAL D 41 -1.38 -27.81 23.52
C VAL D 41 -2.69 -27.70 24.25
N ASN D 42 -3.63 -28.53 23.84
CA ASN D 42 -4.92 -28.60 24.50
C ASN D 42 -4.82 -29.37 25.82
N VAL D 43 -4.74 -28.64 26.92
CA VAL D 43 -4.53 -29.30 28.20
C VAL D 43 -5.75 -30.16 28.61
N ASP D 44 -6.95 -29.79 28.20
CA ASP D 44 -8.12 -30.63 28.49
C ASP D 44 -7.98 -31.98 27.87
N ARG D 45 -7.60 -32.03 26.59
CA ARG D 45 -7.41 -33.33 25.91
C ARG D 45 -6.34 -34.15 26.62
N ILE D 46 -5.25 -33.49 26.99
CA ILE D 46 -4.19 -34.19 27.69
C ILE D 46 -4.73 -34.81 28.97
N GLY D 47 -5.63 -34.09 29.66
CA GLY D 47 -6.35 -34.64 30.81
C GLY D 47 -7.10 -35.93 30.44
N HIS D 48 -7.78 -35.93 29.32
CA HIS D 48 -8.58 -37.09 28.92
C HIS D 48 -7.71 -38.33 28.72
N GLU D 49 -6.49 -38.11 28.22
CA GLU D 49 -5.53 -39.19 28.04
C GLU D 49 -5.01 -39.69 29.37
N VAL D 50 -4.71 -38.77 30.27
CA VAL D 50 -4.25 -39.12 31.61
C VAL D 50 -5.32 -39.92 32.41
N LEU D 51 -6.58 -39.53 32.27
CA LEU D 51 -7.66 -40.25 32.91
C LEU D 51 -7.56 -41.76 32.61
N GLU D 52 -7.37 -42.10 31.34
CA GLU D 52 -7.31 -43.51 30.91
C GLU D 52 -6.12 -44.23 31.54
N GLU D 53 -5.08 -43.48 31.82
CA GLU D 53 -3.92 -44.03 32.49
C GLU D 53 -4.10 -44.36 33.96
N VAL D 54 -5.05 -43.71 34.64
CA VAL D 54 -5.25 -43.94 36.09
C VAL D 54 -6.61 -44.58 36.40
N LYS D 55 -7.15 -45.34 35.44
CA LYS D 55 -8.42 -46.01 35.64
C LYS D 55 -8.54 -46.60 37.05
N GLU D 56 -7.55 -47.41 37.45
CA GLU D 56 -7.66 -48.17 38.70
C GLU D 56 -7.78 -47.20 39.87
N LYS D 57 -6.93 -46.17 39.90
CA LYS D 57 -6.93 -45.22 41.03
C LYS D 57 -8.24 -44.40 41.09
N LEU D 58 -8.80 -44.04 39.93
CA LEU D 58 -10.13 -43.36 39.92
C LEU D 58 -11.21 -44.25 40.51
N VAL D 59 -11.20 -45.54 40.15
CA VAL D 59 -12.18 -46.46 40.71
C VAL D 59 -11.98 -46.49 42.22
N GLU D 60 -10.74 -46.64 42.67
CA GLU D 60 -10.45 -46.69 44.11
C GLU D 60 -10.94 -45.39 44.79
N LEU D 61 -10.86 -44.25 44.12
CA LEU D 61 -11.34 -42.98 44.70
C LEU D 61 -12.86 -42.78 44.62
N PHE D 62 -13.46 -43.04 43.47
CA PHE D 62 -14.86 -42.63 43.19
C PHE D 62 -15.85 -43.77 42.88
N GLY D 63 -15.40 -45.02 43.01
CA GLY D 63 -16.26 -46.16 42.75
C GLY D 63 -16.33 -46.57 41.29
N GLY D 64 -16.96 -47.72 41.04
CA GLY D 64 -17.14 -48.26 39.70
C GLY D 64 -18.02 -47.44 38.79
N SER D 65 -18.86 -46.57 39.34
CA SER D 65 -19.75 -45.72 38.55
C SER D 65 -19.03 -44.89 37.45
N VAL D 66 -17.69 -44.78 37.48
CA VAL D 66 -16.94 -44.03 36.47
C VAL D 66 -16.33 -44.79 35.28
N LEU D 67 -16.72 -46.05 35.04
CA LEU D 67 -16.22 -46.81 33.87
C LEU D 67 -17.31 -47.39 32.92
N GLU D 68 -17.12 -47.17 31.61
CA GLU D 68 -18.11 -47.46 30.59
C GLU D 68 -17.75 -48.74 29.86
N ASP D 69 -17.01 -48.66 28.76
CA ASP D 69 -16.59 -49.88 28.05
C ASP D 69 -15.48 -50.45 28.92
N GLY D 70 -14.25 -50.07 28.60
CA GLY D 70 -13.17 -50.06 29.55
C GLY D 70 -12.58 -48.67 29.53
N LYS D 71 -13.43 -47.67 29.27
CA LYS D 71 -13.00 -46.28 29.20
C LYS D 71 -13.59 -45.48 30.35
N VAL D 72 -12.91 -44.43 30.74
CA VAL D 72 -13.44 -43.54 31.76
C VAL D 72 -14.68 -42.82 31.22
N ASN D 73 -15.76 -42.76 31.98
CA ASN D 73 -16.93 -42.01 31.53
C ASN D 73 -16.89 -40.63 32.15
N ARG D 74 -16.51 -39.66 31.33
CA ARG D 74 -16.30 -38.31 31.85
C ARG D 74 -17.57 -37.64 32.32
N LYS D 75 -18.71 -37.96 31.69
CA LYS D 75 -20.01 -37.41 32.09
C LYS D 75 -20.28 -37.85 33.53
N LYS D 76 -20.18 -39.14 33.81
CA LYS D 76 -20.46 -39.67 35.15
C LYS D 76 -19.45 -39.15 36.18
N LEU D 77 -18.19 -38.98 35.77
CA LEU D 77 -17.13 -38.50 36.66
C LEU D 77 -17.33 -37.02 36.99
N ALA D 78 -17.66 -36.24 35.97
CA ALA D 78 -18.10 -34.84 36.15
C ALA D 78 -19.28 -34.74 37.12
N GLY D 79 -20.23 -35.65 36.99
CA GLY D 79 -21.37 -35.72 37.87
C GLY D 79 -20.96 -35.76 39.34
N ILE D 80 -19.87 -36.47 39.60
CA ILE D 80 -19.36 -36.67 40.96
C ILE D 80 -18.49 -35.51 41.43
N VAL D 81 -17.48 -35.15 40.62
CA VAL D 81 -16.49 -34.18 41.09
C VAL D 81 -17.06 -32.77 41.11
N PHE D 82 -17.96 -32.43 40.22
CA PHE D 82 -18.50 -31.08 40.20
C PHE D 82 -19.68 -30.88 41.13
N GLU D 83 -19.87 -31.79 42.08
CA GLU D 83 -20.83 -31.64 43.16
C GLU D 83 -20.14 -31.26 44.47
N SER D 84 -18.81 -31.38 44.48
CA SER D 84 -18.01 -31.25 45.68
C SER D 84 -16.60 -30.75 45.40
N ARG D 85 -16.14 -29.75 46.15
CA ARG D 85 -14.75 -29.27 46.08
C ARG D 85 -13.78 -30.32 46.59
N GLU D 86 -14.21 -31.05 47.62
CA GLU D 86 -13.40 -32.12 48.18
C GLU D 86 -13.13 -33.19 47.11
N ASN D 87 -14.15 -33.60 46.35
CA ASN D 87 -13.95 -34.63 45.34
C ASN D 87 -13.14 -34.11 44.17
N LEU D 88 -13.39 -32.85 43.79
CA LEU D 88 -12.62 -32.23 42.71
C LEU D 88 -11.14 -32.19 43.06
N LYS D 89 -10.83 -31.86 44.32
CA LYS D 89 -9.45 -31.80 44.78
C LYS D 89 -8.78 -33.18 44.70
N LYS D 90 -9.51 -34.22 45.08
CA LYS D 90 -8.97 -35.58 44.98
C LYS D 90 -8.54 -35.91 43.56
N LEU D 91 -9.37 -35.54 42.58
CA LEU D 91 -9.08 -35.79 41.17
C LEU D 91 -7.87 -35.00 40.70
N GLU D 92 -7.87 -33.73 41.05
CA GLU D 92 -6.75 -32.84 40.70
C GLU D 92 -5.42 -33.32 41.24
N LEU D 93 -5.42 -33.78 42.49
CA LEU D 93 -4.20 -34.33 43.08
C LEU D 93 -3.71 -35.58 42.32
N LEU D 94 -4.64 -36.34 41.76
CA LEU D 94 -4.29 -37.52 41.00
C LEU D 94 -3.76 -37.20 39.61
N VAL D 95 -4.43 -36.32 38.88
CA VAL D 95 -4.12 -36.12 37.43
C VAL D 95 -3.23 -34.92 37.04
N HIS D 96 -3.28 -33.84 37.80
CA HIS D 96 -2.54 -32.62 37.44
C HIS D 96 -1.02 -32.78 37.34
N PRO D 97 -0.38 -33.46 38.31
CA PRO D 97 1.06 -33.72 38.14
C PRO D 97 1.41 -34.49 36.88
N LEU D 98 0.67 -35.53 36.50
CA LEU D 98 0.91 -36.21 35.22
C LEU D 98 0.66 -35.33 34.00
N LYS D 100 0.93 -32.03 33.85
CA LYS D 100 2.01 -31.07 33.74
C LYS D 100 3.27 -31.72 33.14
N LYS D 101 3.58 -32.95 33.56
CA LYS D 101 4.75 -33.66 33.00
C LYS D 101 4.59 -33.79 31.48
N ARG D 102 3.35 -34.06 31.06
CA ARG D 102 3.05 -34.27 29.64
C ARG D 102 3.17 -32.95 28.86
N VAL D 103 2.70 -31.85 29.46
CA VAL D 103 2.83 -30.55 28.83
C VAL D 103 4.33 -30.17 28.65
N GLN D 104 5.09 -30.30 29.72
CA GLN D 104 6.49 -30.06 29.70
C GLN D 104 7.20 -30.88 28.62
N GLU D 105 6.86 -32.15 28.49
CA GLU D 105 7.46 -33.00 27.44
C GLU D 105 7.19 -32.48 26.01
N ILE D 106 5.99 -31.99 25.76
CA ILE D 106 5.63 -31.44 24.47
C ILE D 106 6.41 -30.16 24.21
N ILE D 107 6.44 -29.26 25.18
CA ILE D 107 7.27 -28.06 25.07
C ILE D 107 8.74 -28.43 24.70
N ASN D 108 9.34 -29.40 25.38
CA ASN D 108 10.74 -29.75 25.10
C ASN D 108 10.98 -30.24 23.67
N LYS D 109 9.98 -30.90 23.11
CA LYS D 109 10.15 -31.56 21.82
C LYS D 109 9.62 -30.73 20.67
N THR D 110 9.23 -29.47 20.93
CA THR D 110 8.50 -28.63 19.96
C THR D 110 9.17 -27.25 19.78
N SER D 111 9.34 -26.86 18.51
CA SER D 111 9.93 -25.58 18.14
C SER D 111 8.86 -24.58 17.74
N GLY D 112 9.24 -23.30 17.71
CA GLY D 112 8.38 -22.25 17.20
C GLY D 112 7.40 -21.75 18.25
N LEU D 113 6.24 -21.31 17.78
CA LEU D 113 5.23 -20.74 18.67
C LEU D 113 4.34 -21.83 19.30
N ILE D 114 4.36 -21.91 20.62
CA ILE D 114 3.62 -22.91 21.36
C ILE D 114 2.60 -22.23 22.24
N VAL D 115 1.36 -22.69 22.15
CA VAL D 115 0.28 -22.11 22.92
C VAL D 115 -0.24 -23.16 23.90
N ILE D 116 -0.25 -22.83 25.17
CA ILE D 116 -0.76 -23.76 26.19
C ILE D 116 -2.16 -23.31 26.56
N GLU D 117 -3.16 -24.05 26.10
CA GLU D 117 -4.55 -23.66 26.28
C GLU D 117 -5.04 -24.35 27.53
N ALA D 118 -5.31 -23.57 28.58
CA ALA D 118 -5.72 -24.15 29.85
C ALA D 118 -6.44 -23.17 30.75
N ALA D 119 -7.69 -23.46 31.03
CA ALA D 119 -8.42 -22.72 32.02
C ALA D 119 -7.61 -22.68 33.32
N LEU D 120 -7.03 -23.81 33.69
CA LEU D 120 -6.33 -23.93 34.99
C LEU D 120 -4.81 -23.71 34.88
N LEU D 121 -4.41 -22.80 34.00
CA LEU D 121 -3.03 -22.51 33.79
C LEU D 121 -2.34 -22.18 35.11
N LYS D 122 -2.92 -21.30 35.93
CA LYS D 122 -2.28 -20.95 37.21
C LYS D 122 -2.41 -22.08 38.22
N ARG D 123 -3.59 -22.63 38.38
CA ARG D 123 -3.77 -23.65 39.44
C ARG D 123 -2.83 -24.84 39.25
N GLY D 125 0.23 -24.62 37.92
CA GLY D 125 1.62 -24.18 37.82
C GLY D 125 2.16 -24.16 36.39
N LEU D 126 1.28 -24.23 35.39
CA LEU D 126 1.74 -24.18 33.98
C LEU D 126 2.14 -22.76 33.58
N ASP D 127 1.61 -21.75 34.27
CA ASP D 127 1.96 -20.37 33.97
C ASP D 127 3.47 -20.13 34.04
N GLN D 128 4.15 -20.89 34.89
CA GLN D 128 5.60 -20.75 35.05
C GLN D 128 6.39 -21.31 33.86
N LEU D 129 5.76 -22.13 33.03
CA LEU D 129 6.37 -22.59 31.79
C LEU D 129 6.21 -21.60 30.64
N CYS D 130 5.49 -20.51 30.86
CA CYS D 130 5.14 -19.57 29.78
C CYS D 130 6.02 -18.36 29.76
N ASP D 131 6.37 -17.91 28.56
CA ASP D 131 7.04 -16.64 28.35
C ASP D 131 6.07 -15.45 28.47
N HIS D 132 4.82 -15.65 28.04
CA HIS D 132 3.73 -14.68 28.26
C HIS D 132 2.47 -15.43 28.50
N VAL D 133 1.51 -14.74 29.10
CA VAL D 133 0.20 -15.28 29.35
C VAL D 133 -0.86 -14.31 28.85
N ILE D 134 -1.82 -14.85 28.10
CA ILE D 134 -3.04 -14.14 27.73
C ILE D 134 -4.17 -14.70 28.60
N THR D 135 -4.89 -13.83 29.31
CA THR D 135 -6.13 -14.25 29.96
C THR D 135 -7.29 -13.67 29.15
N VAL D 136 -8.18 -14.54 28.69
CA VAL D 136 -9.40 -14.11 28.04
C VAL D 136 -10.49 -13.93 29.10
N VAL D 137 -11.15 -12.78 29.06
CA VAL D 137 -12.26 -12.54 29.97
C VAL D 137 -13.55 -12.23 29.25
N ALA D 138 -14.66 -12.48 29.96
CA ALA D 138 -15.98 -12.24 29.44
C ALA D 138 -16.94 -12.22 30.59
N SER D 139 -18.02 -11.46 30.44
CA SER D 139 -19.03 -11.33 31.49
C SER D 139 -19.69 -12.66 31.72
N ARG D 140 -20.24 -12.81 32.91
CA ARG D 140 -20.92 -14.03 33.30
C ARG D 140 -22.14 -14.27 32.39
N GLU D 141 -22.90 -13.22 32.07
CA GLU D 141 -24.06 -13.42 31.21
C GLU D 141 -23.60 -13.88 29.81
N THR D 142 -22.51 -13.33 29.31
CA THR D 142 -21.96 -13.74 28.01
C THR D 142 -21.55 -15.25 28.04
N ILE D 143 -20.88 -15.62 29.11
CA ILE D 143 -20.43 -16.98 29.30
C ILE D 143 -21.59 -17.97 29.32
N LEU D 144 -22.66 -17.64 30.04
CA LEU D 144 -23.80 -18.54 30.16
C LEU D 144 -24.57 -18.70 28.84
N LYS D 145 -24.67 -17.66 28.01
CA LYS D 145 -25.35 -17.79 26.72
C LYS D 145 -24.58 -18.76 25.81
N ARG D 146 -23.26 -18.84 26.01
CA ARG D 146 -22.36 -19.62 25.12
C ARG D 146 -22.14 -21.09 25.50
N ASN D 147 -22.09 -21.40 26.79
CA ASN D 147 -21.75 -22.74 27.28
C ASN D 147 -22.71 -23.23 28.34
N ARG D 148 -23.19 -24.46 28.20
CA ARG D 148 -24.26 -24.94 29.08
C ARG D 148 -23.74 -25.53 30.38
N GLU D 149 -22.50 -25.97 30.38
CA GLU D 149 -21.83 -26.46 31.58
C GLU D 149 -21.32 -25.33 32.50
N ALA D 150 -21.40 -24.10 32.03
CA ALA D 150 -20.75 -22.99 32.73
C ALA D 150 -21.40 -22.69 34.07
N ASP D 151 -22.72 -22.73 34.13
CA ASP D 151 -23.41 -22.51 35.39
C ASP D 151 -22.78 -23.34 36.50
N ARG D 152 -22.58 -24.63 36.22
CA ARG D 152 -22.06 -25.58 37.20
C ARG D 152 -20.58 -25.45 37.48
N ARG D 153 -19.81 -25.20 36.44
CA ARG D 153 -18.34 -25.25 36.59
C ARG D 153 -17.71 -23.94 37.02
N LEU D 154 -18.38 -22.83 36.78
CA LEU D 154 -17.87 -21.53 37.20
C LEU D 154 -17.65 -21.45 38.68
N LYS D 155 -18.53 -22.09 39.46
CA LYS D 155 -18.41 -22.18 40.92
C LYS D 155 -17.02 -22.70 41.32
N PHE D 156 -16.41 -23.54 40.48
CA PHE D 156 -15.08 -24.08 40.75
C PHE D 156 -13.93 -23.33 40.02
N GLN D 157 -14.20 -22.11 39.57
CA GLN D 157 -13.23 -21.32 38.82
C GLN D 157 -12.99 -19.94 39.39
N GLU D 158 -13.41 -19.70 40.63
CA GLU D 158 -13.23 -18.38 41.26
C GLU D 158 -11.76 -17.98 41.38
N ASP D 159 -10.86 -18.95 41.42
CA ASP D 159 -9.43 -18.63 41.51
C ASP D 159 -8.76 -18.30 40.14
N ILE D 160 -9.54 -18.37 39.05
CA ILE D 160 -9.01 -18.06 37.74
C ILE D 160 -9.18 -16.54 37.52
N VAL D 161 -8.16 -15.80 37.92
CA VAL D 161 -8.21 -14.35 37.90
C VAL D 161 -7.38 -13.88 36.71
N PRO D 162 -7.65 -12.69 36.19
CA PRO D 162 -6.83 -12.15 35.09
C PRO D 162 -5.34 -12.10 35.41
N GLN D 163 -4.53 -12.58 34.47
CA GLN D 163 -3.09 -12.44 34.56
C GLN D 163 -2.43 -12.24 33.18
N GLY D 164 -1.29 -11.59 33.15
CA GLY D 164 -0.62 -11.25 31.92
C GLY D 164 -1.43 -10.22 31.17
N ILE D 165 -1.71 -10.52 29.90
CA ILE D 165 -2.38 -9.61 28.99
C ILE D 165 -3.84 -9.99 28.91
N VAL D 166 -4.71 -9.09 29.36
CA VAL D 166 -6.14 -9.39 29.38
C VAL D 166 -6.73 -9.02 28.02
N VAL D 167 -7.40 -10.00 27.41
CA VAL D 167 -8.12 -9.84 26.18
C VAL D 167 -9.62 -10.07 26.41
N ALA D 168 -10.39 -8.99 26.45
CA ALA D 168 -11.85 -9.08 26.67
C ALA D 168 -12.52 -9.53 25.39
N ASN D 169 -13.42 -10.50 25.55
CA ASN D 169 -14.14 -11.10 24.42
C ASN D 169 -15.64 -10.98 24.63
N ASN D 170 -16.13 -9.76 24.64
CA ASN D 170 -17.52 -9.50 24.93
C ASN D 170 -18.19 -8.83 23.75
N SER D 171 -17.61 -8.89 22.56
CA SER D 171 -18.32 -8.44 21.36
C SER D 171 -18.17 -9.45 20.24
N THR D 172 -17.71 -9.05 19.06
CA THR D 172 -17.68 -9.92 17.90
C THR D 172 -16.38 -10.70 17.79
N LEU D 173 -16.40 -11.72 16.93
CA LEU D 173 -15.23 -12.48 16.59
C LEU D 173 -14.22 -11.62 15.90
N GLU D 174 -14.68 -10.76 15.00
CA GLU D 174 -13.78 -9.85 14.26
C GLU D 174 -13.06 -8.96 15.25
N ASP D 175 -13.77 -8.45 16.25
CA ASP D 175 -13.14 -7.64 17.32
C ASP D 175 -12.11 -8.45 18.12
N LEU D 176 -12.42 -9.73 18.40
CA LEU D 176 -11.44 -10.63 19.05
C LEU D 176 -10.20 -10.83 18.16
N GLU D 177 -10.41 -11.03 16.86
CA GLU D 177 -9.31 -11.17 15.91
C GLU D 177 -8.41 -9.93 15.93
N LYS D 178 -8.99 -8.73 15.94
CA LYS D 178 -8.19 -7.50 16.03
C LYS D 178 -7.35 -7.50 17.33
N LYS D 179 -7.94 -7.82 18.45
CA LYS D 179 -7.23 -7.80 19.72
C LYS D 179 -6.08 -8.83 19.77
N VAL D 180 -6.31 -10.00 19.20
CA VAL D 180 -5.31 -11.03 19.19
C VAL D 180 -4.13 -10.58 18.33
N GLU D 181 -4.44 -9.93 17.20
CA GLU D 181 -3.40 -9.38 16.33
C GLU D 181 -2.54 -8.35 17.07
N GLU D 182 -3.21 -7.47 17.83
CA GLU D 182 -2.50 -6.44 18.61
C GLU D 182 -1.61 -7.05 19.68
N VAL D 183 -2.06 -8.11 20.32
CA VAL D 183 -1.24 -8.80 21.29
C VAL D 183 -0.03 -9.47 20.60
N LYS D 185 1.41 -8.53 17.86
CA LYS D 185 2.37 -7.46 17.51
C LYS D 185 3.27 -7.15 18.72
N LEU D 186 2.72 -7.21 19.92
CA LEU D 186 3.50 -6.92 21.09
C LEU D 186 4.59 -7.96 21.35
N VAL D 187 4.23 -9.24 21.25
CA VAL D 187 5.06 -10.28 21.81
C VAL D 187 5.74 -11.12 20.78
N TRP D 188 5.53 -10.83 19.50
CA TRP D 188 5.98 -11.72 18.41
C TRP D 188 6.58 -10.89 17.29
N HIS E 10 18.25 2.11 14.88
CA HIS E 10 18.67 0.86 14.14
C HIS E 10 19.86 0.09 14.78
N HIS E 11 19.55 -0.98 15.53
CA HIS E 11 20.55 -1.79 16.23
C HIS E 11 21.06 -2.87 15.28
N HIS E 12 22.39 -2.95 15.15
CA HIS E 12 23.03 -3.84 14.17
C HIS E 12 24.43 -4.20 14.59
N VAL E 14 28.14 -4.89 12.51
CA VAL E 14 28.80 -4.76 11.22
C VAL E 14 30.10 -5.54 11.23
N ILE E 15 30.22 -6.46 10.27
CA ILE E 15 31.41 -7.26 10.11
C ILE E 15 31.96 -7.03 8.75
N GLY E 16 33.21 -6.62 8.68
CA GLY E 16 33.86 -6.44 7.40
C GLY E 16 34.50 -7.73 6.96
N VAL E 17 34.37 -8.02 5.66
CA VAL E 17 34.97 -9.19 5.08
C VAL E 17 35.86 -8.70 3.96
N THR E 18 37.16 -8.84 4.17
CA THR E 18 38.11 -8.39 3.19
C THR E 18 39.07 -9.50 2.85
N GLY E 19 40.07 -9.16 2.05
CA GLY E 19 41.03 -10.13 1.53
C GLY E 19 41.28 -9.88 0.06
N LYS E 20 42.42 -10.36 -0.44
CA LYS E 20 42.75 -10.14 -1.82
C LYS E 20 41.75 -10.84 -2.72
N ILE E 21 41.80 -10.49 -3.99
CA ILE E 21 40.97 -11.12 -5.03
C ILE E 21 41.16 -12.63 -5.09
N GLY E 22 40.02 -13.33 -5.21
CA GLY E 22 40.02 -14.79 -5.38
C GLY E 22 40.23 -15.61 -4.13
N THR E 23 40.34 -14.95 -2.98
CA THR E 23 40.61 -15.62 -1.71
C THR E 23 39.38 -16.28 -1.16
N GLY E 24 38.21 -15.69 -1.41
CA GLY E 24 36.96 -16.29 -0.95
C GLY E 24 35.98 -15.43 -0.20
N LYS E 25 36.08 -14.12 -0.34
CA LYS E 25 35.15 -13.16 0.27
C LYS E 25 33.67 -13.42 -0.12
N SER E 26 33.38 -13.55 -1.41
CA SER E 26 31.99 -13.82 -1.85
C SER E 26 31.45 -15.12 -1.28
N THR E 27 32.33 -16.09 -1.19
CA THR E 27 31.96 -17.39 -0.71
C THR E 27 31.65 -17.34 0.79
N VAL E 28 32.52 -16.72 1.57
CA VAL E 28 32.23 -16.47 2.97
C VAL E 28 30.93 -15.65 3.10
N CYS E 29 30.80 -14.59 2.34
CA CYS E 29 29.61 -13.73 2.45
C CYS E 29 28.34 -14.49 2.11
N GLU E 30 28.37 -15.36 1.10
CA GLU E 30 27.18 -16.19 0.82
C GLU E 30 26.83 -17.05 2.01
N ILE E 31 27.82 -17.59 2.68
CA ILE E 31 27.57 -18.40 3.86
C ILE E 31 26.91 -17.57 4.94
N LEU E 32 27.51 -16.44 5.26
CA LEU E 32 26.96 -15.54 6.26
C LEU E 32 25.53 -15.14 5.94
N LYS E 33 25.26 -14.87 4.67
CA LYS E 33 23.91 -14.48 4.23
C LYS E 33 22.95 -15.63 4.40
N ASN E 34 23.34 -16.80 3.94
CA ASN E 34 22.45 -17.94 3.89
C ASN E 34 22.26 -18.65 5.22
N LYS E 35 23.32 -18.78 5.99
CA LYS E 35 23.20 -19.49 7.26
C LYS E 35 22.90 -18.54 8.38
N TYR E 36 23.49 -17.34 8.38
CA TYR E 36 23.39 -16.45 9.54
C TYR E 36 22.51 -15.22 9.31
N GLY E 37 21.93 -15.09 8.13
CA GLY E 37 20.99 -14.00 7.87
C GLY E 37 21.63 -12.66 7.63
N ALA E 38 22.91 -12.64 7.27
CA ALA E 38 23.57 -11.36 7.06
C ALA E 38 22.94 -10.58 5.89
N HIS E 39 22.92 -9.26 6.05
CA HIS E 39 22.70 -8.36 4.93
C HIS E 39 24.08 -8.04 4.35
N VAL E 40 24.32 -8.50 3.14
CA VAL E 40 25.61 -8.35 2.49
C VAL E 40 25.65 -7.06 1.66
N VAL E 41 26.56 -6.14 2.03
CA VAL E 41 26.80 -4.94 1.29
C VAL E 41 27.98 -5.21 0.36
N ASN E 42 27.68 -5.49 -0.90
CA ASN E 42 28.66 -5.73 -1.96
C ASN E 42 29.26 -4.41 -2.42
N VAL E 43 30.43 -4.09 -1.94
CA VAL E 43 30.99 -2.80 -2.24
C VAL E 43 31.39 -2.68 -3.73
N ASP E 44 31.78 -3.78 -4.36
CA ASP E 44 32.04 -3.72 -5.80
C ASP E 44 30.82 -3.22 -6.57
N ARG E 45 29.65 -3.78 -6.29
CA ARG E 45 28.39 -3.40 -6.95
C ARG E 45 28.08 -1.91 -6.72
N ILE E 46 28.27 -1.46 -5.50
CA ILE E 46 28.08 -0.06 -5.16
C ILE E 46 29.01 0.78 -6.02
N GLY E 47 30.23 0.31 -6.20
CA GLY E 47 31.17 0.93 -7.12
C GLY E 47 30.62 1.09 -8.52
N HIS E 48 29.97 0.05 -9.02
CA HIS E 48 29.40 0.07 -10.39
C HIS E 48 28.31 1.11 -10.51
N GLU E 49 27.52 1.30 -9.45
CA GLU E 49 26.45 2.30 -9.45
C GLU E 49 27.03 3.72 -9.42
N VAL E 50 28.07 3.90 -8.62
CA VAL E 50 28.74 5.18 -8.53
C VAL E 50 29.42 5.58 -9.86
N LEU E 51 29.98 4.61 -10.57
CA LEU E 51 30.58 4.90 -11.88
C LEU E 51 29.60 5.58 -12.81
N GLU E 52 28.37 5.07 -12.84
CA GLU E 52 27.33 5.67 -13.67
C GLU E 52 27.01 7.09 -13.26
N GLU E 53 27.15 7.41 -11.97
CA GLU E 53 26.90 8.76 -11.46
C GLU E 53 27.98 9.75 -11.83
N VAL E 54 29.19 9.30 -12.18
CA VAL E 54 30.28 10.22 -12.49
C VAL E 54 30.78 10.09 -13.93
N LYS E 55 29.89 9.69 -14.83
CA LYS E 55 30.24 9.54 -16.24
C LYS E 55 31.07 10.71 -16.77
N GLU E 56 30.61 11.94 -16.54
CA GLU E 56 31.24 13.12 -17.13
C GLU E 56 32.66 13.26 -16.63
N LYS E 57 32.84 13.10 -15.33
CA LYS E 57 34.17 13.22 -14.72
C LYS E 57 35.15 12.13 -15.20
N LEU E 58 34.65 10.90 -15.36
CA LEU E 58 35.44 9.80 -15.92
C LEU E 58 35.95 10.13 -17.30
N VAL E 59 35.06 10.68 -18.13
CA VAL E 59 35.41 11.04 -19.49
C VAL E 59 36.49 12.10 -19.43
N GLU E 60 36.30 13.10 -18.58
CA GLU E 60 37.29 14.16 -18.40
C GLU E 60 38.64 13.59 -17.94
N LEU E 61 38.64 12.55 -17.11
CA LEU E 61 39.90 11.92 -16.65
C LEU E 61 40.55 10.97 -17.66
N PHE E 62 39.76 10.10 -18.29
CA PHE E 62 40.30 8.98 -19.08
C PHE E 62 39.95 8.95 -20.59
N GLY E 63 39.24 9.97 -21.06
CA GLY E 63 38.81 10.02 -22.46
C GLY E 63 37.49 9.30 -22.73
N GLY E 64 37.00 9.47 -23.95
CA GLY E 64 35.75 8.85 -24.39
C GLY E 64 35.79 7.33 -24.52
N SER E 65 36.99 6.74 -24.58
CA SER E 65 37.15 5.27 -24.65
C SER E 65 36.39 4.49 -23.55
N VAL E 66 36.01 5.15 -22.44
CA VAL E 66 35.33 4.50 -21.32
C VAL E 66 33.77 4.48 -21.32
N LEU E 67 33.11 5.21 -22.25
CA LEU E 67 31.63 5.09 -22.46
C LEU E 67 31.28 4.30 -23.73
N GLU E 68 30.22 3.47 -23.65
CA GLU E 68 29.89 2.48 -24.70
C GLU E 68 28.56 2.74 -25.43
N ASP E 69 27.42 2.71 -24.74
CA ASP E 69 26.20 3.32 -25.33
C ASP E 69 25.41 3.95 -24.19
N GLY E 70 25.91 5.10 -23.72
CA GLY E 70 25.36 5.77 -22.55
C GLY E 70 25.67 5.08 -21.23
N LYS E 71 26.53 4.06 -21.24
CA LYS E 71 26.89 3.35 -20.02
C LYS E 71 28.40 3.22 -19.95
N VAL E 72 28.98 3.45 -18.78
CA VAL E 72 30.41 3.22 -18.56
C VAL E 72 30.78 1.78 -18.94
N ASN E 73 31.89 1.59 -19.65
CA ASN E 73 32.37 0.26 -20.02
C ASN E 73 33.50 -0.16 -19.09
N ARG E 74 33.17 -1.02 -18.12
CA ARG E 74 34.14 -1.38 -17.10
C ARG E 74 35.35 -2.13 -17.64
N LYS E 75 35.16 -2.92 -18.71
CA LYS E 75 36.28 -3.65 -19.31
C LYS E 75 37.30 -2.67 -19.82
N LYS E 76 36.83 -1.69 -20.60
CA LYS E 76 37.73 -0.68 -21.16
C LYS E 76 38.37 0.16 -20.06
N LEU E 77 37.60 0.45 -19.02
CA LEU E 77 38.08 1.30 -17.92
C LEU E 77 39.19 0.55 -17.14
N ALA E 78 38.93 -0.72 -16.82
CA ALA E 78 39.94 -1.62 -16.24
C ALA E 78 41.20 -1.67 -17.10
N GLY E 79 41.01 -1.79 -18.42
CA GLY E 79 42.13 -1.79 -19.34
C GLY E 79 43.08 -0.61 -19.09
N ILE E 80 42.49 0.54 -18.77
CA ILE E 80 43.23 1.77 -18.52
C ILE E 80 43.81 1.80 -17.13
N VAL E 81 42.97 1.65 -16.11
CA VAL E 81 43.41 1.89 -14.74
C VAL E 81 44.36 0.83 -14.24
N PHE E 82 44.21 -0.43 -14.66
CA PHE E 82 45.08 -1.48 -14.14
C PHE E 82 46.39 -1.64 -14.91
N GLU E 83 46.73 -0.64 -15.72
CA GLU E 83 48.04 -0.59 -16.37
C GLU E 83 48.92 0.45 -15.65
N SER E 84 48.36 1.24 -14.74
CA SER E 84 49.11 2.29 -14.05
C SER E 84 48.56 2.63 -12.64
N ARG E 85 49.46 2.71 -11.66
CA ARG E 85 49.11 3.14 -10.28
C ARG E 85 48.55 4.56 -10.26
N GLU E 86 49.15 5.42 -11.08
CA GLU E 86 48.71 6.81 -11.20
C GLU E 86 47.25 6.85 -11.67
N ASN E 87 46.90 6.13 -12.72
CA ASN E 87 45.52 6.16 -13.21
C ASN E 87 44.54 5.55 -12.23
N LEU E 88 44.94 4.46 -11.59
CA LEU E 88 44.11 3.84 -10.59
C LEU E 88 43.82 4.83 -9.43
N LYS E 89 44.84 5.54 -8.96
CA LYS E 89 44.58 6.47 -7.85
C LYS E 89 43.64 7.61 -8.31
N LYS E 90 43.71 8.02 -9.58
CA LYS E 90 42.76 9.04 -10.09
C LYS E 90 41.32 8.55 -9.96
N LEU E 91 41.08 7.29 -10.33
CA LEU E 91 39.74 6.72 -10.26
C LEU E 91 39.25 6.58 -8.83
N GLU E 92 40.15 6.10 -7.96
CA GLU E 92 39.88 5.94 -6.54
C GLU E 92 39.52 7.23 -5.85
N LEU E 93 40.27 8.29 -6.13
CA LEU E 93 39.97 9.60 -5.54
C LEU E 93 38.60 10.08 -5.96
N LEU E 94 38.17 9.70 -7.17
CA LEU E 94 36.85 10.12 -7.66
C LEU E 94 35.71 9.33 -7.00
N VAL E 95 35.83 8.01 -6.98
CA VAL E 95 34.70 7.15 -6.60
C VAL E 95 34.64 6.66 -5.14
N HIS E 96 35.78 6.49 -4.49
CA HIS E 96 35.79 5.97 -3.10
C HIS E 96 35.03 6.80 -2.04
N PRO E 97 35.20 8.13 -2.02
CA PRO E 97 34.34 8.93 -1.13
C PRO E 97 32.82 8.73 -1.31
N LEU E 98 32.33 8.74 -2.56
CA LEU E 98 30.92 8.47 -2.82
C LEU E 98 30.50 7.07 -2.39
N LYS E 100 31.88 5.17 0.00
CA LYS E 100 31.86 5.15 1.47
C LYS E 100 30.58 5.78 2.01
N LYS E 101 30.17 6.93 1.45
CA LYS E 101 28.93 7.60 1.88
C LYS E 101 27.76 6.64 1.68
N ARG E 102 27.76 5.92 0.55
CA ARG E 102 26.68 4.98 0.22
C ARG E 102 26.66 3.81 1.21
N VAL E 103 27.84 3.29 1.56
CA VAL E 103 27.94 2.21 2.56
C VAL E 103 27.40 2.67 3.92
N GLN E 104 27.89 3.81 4.40
CA GLN E 104 27.39 4.39 5.65
C GLN E 104 25.86 4.50 5.69
N GLU E 105 25.30 4.99 4.59
CA GLU E 105 23.88 5.19 4.46
C GLU E 105 23.12 3.87 4.62
N ILE E 106 23.61 2.80 4.00
CA ILE E 106 23.01 1.46 4.12
C ILE E 106 23.10 0.95 5.55
N ILE E 107 24.28 1.06 6.16
CA ILE E 107 24.45 0.70 7.57
C ILE E 107 23.40 1.43 8.44
N ASN E 108 23.24 2.73 8.26
CA ASN E 108 22.30 3.50 9.10
C ASN E 108 20.86 3.06 9.02
N LYS E 109 20.46 2.53 7.86
CA LYS E 109 19.07 2.19 7.57
C LYS E 109 18.79 0.67 7.71
N THR E 110 19.76 -0.08 8.24
CA THR E 110 19.67 -1.54 8.30
C THR E 110 19.96 -2.11 9.69
N SER E 111 19.11 -3.04 10.10
CA SER E 111 19.24 -3.70 11.39
C SER E 111 19.84 -5.10 11.22
N GLY E 112 20.29 -5.67 12.34
CA GLY E 112 20.73 -7.05 12.38
C GLY E 112 22.16 -7.18 11.94
N LEU E 113 22.50 -8.33 11.38
CA LEU E 113 23.87 -8.62 10.99
C LEU E 113 24.16 -8.05 9.60
N ILE E 114 25.14 -7.17 9.52
CA ILE E 114 25.51 -6.52 8.28
C ILE E 114 26.93 -6.91 7.96
N VAL E 115 27.16 -7.32 6.71
CA VAL E 115 28.45 -7.73 6.24
C VAL E 115 28.91 -6.79 5.14
N ILE E 116 30.09 -6.21 5.30
CA ILE E 116 30.63 -5.31 4.31
C ILE E 116 31.70 -6.05 3.55
N GLU E 117 31.37 -6.44 2.33
CA GLU E 117 32.23 -7.25 1.53
C GLU E 117 33.05 -6.32 0.70
N ALA E 118 34.35 -6.27 0.95
CA ALA E 118 35.24 -5.41 0.18
C ALA E 118 36.72 -5.76 0.28
N ALA E 119 37.29 -6.06 -0.87
CA ALA E 119 38.71 -6.22 -0.96
C ALA E 119 39.41 -5.01 -0.33
N LEU E 120 38.93 -3.81 -0.61
CA LEU E 120 39.64 -2.61 -0.19
C LEU E 120 39.07 -2.00 1.09
N LEU E 121 38.69 -2.87 2.01
CA LEU E 121 38.13 -2.44 3.26
C LEU E 121 39.03 -1.42 3.93
N LYS E 122 40.31 -1.73 4.06
CA LYS E 122 41.21 -0.81 4.75
C LYS E 122 41.42 0.43 3.91
N ARG E 123 41.77 0.26 2.65
CA ARG E 123 42.16 1.39 1.84
C ARG E 123 41.07 2.45 1.78
N GLY E 125 38.94 3.09 4.24
CA GLY E 125 38.55 3.47 5.60
C GLY E 125 37.20 2.87 6.01
N LEU E 126 36.76 1.81 5.33
CA LEU E 126 35.55 1.14 5.71
C LEU E 126 35.71 0.29 6.98
N ASP E 127 36.92 -0.20 7.24
CA ASP E 127 37.19 -0.99 8.46
C ASP E 127 36.79 -0.22 9.74
N GLN E 128 36.87 1.10 9.71
CA GLN E 128 36.41 1.90 10.82
C GLN E 128 34.92 1.78 11.10
N LEU E 129 34.13 1.42 10.13
CA LEU E 129 32.70 1.22 10.33
C LEU E 129 32.34 -0.16 10.89
N CYS E 130 33.32 -1.01 11.07
CA CYS E 130 33.09 -2.39 11.41
C CYS E 130 33.32 -2.71 12.88
N ASP E 131 32.45 -3.51 13.46
CA ASP E 131 32.67 -4.04 14.82
C ASP E 131 33.74 -5.13 14.83
N HIS E 132 33.78 -5.94 13.78
CA HIS E 132 34.80 -6.95 13.63
C HIS E 132 35.16 -7.01 12.16
N VAL E 133 36.35 -7.51 11.88
CA VAL E 133 36.82 -7.70 10.54
C VAL E 133 37.30 -9.13 10.41
N ILE E 134 36.89 -9.78 9.31
CA ILE E 134 37.42 -11.06 8.89
C ILE E 134 38.30 -10.78 7.66
N THR E 135 39.52 -11.29 7.63
CA THR E 135 40.32 -11.27 6.38
C THR E 135 40.46 -12.68 5.86
N VAL E 136 40.00 -12.92 4.63
CA VAL E 136 40.15 -14.22 4.03
C VAL E 136 41.47 -14.25 3.31
N VAL E 137 42.25 -15.30 3.54
CA VAL E 137 43.55 -15.42 2.87
C VAL E 137 43.65 -16.74 2.11
N ALA E 138 44.56 -16.74 1.14
CA ALA E 138 44.82 -17.92 0.31
C ALA E 138 46.06 -17.67 -0.50
N SER E 139 46.76 -18.74 -0.78
CA SER E 139 48.05 -18.67 -1.47
C SER E 139 47.84 -18.12 -2.88
N ARG E 140 48.91 -17.55 -3.43
CA ARG E 140 48.89 -17.01 -4.75
C ARG E 140 48.54 -18.10 -5.76
N GLU E 141 49.10 -19.31 -5.62
CA GLU E 141 48.78 -20.38 -6.60
C GLU E 141 47.28 -20.74 -6.52
N THR E 142 46.71 -20.75 -5.32
CA THR E 142 45.28 -21.01 -5.17
C THR E 142 44.46 -19.92 -5.86
N ILE E 143 44.85 -18.68 -5.64
CA ILE E 143 44.11 -17.55 -6.18
C ILE E 143 44.11 -17.62 -7.70
N LEU E 144 45.29 -17.88 -8.29
CA LEU E 144 45.44 -17.94 -9.74
C LEU E 144 44.69 -19.08 -10.42
N LYS E 145 44.57 -20.22 -9.76
CA LYS E 145 43.73 -21.31 -10.29
C LYS E 145 42.26 -20.92 -10.28
N ARG E 146 41.84 -20.01 -9.40
CA ARG E 146 40.42 -19.67 -9.26
C ARG E 146 39.96 -18.51 -10.11
N ASN E 147 40.86 -17.55 -10.39
CA ASN E 147 40.48 -16.29 -11.05
C ASN E 147 41.51 -15.85 -12.06
N ARG E 148 41.04 -15.46 -13.25
CA ARG E 148 41.91 -15.16 -14.41
C ARG E 148 42.46 -13.73 -14.38
N GLU E 149 41.68 -12.82 -13.82
CA GLU E 149 42.08 -11.43 -13.62
C GLU E 149 43.13 -11.27 -12.51
N ALA E 150 43.34 -12.29 -11.69
CA ALA E 150 44.05 -12.07 -10.44
C ALA E 150 45.49 -11.72 -10.75
N ASP E 151 46.05 -12.35 -11.75
CA ASP E 151 47.40 -12.03 -12.14
C ASP E 151 47.60 -10.51 -12.20
N ARG E 152 46.71 -9.85 -12.96
CA ARG E 152 46.81 -8.42 -13.24
C ARG E 152 46.51 -7.55 -12.02
N ARG E 153 45.50 -7.92 -11.25
CA ARG E 153 45.00 -7.05 -10.20
C ARG E 153 45.65 -7.20 -8.83
N LEU E 154 46.27 -8.36 -8.59
CA LEU E 154 47.02 -8.57 -7.35
C LEU E 154 48.18 -7.57 -7.23
N LYS E 155 48.78 -7.18 -8.36
CA LYS E 155 49.86 -6.20 -8.33
C LYS E 155 49.40 -4.92 -7.63
N PHE E 156 48.11 -4.64 -7.65
CA PHE E 156 47.56 -3.44 -7.03
C PHE E 156 46.90 -3.70 -5.69
N GLN E 157 47.23 -4.83 -5.04
CA GLN E 157 46.62 -5.23 -3.77
C GLN E 157 47.63 -5.55 -2.67
N GLU E 158 48.89 -5.18 -2.88
CA GLU E 158 49.96 -5.44 -1.91
C GLU E 158 49.66 -4.84 -0.52
N ASP E 159 48.84 -3.80 -0.46
CA ASP E 159 48.49 -3.17 0.84
C ASP E 159 47.30 -3.87 1.53
N ILE E 160 46.72 -4.90 0.92
CA ILE E 160 45.63 -5.62 1.55
C ILE E 160 46.23 -6.73 2.40
N VAL E 161 46.51 -6.40 3.65
CA VAL E 161 47.22 -7.31 4.54
C VAL E 161 46.23 -7.84 5.56
N PRO E 162 46.52 -8.99 6.15
CA PRO E 162 45.63 -9.58 7.15
C PRO E 162 45.31 -8.68 8.30
N GLN E 163 44.02 -8.58 8.62
CA GLN E 163 43.55 -7.77 9.69
C GLN E 163 42.30 -8.44 10.33
N GLY E 164 42.13 -8.25 11.65
CA GLY E 164 41.10 -8.88 12.42
C GLY E 164 41.36 -10.37 12.51
N ILE E 165 40.34 -11.16 12.15
CA ILE E 165 40.34 -12.61 12.29
C ILE E 165 40.64 -13.18 10.93
N VAL E 166 41.74 -13.90 10.87
CA VAL E 166 42.21 -14.46 9.63
C VAL E 166 41.56 -15.83 9.41
N VAL E 167 40.91 -15.99 8.26
CA VAL E 167 40.30 -17.21 7.82
C VAL E 167 41.02 -17.74 6.57
N ALA E 168 41.88 -18.73 6.73
CA ALA E 168 42.54 -19.35 5.58
C ALA E 168 41.57 -20.21 4.77
N ASN E 169 41.55 -19.99 3.46
CA ASN E 169 40.67 -20.70 2.54
C ASN E 169 41.47 -21.41 1.49
N ASN E 170 42.30 -22.35 1.90
CA ASN E 170 43.18 -23.08 1.00
C ASN E 170 42.83 -24.55 0.86
N SER E 171 41.67 -24.97 1.34
CA SER E 171 41.25 -26.33 1.13
C SER E 171 39.80 -26.34 0.62
N THR E 172 38.92 -27.10 1.27
CA THR E 172 37.57 -27.35 0.77
C THR E 172 36.55 -26.31 1.28
N LEU E 173 35.43 -26.22 0.58
CA LEU E 173 34.31 -25.38 1.00
C LEU E 173 33.77 -25.78 2.37
N GLU E 174 33.65 -27.08 2.58
CA GLU E 174 33.22 -27.59 3.88
C GLU E 174 34.19 -27.13 4.99
N ASP E 175 35.49 -27.13 4.74
CA ASP E 175 36.44 -26.64 5.76
C ASP E 175 36.23 -25.17 5.98
N LEU E 176 35.98 -24.41 4.91
CA LEU E 176 35.71 -22.98 5.04
C LEU E 176 34.44 -22.77 5.87
N GLU E 177 33.39 -23.56 5.61
CA GLU E 177 32.14 -23.45 6.34
C GLU E 177 32.38 -23.70 7.84
N LYS E 178 33.22 -24.67 8.17
CA LYS E 178 33.50 -24.95 9.59
C LYS E 178 34.21 -23.74 10.20
N LYS E 179 35.14 -23.15 9.47
CA LYS E 179 35.87 -22.00 9.99
C LYS E 179 34.96 -20.78 10.18
N VAL E 180 34.05 -20.56 9.24
CA VAL E 180 33.16 -19.44 9.29
C VAL E 180 32.26 -19.60 10.50
N GLU E 181 31.81 -20.83 10.76
CA GLU E 181 30.99 -21.12 11.93
C GLU E 181 31.75 -20.86 13.24
N GLU E 182 33.00 -21.28 13.32
CA GLU E 182 33.81 -21.01 14.52
C GLU E 182 33.98 -19.51 14.76
N VAL E 183 34.15 -18.72 13.72
CA VAL E 183 34.26 -17.27 13.89
C VAL E 183 32.94 -16.68 14.36
N LYS E 185 30.64 -18.18 16.11
CA LYS E 185 30.50 -18.55 17.52
C LYS E 185 31.25 -17.52 18.39
N LEU E 186 32.36 -16.99 17.90
CA LEU E 186 33.11 -16.01 18.69
C LEU E 186 32.44 -14.65 18.80
N VAL E 187 31.88 -14.17 17.69
CA VAL E 187 31.44 -12.78 17.62
C VAL E 187 29.94 -12.57 17.70
N TRP E 188 29.15 -13.61 18.00
CA TRP E 188 27.70 -13.63 17.66
C TRP E 188 26.99 -14.90 18.15
N HIS F 10 27.82 -6.08 -31.21
CA HIS F 10 28.00 -6.90 -29.98
C HIS F 10 27.57 -8.36 -30.19
N HIS F 11 28.55 -9.21 -30.52
CA HIS F 11 28.44 -10.68 -30.61
C HIS F 11 28.62 -11.29 -29.21
N HIS F 12 27.71 -12.18 -28.81
CA HIS F 12 27.72 -12.72 -27.45
C HIS F 12 27.06 -14.09 -27.38
N VAL F 14 24.55 -16.20 -24.62
CA VAL F 14 23.77 -16.04 -23.41
C VAL F 14 23.39 -17.39 -22.82
N ILE F 15 23.81 -17.63 -21.59
CA ILE F 15 23.53 -18.85 -20.88
C ILE F 15 22.71 -18.54 -19.64
N GLY F 16 21.52 -19.14 -19.53
CA GLY F 16 20.67 -18.97 -18.38
C GLY F 16 21.11 -19.95 -17.32
N VAL F 17 21.15 -19.49 -16.07
CA VAL F 17 21.43 -20.35 -14.96
C VAL F 17 20.27 -20.24 -13.99
N THR F 18 19.48 -21.31 -13.89
CA THR F 18 18.28 -21.29 -13.10
C THR F 18 18.28 -22.42 -12.08
N GLY F 19 17.21 -22.55 -11.33
CA GLY F 19 17.10 -23.58 -10.30
C GLY F 19 16.51 -22.98 -9.03
N LYS F 20 16.02 -23.85 -8.16
CA LYS F 20 15.37 -23.40 -6.94
C LYS F 20 16.38 -22.72 -6.03
N ILE F 21 15.87 -21.97 -5.09
CA ILE F 21 16.66 -21.32 -4.06
C ILE F 21 17.57 -22.30 -3.32
N GLY F 22 18.81 -21.89 -3.08
CA GLY F 22 19.76 -22.71 -2.34
C GLY F 22 20.42 -23.89 -3.06
N THR F 23 20.10 -24.10 -4.34
CA THR F 23 20.65 -25.19 -5.11
C THR F 23 22.10 -24.94 -5.55
N GLY F 24 22.46 -23.70 -5.86
CA GLY F 24 23.84 -23.36 -6.24
C GLY F 24 24.07 -22.43 -7.43
N LYS F 25 23.03 -21.72 -7.85
CA LYS F 25 23.11 -20.77 -8.95
C LYS F 25 24.27 -19.74 -8.76
N SER F 26 24.28 -19.05 -7.61
CA SER F 26 25.34 -18.07 -7.33
C SER F 26 26.72 -18.67 -7.44
N THR F 27 26.82 -19.90 -6.94
CA THR F 27 28.08 -20.58 -6.85
C THR F 27 28.53 -20.95 -8.26
N VAL F 28 27.61 -21.54 -9.05
CA VAL F 28 27.90 -21.79 -10.45
C VAL F 28 28.28 -20.51 -11.16
N CYS F 29 27.49 -19.45 -10.98
CA CYS F 29 27.75 -18.20 -11.67
C CYS F 29 29.10 -17.57 -11.29
N GLU F 30 29.50 -17.66 -10.02
CA GLU F 30 30.83 -17.22 -9.60
C GLU F 30 31.90 -17.97 -10.35
N ILE F 31 31.72 -19.27 -10.54
CA ILE F 31 32.68 -20.06 -11.29
C ILE F 31 32.77 -19.56 -12.73
N LEU F 32 31.63 -19.45 -13.37
CA LEU F 32 31.55 -18.95 -14.74
C LEU F 32 32.21 -17.58 -14.88
N LYS F 33 32.01 -16.73 -13.90
CA LYS F 33 32.58 -15.40 -13.90
C LYS F 33 34.11 -15.43 -13.74
N ASN F 34 34.59 -16.19 -12.77
CA ASN F 34 36.01 -16.22 -12.42
C ASN F 34 36.86 -17.08 -13.34
N LYS F 35 36.33 -18.22 -13.77
CA LYS F 35 37.09 -19.12 -14.62
C LYS F 35 36.88 -18.80 -16.11
N TYR F 36 35.65 -18.48 -16.50
CA TYR F 36 35.31 -18.40 -17.91
C TYR F 36 35.05 -16.99 -18.38
N GLY F 37 35.20 -16.02 -17.49
CA GLY F 37 35.01 -14.61 -17.86
C GLY F 37 33.56 -14.15 -18.05
N ALA F 38 32.60 -14.88 -17.55
CA ALA F 38 31.23 -14.53 -17.79
C ALA F 38 30.90 -13.14 -17.23
N HIS F 39 30.10 -12.36 -17.95
CA HIS F 39 29.41 -11.22 -17.38
C HIS F 39 28.10 -11.76 -16.77
N VAL F 40 27.98 -11.67 -15.45
CA VAL F 40 26.82 -12.22 -14.76
C VAL F 40 25.76 -11.16 -14.57
N VAL F 41 24.58 -11.39 -15.12
CA VAL F 41 23.41 -10.58 -14.86
C VAL F 41 22.60 -11.20 -13.68
N ASN F 42 22.78 -10.57 -12.52
CA ASN F 42 22.07 -10.99 -11.32
C ASN F 42 20.66 -10.45 -11.37
N VAL F 43 19.72 -11.27 -11.75
CA VAL F 43 18.37 -10.80 -11.92
C VAL F 43 17.72 -10.38 -10.57
N ASP F 44 18.08 -10.99 -9.44
CA ASP F 44 17.59 -10.53 -8.16
C ASP F 44 17.97 -9.09 -7.86
N ARG F 45 19.25 -8.73 -8.05
CA ARG F 45 19.74 -7.35 -7.87
C ARG F 45 18.97 -6.35 -8.78
N ILE F 46 18.76 -6.72 -10.04
CA ILE F 46 17.96 -5.91 -10.96
C ILE F 46 16.54 -5.66 -10.43
N GLY F 47 15.97 -6.71 -9.83
CA GLY F 47 14.70 -6.64 -9.08
C GLY F 47 14.74 -5.56 -8.01
N HIS F 48 15.83 -5.53 -7.24
CA HIS F 48 15.99 -4.55 -6.15
C HIS F 48 15.98 -3.12 -6.68
N GLU F 49 16.62 -2.91 -7.82
CA GLU F 49 16.66 -1.58 -8.45
C GLU F 49 15.29 -1.19 -8.95
N VAL F 50 14.59 -2.13 -9.56
CA VAL F 50 13.24 -1.89 -10.06
C VAL F 50 12.31 -1.56 -8.90
N LEU F 51 12.44 -2.23 -7.76
CA LEU F 51 11.58 -1.90 -6.61
C LEU F 51 11.62 -0.41 -6.29
N GLU F 52 12.81 0.16 -6.26
CA GLU F 52 12.94 1.57 -5.93
C GLU F 52 12.24 2.46 -6.95
N GLU F 53 12.19 2.00 -8.19
CA GLU F 53 11.54 2.76 -9.26
C GLU F 53 10.01 2.75 -9.20
N VAL F 54 9.42 1.81 -8.47
CA VAL F 54 7.97 1.68 -8.38
C VAL F 54 7.45 1.85 -6.96
N LYS F 55 8.18 2.58 -6.13
CA LYS F 55 7.77 2.85 -4.73
C LYS F 55 6.29 3.25 -4.56
N GLU F 56 5.82 4.17 -5.39
CA GLU F 56 4.47 4.67 -5.28
C GLU F 56 3.42 3.58 -5.56
N LYS F 57 3.64 2.78 -6.61
CA LYS F 57 2.72 1.68 -6.93
C LYS F 57 2.77 0.58 -5.86
N LEU F 58 3.94 0.30 -5.30
CA LEU F 58 4.06 -0.64 -4.18
C LEU F 58 3.22 -0.19 -2.97
N VAL F 59 3.30 1.09 -2.66
CA VAL F 59 2.55 1.59 -1.54
C VAL F 59 1.05 1.50 -1.82
N GLU F 60 0.64 1.82 -3.04
CA GLU F 60 -0.73 1.65 -3.46
C GLU F 60 -1.18 0.19 -3.34
N LEU F 61 -0.34 -0.79 -3.70
CA LEU F 61 -0.72 -2.22 -3.60
C LEU F 61 -0.72 -2.75 -2.16
N PHE F 62 0.34 -2.45 -1.40
CA PHE F 62 0.64 -3.15 -0.15
C PHE F 62 0.66 -2.30 1.11
N GLY F 63 0.37 -1.03 0.98
CA GLY F 63 0.35 -0.14 2.13
C GLY F 63 1.69 0.48 2.43
N GLY F 64 1.67 1.42 3.38
CA GLY F 64 2.88 2.09 3.87
C GLY F 64 3.89 1.21 4.58
N SER F 65 3.46 0.05 5.09
CA SER F 65 4.38 -0.82 5.84
C SER F 65 5.66 -1.21 5.08
N VAL F 66 5.69 -1.04 3.77
CA VAL F 66 6.82 -1.52 2.94
C VAL F 66 7.87 -0.49 2.55
N LEU F 67 7.73 0.75 3.03
CA LEU F 67 8.77 1.77 2.84
C LEU F 67 9.39 2.13 4.17
N GLU F 68 10.72 2.34 4.19
CA GLU F 68 11.39 2.81 5.40
C GLU F 68 12.31 4.06 5.27
N ASP F 69 13.63 3.92 5.27
CA ASP F 69 14.50 5.11 5.41
C ASP F 69 14.57 5.88 4.09
N GLY F 70 13.39 6.16 3.52
CA GLY F 70 13.24 6.54 2.11
C GLY F 70 13.31 5.40 1.08
N LYS F 71 13.47 4.14 1.53
CA LYS F 71 13.71 3.01 0.61
C LYS F 71 12.67 1.87 0.77
N VAL F 72 12.55 1.02 -0.23
CA VAL F 72 11.70 -0.18 -0.10
C VAL F 72 12.30 -1.08 0.93
N ASN F 73 11.49 -1.56 1.86
CA ASN F 73 12.02 -2.46 2.88
C ASN F 73 11.69 -3.87 2.45
N ARG F 74 12.68 -4.57 1.91
CA ARG F 74 12.45 -5.89 1.35
C ARG F 74 12.05 -6.94 2.36
N LYS F 75 12.50 -6.83 3.62
CA LYS F 75 12.12 -7.79 4.66
C LYS F 75 10.62 -7.70 4.84
N LYS F 76 10.12 -6.47 5.06
CA LYS F 76 8.69 -6.27 5.29
C LYS F 76 7.89 -6.70 4.06
N LEU F 77 8.41 -6.41 2.87
CA LEU F 77 7.67 -6.71 1.65
C LEU F 77 7.55 -8.22 1.46
N ALA F 78 8.67 -8.91 1.70
CA ALA F 78 8.74 -10.37 1.71
C ALA F 78 7.77 -10.97 2.73
N GLY F 79 7.69 -10.35 3.89
CA GLY F 79 6.73 -10.75 4.90
C GLY F 79 5.32 -10.81 4.36
N ILE F 80 4.97 -9.85 3.51
CA ILE F 80 3.66 -9.75 2.89
C ILE F 80 3.49 -10.74 1.74
N VAL F 81 4.36 -10.64 0.75
CA VAL F 81 4.14 -11.37 -0.48
C VAL F 81 4.36 -12.88 -0.33
N PHE F 82 5.25 -13.32 0.56
CA PHE F 82 5.49 -14.75 0.70
C PHE F 82 4.53 -15.41 1.73
N GLU F 83 3.43 -14.72 2.05
CA GLU F 83 2.36 -15.36 2.82
C GLU F 83 1.16 -15.64 1.94
N SER F 84 1.21 -15.16 0.69
CA SER F 84 0.07 -15.21 -0.21
C SER F 84 0.49 -15.32 -1.69
N ARG F 85 -0.01 -16.30 -2.44
CA ARG F 85 0.24 -16.35 -3.89
C ARG F 85 -0.38 -15.15 -4.61
N GLU F 86 -1.55 -14.75 -4.14
CA GLU F 86 -2.26 -13.61 -4.72
C GLU F 86 -1.40 -12.36 -4.62
N ASN F 87 -0.80 -12.11 -3.45
CA ASN F 87 0.03 -10.94 -3.27
C ASN F 87 1.32 -11.05 -4.05
N LEU F 88 1.90 -12.24 -4.09
CA LEU F 88 3.12 -12.42 -4.89
C LEU F 88 2.82 -12.12 -6.35
N LYS F 89 1.68 -12.60 -6.87
CA LYS F 89 1.38 -12.37 -8.29
C LYS F 89 1.20 -10.86 -8.56
N LYS F 90 0.63 -10.12 -7.61
CA LYS F 90 0.50 -8.65 -7.75
C LYS F 90 1.90 -7.95 -7.90
N LEU F 91 2.86 -8.39 -7.10
CA LEU F 91 4.20 -7.83 -7.17
C LEU F 91 4.88 -8.22 -8.50
N GLU F 92 4.78 -9.51 -8.84
CA GLU F 92 5.36 -9.98 -10.11
C GLU F 92 4.82 -9.19 -11.32
N LEU F 93 3.52 -9.00 -11.36
CA LEU F 93 2.90 -8.24 -12.45
C LEU F 93 3.42 -6.81 -12.55
N LEU F 94 3.79 -6.25 -11.41
CA LEU F 94 4.34 -4.90 -11.34
C LEU F 94 5.83 -4.80 -11.78
N VAL F 95 6.67 -5.71 -11.33
CA VAL F 95 8.14 -5.58 -11.52
C VAL F 95 8.75 -6.47 -12.60
N HIS F 96 8.17 -7.62 -12.91
CA HIS F 96 8.73 -8.50 -13.93
C HIS F 96 8.92 -7.87 -15.34
N PRO F 97 7.94 -7.11 -15.83
CA PRO F 97 8.11 -6.53 -17.17
C PRO F 97 9.30 -5.58 -17.22
N LEU F 98 9.43 -4.74 -16.19
CA LEU F 98 10.54 -3.80 -16.11
C LEU F 98 11.88 -4.51 -15.94
N LYS F 100 12.63 -7.57 -17.09
CA LYS F 100 12.91 -8.18 -18.39
C LYS F 100 13.50 -7.16 -19.37
N LYS F 101 12.88 -5.99 -19.41
CA LYS F 101 13.34 -4.90 -20.26
C LYS F 101 14.80 -4.60 -19.92
N ARG F 102 15.09 -4.58 -18.62
CA ARG F 102 16.40 -4.23 -18.11
C ARG F 102 17.43 -5.32 -18.50
N VAL F 103 17.06 -6.59 -18.36
CA VAL F 103 17.91 -7.72 -18.77
C VAL F 103 18.26 -7.64 -20.27
N GLN F 104 17.24 -7.42 -21.07
CA GLN F 104 17.41 -7.34 -22.50
C GLN F 104 18.36 -6.21 -22.90
N GLU F 105 18.24 -5.07 -22.22
CA GLU F 105 19.11 -3.96 -22.49
C GLU F 105 20.55 -4.31 -22.21
N ILE F 106 20.82 -5.01 -21.12
CA ILE F 106 22.19 -5.40 -20.78
C ILE F 106 22.73 -6.34 -21.83
N ILE F 107 21.92 -7.33 -22.19
CA ILE F 107 22.31 -8.28 -23.24
C ILE F 107 22.70 -7.55 -24.52
N ASN F 108 21.89 -6.58 -24.94
CA ASN F 108 22.19 -5.84 -26.19
C ASN F 108 23.48 -5.01 -26.16
N LYS F 109 23.89 -4.56 -24.97
CA LYS F 109 25.06 -3.69 -24.80
C LYS F 109 26.33 -4.44 -24.42
N THR F 110 26.26 -5.77 -24.38
CA THR F 110 27.32 -6.61 -23.79
C THR F 110 27.82 -7.70 -24.77
N SER F 111 29.13 -7.81 -24.89
CA SER F 111 29.76 -8.82 -25.72
C SER F 111 30.28 -9.97 -24.88
N GLY F 112 30.55 -11.10 -25.52
CA GLY F 112 31.21 -12.23 -24.87
C GLY F 112 30.20 -13.11 -24.19
N LEU F 113 30.64 -13.81 -23.16
CA LEU F 113 29.78 -14.76 -22.45
C LEU F 113 28.96 -14.04 -21.43
N ILE F 114 27.65 -14.17 -21.52
CA ILE F 114 26.73 -13.50 -20.60
C ILE F 114 25.96 -14.56 -19.91
N VAL F 115 25.88 -14.49 -18.58
CA VAL F 115 25.13 -15.46 -17.79
C VAL F 115 23.95 -14.74 -17.13
N ILE F 116 22.75 -15.25 -17.34
CA ILE F 116 21.55 -14.73 -16.72
C ILE F 116 21.20 -15.56 -15.51
N GLU F 117 21.47 -15.04 -14.33
CA GLU F 117 21.28 -15.78 -13.10
C GLU F 117 19.88 -15.47 -12.60
N ALA F 118 19.01 -16.46 -12.60
CA ALA F 118 17.63 -16.25 -12.19
C ALA F 118 16.88 -17.52 -11.83
N ALA F 119 16.47 -17.61 -10.58
CA ALA F 119 15.57 -18.63 -10.16
C ALA F 119 14.34 -18.73 -11.08
N LEU F 120 13.76 -17.59 -11.43
CA LEU F 120 12.53 -17.56 -12.21
C LEU F 120 12.75 -17.38 -13.71
N LEU F 121 13.86 -17.90 -14.20
CA LEU F 121 14.22 -17.80 -15.58
C LEU F 121 13.03 -18.10 -16.47
N LYS F 122 12.37 -19.24 -16.21
CA LYS F 122 11.23 -19.64 -17.02
C LYS F 122 9.98 -18.82 -16.77
N ARG F 123 9.65 -18.58 -15.52
CA ARG F 123 8.43 -17.83 -15.19
C ARG F 123 8.45 -16.41 -15.78
N GLY F 125 10.00 -15.66 -18.64
CA GLY F 125 10.28 -15.79 -20.06
C GLY F 125 11.70 -15.40 -20.51
N LEU F 126 12.61 -15.25 -19.54
CA LEU F 126 14.02 -14.97 -19.82
C LEU F 126 14.72 -16.16 -20.51
N ASP F 127 14.20 -17.36 -20.32
CA ASP F 127 14.82 -18.52 -20.99
C ASP F 127 14.85 -18.37 -22.50
N GLN F 128 13.88 -17.61 -23.06
CA GLN F 128 13.81 -17.39 -24.50
C GLN F 128 14.93 -16.45 -24.98
N LEU F 129 15.57 -15.69 -24.08
CA LEU F 129 16.74 -14.90 -24.46
C LEU F 129 18.04 -15.72 -24.47
N CYS F 130 17.98 -16.97 -24.03
CA CYS F 130 19.17 -17.76 -23.80
C CYS F 130 19.51 -18.71 -24.91
N ASP F 131 20.79 -18.81 -25.25
CA ASP F 131 21.29 -19.84 -26.18
C ASP F 131 21.30 -21.24 -25.55
N HIS F 132 21.64 -21.33 -24.27
CA HIS F 132 21.57 -22.57 -23.51
C HIS F 132 21.14 -22.23 -22.11
N VAL F 133 20.57 -23.23 -21.44
CA VAL F 133 20.10 -23.09 -20.09
C VAL F 133 20.70 -24.18 -19.23
N ILE F 134 21.26 -23.78 -18.08
CA ILE F 134 21.70 -24.72 -17.07
C ILE F 134 20.71 -24.63 -15.93
N THR F 135 20.14 -25.77 -15.50
CA THR F 135 19.36 -25.81 -14.26
C THR F 135 20.19 -26.49 -13.18
N VAL F 136 20.42 -25.79 -12.08
CA VAL F 136 21.07 -26.40 -10.93
C VAL F 136 20.03 -27.08 -10.03
N VAL F 137 20.26 -28.33 -9.64
CA VAL F 137 19.32 -28.99 -8.76
C VAL F 137 20.02 -29.52 -7.53
N ALA F 138 19.25 -29.65 -6.46
CA ALA F 138 19.73 -30.17 -5.20
C ALA F 138 18.56 -30.66 -4.41
N SER F 139 18.74 -31.66 -3.56
CA SER F 139 17.66 -32.22 -2.76
C SER F 139 17.11 -31.20 -1.77
N ARG F 140 15.87 -31.40 -1.39
CA ARG F 140 15.23 -30.54 -0.43
C ARG F 140 16.06 -30.45 0.87
N GLU F 141 16.54 -31.57 1.38
CA GLU F 141 17.31 -31.59 2.63
C GLU F 141 18.58 -30.74 2.45
N THR F 142 19.22 -30.86 1.29
CA THR F 142 20.42 -30.13 0.99
C THR F 142 20.16 -28.62 0.96
N ILE F 143 19.07 -28.23 0.34
CA ILE F 143 18.68 -26.84 0.27
C ILE F 143 18.43 -26.26 1.63
N LEU F 144 17.69 -26.97 2.47
CA LEU F 144 17.34 -26.47 3.80
C LEU F 144 18.56 -26.27 4.69
N LYS F 145 19.55 -27.16 4.63
CA LYS F 145 20.79 -27.00 5.40
C LYS F 145 21.53 -25.70 5.00
N ARG F 146 21.39 -25.30 3.75
CA ARG F 146 22.17 -24.20 3.22
C ARG F 146 21.52 -22.84 3.44
N ASN F 147 20.18 -22.79 3.35
CA ASN F 147 19.45 -21.51 3.36
C ASN F 147 18.24 -21.57 4.28
N ARG F 148 18.10 -20.53 5.11
CA ARG F 148 17.09 -20.51 6.19
C ARG F 148 15.69 -20.09 5.69
N GLU F 149 15.69 -19.24 4.67
CA GLU F 149 14.47 -18.78 4.01
C GLU F 149 13.81 -19.86 3.15
N ALA F 150 14.54 -20.92 2.84
CA ALA F 150 14.12 -21.82 1.77
C ALA F 150 12.82 -22.45 2.15
N ASP F 151 12.70 -22.83 3.40
CA ASP F 151 11.47 -23.41 3.84
C ASP F 151 10.27 -22.60 3.31
N ARG F 152 10.29 -21.29 3.55
CA ARG F 152 9.16 -20.42 3.18
C ARG F 152 9.04 -20.17 1.67
N ARG F 153 10.17 -20.01 0.97
CA ARG F 153 10.15 -19.60 -0.44
C ARG F 153 10.03 -20.73 -1.44
N LEU F 154 10.45 -21.94 -1.08
CA LEU F 154 10.28 -23.11 -1.95
C LEU F 154 8.82 -23.37 -2.29
N LYS F 155 7.92 -23.06 -1.37
CA LYS F 155 6.51 -23.23 -1.59
C LYS F 155 6.03 -22.44 -2.81
N PHE F 156 6.75 -21.39 -3.16
CA PHE F 156 6.44 -20.57 -4.32
C PHE F 156 7.35 -20.87 -5.50
N GLN F 157 7.98 -22.04 -5.53
CA GLN F 157 8.90 -22.42 -6.61
C GLN F 157 8.61 -23.78 -7.26
N GLU F 158 7.42 -24.31 -7.03
CA GLU F 158 7.04 -25.61 -7.59
C GLU F 158 7.12 -25.60 -9.12
N ASP F 159 6.95 -24.45 -9.76
CA ASP F 159 7.02 -24.41 -11.23
C ASP F 159 8.43 -24.29 -11.78
N ILE F 160 9.45 -24.25 -10.91
CA ILE F 160 10.84 -24.21 -11.36
C ILE F 160 11.31 -25.65 -11.55
N VAL F 161 11.11 -26.16 -12.74
CA VAL F 161 11.45 -27.53 -13.04
C VAL F 161 12.76 -27.57 -13.83
N PRO F 162 13.46 -28.72 -13.82
CA PRO F 162 14.68 -28.83 -14.63
C PRO F 162 14.49 -28.61 -16.14
N GLN F 163 15.32 -27.76 -16.72
CA GLN F 163 15.31 -27.54 -18.19
C GLN F 163 16.74 -27.29 -18.66
N GLY F 164 16.97 -27.63 -19.92
CA GLY F 164 18.27 -27.59 -20.53
C GLY F 164 19.22 -28.63 -19.98
N ILE F 165 20.37 -28.18 -19.47
CA ILE F 165 21.39 -29.07 -18.95
C ILE F 165 21.33 -29.04 -17.45
N VAL F 166 21.06 -30.20 -16.86
CA VAL F 166 20.88 -30.32 -15.41
C VAL F 166 22.24 -30.59 -14.78
N VAL F 167 22.56 -29.76 -13.80
CA VAL F 167 23.78 -29.87 -13.03
C VAL F 167 23.40 -30.07 -11.57
N ALA F 168 23.56 -31.30 -11.10
CA ALA F 168 23.24 -31.66 -9.72
C ALA F 168 24.33 -31.14 -8.81
N ASN F 169 23.95 -30.50 -7.72
CA ASN F 169 24.92 -29.93 -6.78
C ASN F 169 24.64 -30.45 -5.36
N ASN F 170 24.85 -31.74 -5.18
CA ASN F 170 24.56 -32.43 -3.91
C ASN F 170 25.78 -33.08 -3.28
N SER F 171 26.97 -32.69 -3.73
CA SER F 171 28.16 -33.10 -3.03
C SER F 171 29.09 -31.87 -2.86
N THR F 172 30.35 -31.96 -3.26
CA THR F 172 31.34 -30.93 -2.97
C THR F 172 31.41 -29.84 -4.01
N LEU F 173 32.00 -28.73 -3.63
CA LEU F 173 32.29 -27.64 -4.54
C LEU F 173 33.20 -28.05 -5.67
N GLU F 174 34.22 -28.84 -5.36
CA GLU F 174 35.14 -29.35 -6.34
C GLU F 174 34.38 -30.21 -7.39
N ASP F 175 33.42 -31.02 -6.95
CA ASP F 175 32.60 -31.82 -7.90
C ASP F 175 31.73 -30.90 -8.74
N LEU F 176 31.23 -29.83 -8.13
CA LEU F 176 30.48 -28.82 -8.88
C LEU F 176 31.34 -28.16 -9.95
N GLU F 177 32.56 -27.80 -9.59
CA GLU F 177 33.47 -27.20 -10.55
C GLU F 177 33.78 -28.14 -11.72
N LYS F 178 33.94 -29.44 -11.44
CA LYS F 178 34.18 -30.43 -12.50
C LYS F 178 32.97 -30.49 -13.44
N LYS F 179 31.75 -30.44 -12.89
CA LYS F 179 30.53 -30.49 -13.70
C LYS F 179 30.36 -29.25 -14.55
N VAL F 180 30.68 -28.09 -13.99
CA VAL F 180 30.54 -26.83 -14.71
C VAL F 180 31.51 -26.81 -15.87
N GLU F 181 32.73 -27.29 -15.65
CA GLU F 181 33.73 -27.38 -16.68
C GLU F 181 33.28 -28.28 -17.81
N GLU F 182 32.71 -29.43 -17.49
CA GLU F 182 32.18 -30.35 -18.51
C GLU F 182 31.08 -29.72 -19.36
N VAL F 183 30.20 -28.95 -18.72
CA VAL F 183 29.14 -28.22 -19.42
C VAL F 183 29.73 -27.14 -20.34
N LYS F 185 32.70 -27.25 -21.69
CA LYS F 185 33.34 -27.92 -22.83
C LYS F 185 32.27 -28.24 -23.90
N LEU F 186 31.04 -28.50 -23.48
CA LEU F 186 29.96 -28.77 -24.45
C LEU F 186 29.56 -27.53 -25.25
N VAL F 187 29.39 -26.40 -24.56
CA VAL F 187 28.71 -25.26 -25.13
C VAL F 187 29.57 -24.07 -25.49
N TRP F 188 30.88 -24.07 -25.27
CA TRP F 188 31.67 -22.80 -25.33
C TRP F 188 32.97 -22.84 -26.18
N HIS G 10 10.70 34.99 -43.35
CA HIS G 10 10.83 34.29 -42.04
C HIS G 10 10.52 32.79 -42.12
N HIS G 11 11.52 32.00 -42.50
CA HIS G 11 11.43 30.51 -42.61
C HIS G 11 11.63 29.87 -41.22
N HIS G 12 10.74 28.95 -40.86
CA HIS G 12 10.79 28.35 -39.53
C HIS G 12 10.14 26.98 -39.50
N VAL G 14 7.69 24.76 -36.67
CA VAL G 14 6.93 24.89 -35.44
C VAL G 14 6.61 23.51 -34.91
N ILE G 15 7.01 23.26 -33.66
CA ILE G 15 6.79 22.01 -32.98
C ILE G 15 6.00 22.31 -31.74
N GLY G 16 4.83 21.69 -31.63
CA GLY G 16 4.02 21.82 -30.43
C GLY G 16 4.46 20.79 -29.42
N VAL G 17 4.59 21.20 -28.16
CA VAL G 17 4.88 20.29 -27.09
C VAL G 17 3.74 20.41 -26.12
N THR G 18 2.98 19.33 -25.99
CA THR G 18 1.79 19.32 -25.16
C THR G 18 1.86 18.15 -24.23
N GLY G 19 0.80 17.94 -23.47
CA GLY G 19 0.73 16.91 -22.44
C GLY G 19 0.16 17.45 -21.14
N LYS G 20 -0.34 16.57 -20.30
CA LYS G 20 -0.95 16.98 -19.04
C LYS G 20 0.08 17.65 -18.15
N ILE G 21 -0.44 18.31 -17.11
CA ILE G 21 0.38 18.90 -16.04
C ILE G 21 1.34 17.90 -15.38
N GLY G 22 2.58 18.33 -15.19
CA GLY G 22 3.61 17.51 -14.53
C GLY G 22 4.25 16.40 -15.35
N THR G 23 3.87 16.25 -16.62
CA THR G 23 4.36 15.18 -17.45
C THR G 23 5.78 15.43 -17.96
N GLY G 24 6.14 16.70 -18.16
CA GLY G 24 7.50 17.05 -18.55
C GLY G 24 7.68 17.99 -19.73
N LYS G 25 6.64 18.73 -20.09
CA LYS G 25 6.73 19.73 -21.19
C LYS G 25 7.88 20.74 -20.99
N SER G 26 7.93 21.39 -19.83
CA SER G 26 8.97 22.39 -19.55
C SER G 26 10.34 21.79 -19.61
N THR G 27 10.45 20.54 -19.20
CA THR G 27 11.74 19.84 -19.19
C THR G 27 12.17 19.53 -20.64
N VAL G 28 11.26 18.95 -21.43
CA VAL G 28 11.48 18.74 -22.86
C VAL G 28 11.85 20.07 -23.55
N CYS G 29 11.05 21.09 -23.31
CA CYS G 29 11.26 22.38 -23.93
C CYS G 29 12.62 23.01 -23.57
N GLU G 30 13.05 22.87 -22.31
CA GLU G 30 14.39 23.29 -21.90
C GLU G 30 15.47 22.57 -22.70
N ILE G 31 15.30 21.28 -22.93
CA ILE G 31 16.24 20.51 -23.71
C ILE G 31 16.30 21.05 -25.16
N LEU G 32 15.13 21.19 -25.79
CA LEU G 32 15.04 21.76 -27.15
C LEU G 32 15.69 23.13 -27.24
N LYS G 33 15.49 23.96 -26.20
CA LYS G 33 16.09 25.30 -26.17
C LYS G 33 17.60 25.27 -26.04
N ASN G 34 18.09 24.44 -25.13
CA ASN G 34 19.50 24.38 -24.81
C ASN G 34 20.30 23.58 -25.85
N LYS G 35 19.76 22.46 -26.32
CA LYS G 35 20.51 21.59 -27.22
C LYS G 35 20.26 21.95 -28.69
N TYR G 36 19.02 22.27 -29.04
CA TYR G 36 18.62 22.42 -30.42
C TYR G 36 18.37 23.85 -30.80
N GLY G 37 18.52 24.78 -29.87
CA GLY G 37 18.35 26.21 -30.17
C GLY G 37 16.90 26.65 -30.39
N ALA G 38 15.93 25.91 -29.85
CA ALA G 38 14.54 26.29 -30.06
C ALA G 38 14.23 27.63 -29.42
N HIS G 39 13.35 28.39 -30.07
CA HIS G 39 12.70 29.54 -29.47
C HIS G 39 11.41 29.01 -28.85
N VAL G 40 11.35 29.04 -27.52
CA VAL G 40 10.25 28.44 -26.77
C VAL G 40 9.20 29.49 -26.52
N VAL G 41 7.99 29.24 -26.99
CA VAL G 41 6.84 30.07 -26.71
C VAL G 41 6.07 29.45 -25.54
N ASN G 42 6.30 30.02 -24.37
CA ASN G 42 5.64 29.57 -23.17
C ASN G 42 4.23 30.12 -23.14
N VAL G 43 3.27 29.28 -23.51
CA VAL G 43 1.89 29.75 -23.65
C VAL G 43 1.28 30.16 -22.30
N ASP G 44 1.70 29.53 -21.20
CA ASP G 44 1.22 29.95 -19.88
C ASP G 44 1.60 31.39 -19.56
N ARG G 45 2.87 31.74 -19.80
CA ARG G 45 3.35 33.10 -19.54
C ARG G 45 2.58 34.11 -20.41
N ILE G 46 2.32 33.77 -21.66
CA ILE G 46 1.51 34.65 -22.52
C ILE G 46 0.13 34.84 -21.93
N GLY G 47 -0.41 33.78 -21.34
CA GLY G 47 -1.65 33.84 -20.58
C GLY G 47 -1.58 34.89 -19.49
N HIS G 48 -0.48 34.88 -18.72
CA HIS G 48 -0.35 35.86 -17.61
C HIS G 48 -0.35 37.31 -18.09
N GLU G 49 0.23 37.54 -19.27
CA GLU G 49 0.25 38.89 -19.85
C GLU G 49 -1.14 39.30 -20.33
N VAL G 50 -1.85 38.34 -20.94
CA VAL G 50 -3.21 38.58 -21.39
C VAL G 50 -4.13 38.91 -20.21
N LEU G 51 -3.99 38.20 -19.10
CA LEU G 51 -4.81 38.46 -17.93
C LEU G 51 -4.75 39.92 -17.51
N GLU G 52 -3.55 40.49 -17.50
CA GLU G 52 -3.40 41.91 -17.13
C GLU G 52 -4.11 42.83 -18.15
N GLU G 53 -4.21 42.42 -19.40
CA GLU G 53 -4.89 43.24 -20.39
C GLU G 53 -6.42 43.21 -20.29
N VAL G 54 -6.99 42.24 -19.60
CA VAL G 54 -8.44 42.11 -19.48
C VAL G 54 -8.93 42.20 -18.03
N LYS G 55 -8.18 42.93 -17.20
CA LYS G 55 -8.55 43.18 -15.79
C LYS G 55 -10.03 43.52 -15.59
N GLU G 56 -10.53 44.47 -16.37
CA GLU G 56 -11.89 44.95 -16.16
C GLU G 56 -12.89 43.85 -16.44
N LYS G 57 -12.66 43.09 -17.51
CA LYS G 57 -13.57 42.00 -17.89
C LYS G 57 -13.54 40.84 -16.88
N LEU G 58 -12.37 40.58 -16.29
CA LEU G 58 -12.25 39.58 -15.20
C LEU G 58 -13.04 39.94 -13.97
N VAL G 59 -12.98 41.21 -13.62
CA VAL G 59 -13.71 41.71 -12.49
C VAL G 59 -15.21 41.58 -12.76
N GLU G 60 -15.62 41.97 -13.96
CA GLU G 60 -17.00 41.81 -14.42
C GLU G 60 -17.49 40.39 -14.29
N LEU G 61 -16.63 39.42 -14.64
CA LEU G 61 -17.02 38.00 -14.60
C LEU G 61 -16.96 37.40 -13.20
N PHE G 62 -15.90 37.68 -12.44
CA PHE G 62 -15.58 36.94 -11.22
C PHE G 62 -15.55 37.74 -9.93
N GLY G 63 -15.85 39.04 -10.01
CA GLY G 63 -15.84 39.91 -8.84
C GLY G 63 -14.45 40.48 -8.55
N GLY G 64 -14.43 41.40 -7.59
CA GLY G 64 -13.19 42.06 -7.15
C GLY G 64 -12.16 41.14 -6.47
N SER G 65 -12.58 39.99 -5.97
CA SER G 65 -11.66 39.06 -5.28
C SER G 65 -10.41 38.71 -6.12
N VAL G 66 -10.49 38.90 -7.44
CA VAL G 66 -9.44 38.51 -8.41
C VAL G 66 -8.33 39.52 -8.65
N LEU G 67 -8.36 40.68 -7.96
CA LEU G 67 -7.23 41.64 -8.00
C LEU G 67 -6.63 41.86 -6.59
N GLU G 68 -5.31 42.02 -6.48
CA GLU G 68 -4.63 42.19 -5.17
C GLU G 68 -4.18 43.63 -5.02
N ASP G 69 -2.99 43.99 -5.51
CA ASP G 69 -2.59 45.41 -5.50
C ASP G 69 -3.18 46.05 -6.76
N GLY G 70 -2.39 46.23 -7.81
CA GLY G 70 -2.93 46.58 -9.12
C GLY G 70 -2.88 45.41 -10.08
N LYS G 71 -2.67 44.20 -9.57
CA LYS G 71 -2.45 43.04 -10.43
C LYS G 71 -3.63 42.04 -10.43
N VAL G 72 -3.60 41.13 -11.38
CA VAL G 72 -4.44 39.94 -11.33
C VAL G 72 -3.83 38.91 -10.37
N ASN G 73 -4.58 38.53 -9.37
CA ASN G 73 -4.05 37.60 -8.43
C ASN G 73 -4.42 36.23 -8.94
N ARG G 74 -3.45 35.55 -9.53
CA ARG G 74 -3.71 34.26 -10.14
C ARG G 74 -4.06 33.15 -9.14
N LYS G 75 -3.54 33.21 -7.91
CA LYS G 75 -3.91 32.22 -6.90
C LYS G 75 -5.41 32.33 -6.58
N LYS G 76 -5.89 33.56 -6.34
CA LYS G 76 -7.32 33.79 -6.07
C LYS G 76 -8.18 33.38 -7.26
N LEU G 77 -7.72 33.69 -8.47
CA LEU G 77 -8.48 33.40 -9.68
C LEU G 77 -8.55 31.88 -9.95
N ALA G 78 -7.41 31.19 -9.75
CA ALA G 78 -7.39 29.71 -9.77
C ALA G 78 -8.37 29.12 -8.76
N GLY G 79 -8.38 29.68 -7.55
CA GLY G 79 -9.29 29.24 -6.50
C GLY G 79 -10.73 29.21 -7.00
N ILE G 80 -11.07 30.19 -7.84
CA ILE G 80 -12.43 30.31 -8.39
C ILE G 80 -12.64 29.37 -9.59
N VAL G 81 -11.78 29.49 -10.61
CA VAL G 81 -12.02 28.81 -11.87
C VAL G 81 -11.79 27.30 -11.80
N PHE G 82 -10.89 26.84 -10.93
CA PHE G 82 -10.68 25.38 -10.80
C PHE G 82 -11.61 24.68 -9.79
N GLU G 83 -12.69 25.35 -9.39
CA GLU G 83 -13.76 24.69 -8.62
C GLU G 83 -14.93 24.34 -9.52
N SER G 84 -14.93 24.87 -10.74
CA SER G 84 -16.08 24.75 -11.66
C SER G 84 -15.68 24.76 -13.12
N ARG G 85 -16.24 23.83 -13.89
CA ARG G 85 -16.04 23.81 -15.35
C ARG G 85 -16.71 25.00 -16.04
N GLU G 86 -17.85 25.44 -15.50
CA GLU G 86 -18.56 26.61 -16.02
C GLU G 86 -17.67 27.86 -15.90
N ASN G 87 -17.04 28.05 -14.74
CA ASN G 87 -16.19 29.21 -14.51
C ASN G 87 -14.96 29.18 -15.37
N LEU G 88 -14.35 28.00 -15.47
CA LEU G 88 -13.16 27.84 -16.29
C LEU G 88 -13.46 28.18 -17.74
N LYS G 89 -14.62 27.74 -18.22
CA LYS G 89 -15.02 28.01 -19.61
C LYS G 89 -15.19 29.53 -19.83
N LYS G 90 -15.75 30.25 -18.86
CA LYS G 90 -15.89 31.72 -18.99
C LYS G 90 -14.50 32.37 -19.13
N LEU G 91 -13.52 31.95 -18.33
CA LEU G 91 -12.18 32.51 -18.44
C LEU G 91 -11.53 32.14 -19.79
N GLU G 92 -11.63 30.89 -20.20
CA GLU G 92 -11.08 30.44 -21.47
C GLU G 92 -11.66 31.24 -22.64
N LEU G 93 -12.97 31.44 -22.66
CA LEU G 93 -13.58 32.24 -23.75
C LEU G 93 -13.02 33.66 -23.80
N LEU G 94 -12.67 34.22 -22.64
CA LEU G 94 -12.14 35.59 -22.60
C LEU G 94 -10.69 35.67 -23.08
N VAL G 95 -9.84 34.74 -22.64
CA VAL G 95 -8.38 34.87 -22.85
C VAL G 95 -7.77 34.06 -23.99
N HIS G 96 -8.33 32.89 -24.30
CA HIS G 96 -7.76 32.02 -25.34
C HIS G 96 -7.64 32.68 -26.72
N PRO G 97 -8.66 33.44 -27.17
CA PRO G 97 -8.53 34.08 -28.49
C PRO G 97 -7.37 35.08 -28.56
N LEU G 98 -7.21 35.89 -27.51
CA LEU G 98 -6.06 36.83 -27.40
C LEU G 98 -4.71 36.12 -27.26
N LYS G 100 -4.00 33.07 -28.55
CA LYS G 100 -3.73 32.50 -29.87
C LYS G 100 -3.18 33.56 -30.82
N LYS G 101 -3.81 34.74 -30.83
CA LYS G 101 -3.35 35.85 -31.68
C LYS G 101 -1.87 36.15 -31.36
N ARG G 102 -1.55 36.14 -30.07
CA ARG G 102 -0.24 36.52 -29.61
C ARG G 102 0.78 35.45 -30.02
N VAL G 103 0.39 34.18 -29.93
CA VAL G 103 1.26 33.09 -30.38
C VAL G 103 1.53 33.19 -31.89
N GLN G 104 0.46 33.38 -32.66
CA GLN G 104 0.52 33.57 -34.10
C GLN G 104 1.47 34.71 -34.51
N GLU G 105 1.40 35.81 -33.77
CA GLU G 105 2.30 36.95 -34.01
C GLU G 105 3.76 36.58 -33.80
N ILE G 106 4.05 35.84 -32.74
CA ILE G 106 5.42 35.43 -32.45
C ILE G 106 5.95 34.51 -33.53
N ILE G 107 5.15 33.53 -33.93
CA ILE G 107 5.50 32.64 -35.03
C ILE G 107 5.81 33.40 -36.31
N ASN G 108 5.00 34.38 -36.65
CA ASN G 108 5.26 35.20 -37.86
C ASN G 108 6.58 36.00 -37.85
N LYS G 109 7.02 36.43 -36.67
CA LYS G 109 8.18 37.32 -36.55
C LYS G 109 9.45 36.57 -36.14
N THR G 110 9.41 35.23 -36.19
CA THR G 110 10.47 34.39 -35.66
C THR G 110 10.91 33.28 -36.65
N SER G 111 12.23 33.16 -36.83
CA SER G 111 12.84 32.19 -37.73
C SER G 111 13.41 31.01 -36.97
N GLY G 112 13.66 29.92 -37.68
CA GLY G 112 14.31 28.75 -37.07
C GLY G 112 13.35 27.83 -36.36
N LEU G 113 13.84 27.13 -35.35
CA LEU G 113 13.04 26.15 -34.65
C LEU G 113 12.23 26.86 -33.60
N ILE G 114 10.92 26.74 -33.67
CA ILE G 114 10.00 27.36 -32.71
C ILE G 114 9.26 26.23 -32.00
N VAL G 115 9.19 26.30 -30.67
CA VAL G 115 8.52 25.30 -29.89
C VAL G 115 7.39 26.00 -29.16
N ILE G 116 6.16 25.49 -29.35
CA ILE G 116 4.98 26.02 -28.67
C ILE G 116 4.62 25.12 -27.50
N GLU G 117 4.96 25.56 -26.30
CA GLU G 117 4.78 24.78 -25.08
C GLU G 117 3.42 25.08 -24.49
N ALA G 118 2.52 24.11 -24.54
CA ALA G 118 1.16 24.35 -24.07
C ALA G 118 0.39 23.07 -23.75
N ALA G 119 0.04 22.92 -22.50
CA ALA G 119 -0.84 21.83 -22.11
C ALA G 119 -2.09 21.80 -22.98
N LEU G 120 -2.65 22.97 -23.27
CA LEU G 120 -3.92 23.05 -24.00
C LEU G 120 -3.71 23.30 -25.52
N LEU G 121 -2.63 22.74 -26.06
CA LEU G 121 -2.35 22.89 -27.46
C LEU G 121 -3.56 22.59 -28.32
N LYS G 122 -4.22 21.46 -28.10
CA LYS G 122 -5.38 21.08 -28.91
C LYS G 122 -6.62 21.92 -28.60
N ARG G 123 -6.94 22.09 -27.31
CA ARG G 123 -8.15 22.83 -26.94
C ARG G 123 -8.12 24.24 -27.49
N GLY G 125 -6.67 25.16 -30.34
CA GLY G 125 -6.42 25.12 -31.76
C GLY G 125 -5.01 25.56 -32.15
N LEU G 126 -4.08 25.54 -31.21
CA LEU G 126 -2.69 25.85 -31.54
C LEU G 126 -2.01 24.71 -32.29
N ASP G 127 -2.50 23.49 -32.10
CA ASP G 127 -1.94 22.34 -32.81
C ASP G 127 -1.95 22.54 -34.34
N GLN G 128 -2.92 23.31 -34.86
CA GLN G 128 -3.01 23.66 -36.30
C GLN G 128 -1.87 24.52 -36.78
N LEU G 129 -1.23 25.27 -35.88
CA LEU G 129 -0.08 26.11 -36.25
C LEU G 129 1.22 25.31 -36.30
N CYS G 130 1.16 24.04 -35.92
CA CYS G 130 2.32 23.19 -35.77
C CYS G 130 2.61 22.29 -36.96
N ASP G 131 3.87 22.17 -37.32
CA ASP G 131 4.34 21.19 -38.29
C ASP G 131 4.40 19.77 -37.69
N HIS G 132 4.80 19.68 -36.43
CA HIS G 132 4.75 18.43 -35.70
C HIS G 132 4.28 18.72 -34.28
N VAL G 133 3.77 17.68 -33.63
CA VAL G 133 3.38 17.77 -32.23
C VAL G 133 4.03 16.64 -31.45
N ILE G 134 4.63 16.99 -30.32
CA ILE G 134 5.05 16.02 -29.34
C ILE G 134 4.07 16.06 -28.19
N THR G 135 3.54 14.91 -27.78
CA THR G 135 2.81 14.82 -26.54
C THR G 135 3.72 14.11 -25.50
N VAL G 136 3.92 14.75 -24.36
CA VAL G 136 4.63 14.13 -23.27
C VAL G 136 3.62 13.44 -22.35
N VAL G 137 3.88 12.18 -22.03
CA VAL G 137 2.98 11.46 -21.12
C VAL G 137 3.73 10.91 -19.91
N ALA G 138 2.98 10.67 -18.86
CA ALA G 138 3.49 10.14 -17.63
C ALA G 138 2.31 9.64 -16.81
N SER G 139 2.54 8.63 -15.99
CA SER G 139 1.50 8.05 -15.18
C SER G 139 1.04 9.04 -14.12
N ARG G 140 -0.20 8.86 -13.69
CA ARG G 140 -0.81 9.70 -12.70
C ARG G 140 0.02 9.72 -11.40
N GLU G 141 0.54 8.56 -11.00
CA GLU G 141 1.40 8.49 -9.81
C GLU G 141 2.67 9.34 -9.99
N THR G 142 3.26 9.25 -11.16
CA THR G 142 4.45 10.05 -11.47
C THR G 142 4.14 11.57 -11.39
N ILE G 143 3.02 11.95 -11.98
CA ILE G 143 2.62 13.34 -12.00
C ILE G 143 2.47 13.85 -10.59
N LEU G 144 1.75 13.12 -9.76
CA LEU G 144 1.41 13.57 -8.40
C LEU G 144 2.61 13.70 -7.48
N LYS G 145 3.60 12.86 -7.70
CA LYS G 145 4.88 12.96 -7.01
C LYS G 145 5.63 14.24 -7.33
N ARG G 146 5.48 14.73 -8.57
CA ARG G 146 6.29 15.86 -9.02
C ARG G 146 5.59 17.12 -8.66
N ASN G 147 4.29 16.97 -8.40
CA ASN G 147 3.41 18.04 -8.01
C ASN G 147 2.20 17.43 -7.26
N ARG G 148 2.20 17.54 -5.91
CA ARG G 148 1.10 16.96 -5.10
C ARG G 148 -0.17 17.82 -5.20
N GLU G 149 -0.08 18.95 -5.92
CA GLU G 149 -1.23 19.85 -6.14
C GLU G 149 -1.89 19.65 -7.53
N ALA G 150 -1.17 18.99 -8.46
CA ALA G 150 -1.69 18.58 -9.79
C ALA G 150 -3.03 17.91 -9.77
N ASP G 151 -3.27 17.28 -8.62
CA ASP G 151 -4.52 16.66 -8.21
C ASP G 151 -5.71 17.46 -8.72
N ARG G 152 -5.70 18.76 -8.40
CA ARG G 152 -6.80 19.68 -8.68
C ARG G 152 -7.02 19.94 -10.17
N ARG G 153 -5.93 20.11 -10.90
CA ARG G 153 -6.01 20.55 -12.29
C ARG G 153 -6.11 19.45 -13.32
N LEU G 154 -5.69 18.23 -12.97
CA LEU G 154 -5.88 17.08 -13.85
C LEU G 154 -7.36 16.82 -14.16
N LYS G 155 -8.26 17.07 -13.20
CA LYS G 155 -9.70 16.89 -13.42
C LYS G 155 -10.18 17.72 -14.61
N PHE G 156 -9.47 18.80 -14.94
CA PHE G 156 -9.84 19.66 -16.07
C PHE G 156 -8.98 19.43 -17.28
N GLN G 157 -8.33 18.28 -17.37
CA GLN G 157 -7.39 17.97 -18.48
C GLN G 157 -7.71 16.64 -19.17
N GLU G 158 -8.88 16.07 -18.89
CA GLU G 158 -9.25 14.78 -19.48
C GLU G 158 -9.21 14.81 -21.03
N ASP G 159 -9.43 15.96 -21.65
CA ASP G 159 -9.41 16.05 -23.12
C ASP G 159 -8.01 16.20 -23.71
N ILE G 160 -6.96 16.26 -22.87
CA ILE G 160 -5.58 16.33 -23.37
C ILE G 160 -5.12 14.90 -23.60
N VAL G 161 -5.37 14.40 -24.80
CA VAL G 161 -5.04 13.02 -25.14
C VAL G 161 -3.79 13.00 -25.98
N PRO G 162 -3.08 11.87 -26.05
CA PRO G 162 -1.88 11.80 -26.86
C PRO G 162 -2.11 12.13 -28.35
N GLN G 163 -1.27 12.98 -28.93
CA GLN G 163 -1.32 13.25 -30.35
C GLN G 163 0.10 13.49 -30.88
N GLY G 164 0.30 13.20 -32.17
CA GLY G 164 1.60 13.29 -32.81
C GLY G 164 2.56 12.21 -32.32
N ILE G 165 3.71 12.66 -31.79
CA ILE G 165 4.77 11.78 -31.35
C ILE G 165 4.74 11.73 -29.84
N VAL G 166 4.48 10.54 -29.30
CA VAL G 166 4.30 10.35 -27.87
C VAL G 166 5.64 10.01 -27.22
N VAL G 167 6.04 10.85 -26.27
CA VAL G 167 7.28 10.72 -25.56
C VAL G 167 6.94 10.46 -24.08
N ALA G 168 7.09 9.21 -23.66
CA ALA G 168 6.85 8.81 -22.29
C ALA G 168 7.97 9.28 -21.39
N ASN G 169 7.63 9.92 -20.27
CA ASN G 169 8.62 10.47 -19.35
C ASN G 169 8.40 9.92 -17.94
N ASN G 170 8.53 8.60 -17.81
CA ASN G 170 8.33 7.89 -16.53
C ASN G 170 9.61 7.33 -15.94
N SER G 171 10.78 7.73 -16.44
CA SER G 171 11.98 7.27 -15.83
C SER G 171 12.94 8.46 -15.63
N THR G 172 14.20 8.38 -16.05
CA THR G 172 15.17 9.41 -15.72
C THR G 172 15.18 10.55 -16.73
N LEU G 173 15.81 11.64 -16.32
CA LEU G 173 16.06 12.78 -17.18
C LEU G 173 16.97 12.42 -18.34
N GLU G 174 17.99 11.61 -18.10
CA GLU G 174 18.84 11.09 -19.18
C GLU G 174 18.04 10.32 -20.21
N ASP G 175 17.14 9.46 -19.77
CA ASP G 175 16.29 8.68 -20.70
C ASP G 175 15.39 9.60 -21.52
N LEU G 176 14.90 10.66 -20.88
CA LEU G 176 14.09 11.65 -21.57
C LEU G 176 14.92 12.36 -22.64
N GLU G 177 16.14 12.73 -22.27
CA GLU G 177 17.07 13.38 -23.21
C GLU G 177 17.38 12.51 -24.43
N LYS G 178 17.55 11.19 -24.23
CA LYS G 178 17.75 10.26 -25.34
C LYS G 178 16.46 10.19 -26.23
N LYS G 179 15.28 10.15 -25.63
CA LYS G 179 14.06 10.14 -26.43
C LYS G 179 13.87 11.44 -27.23
N VAL G 180 14.16 12.59 -26.62
CA VAL G 180 14.03 13.86 -27.29
C VAL G 180 15.01 13.95 -28.45
N GLU G 181 16.22 13.41 -28.28
CA GLU G 181 17.17 13.36 -29.38
C GLU G 181 16.68 12.52 -30.55
N GLU G 182 16.12 11.34 -30.26
CA GLU G 182 15.54 10.44 -31.29
C GLU G 182 14.43 11.12 -32.06
N VAL G 183 13.58 11.89 -31.37
CA VAL G 183 12.50 12.65 -32.01
C VAL G 183 13.07 13.74 -32.91
N LYS G 185 16.02 13.70 -34.35
CA LYS G 185 16.60 13.05 -35.54
C LYS G 185 15.49 12.78 -36.58
N LEU G 186 14.27 12.52 -36.14
CA LEU G 186 13.15 12.28 -37.05
C LEU G 186 12.67 13.51 -37.81
N VAL G 187 12.56 14.63 -37.10
CA VAL G 187 11.87 15.79 -37.62
C VAL G 187 12.75 16.97 -37.99
N TRP G 188 14.04 16.93 -37.70
CA TRP G 188 14.92 18.13 -37.83
C TRP G 188 16.09 17.89 -38.78
N HIS H 10 2.38 41.65 2.85
CA HIS H 10 2.78 40.36 2.17
C HIS H 10 4.02 39.69 2.84
N HIS H 11 3.80 38.60 3.58
CA HIS H 11 4.86 37.83 4.24
C HIS H 11 5.38 36.78 3.26
N HIS H 12 6.70 36.75 3.05
CA HIS H 12 7.31 35.87 2.06
C HIS H 12 8.75 35.54 2.42
N VAL H 14 12.39 34.97 0.17
CA VAL H 14 12.99 35.11 -1.14
C VAL H 14 14.30 34.37 -1.18
N ILE H 15 14.42 33.47 -2.14
CA ILE H 15 15.61 32.68 -2.30
C ILE H 15 16.08 32.92 -3.70
N GLY H 16 17.32 33.39 -3.82
CA GLY H 16 17.92 33.57 -5.13
C GLY H 16 18.55 32.26 -5.59
N VAL H 17 18.37 31.97 -6.88
CA VAL H 17 19.03 30.81 -7.50
C VAL H 17 19.85 31.31 -8.70
N THR H 18 21.15 31.23 -8.55
CA THR H 18 22.06 31.76 -9.51
C THR H 18 23.05 30.67 -9.89
N GLY H 19 24.03 31.06 -10.73
CA GLY H 19 25.00 30.12 -11.28
C GLY H 19 25.11 30.37 -12.77
N LYS H 20 26.21 29.89 -13.37
CA LYS H 20 26.48 30.13 -14.78
C LYS H 20 25.45 29.41 -15.62
N ILE H 21 25.44 29.78 -16.89
CA ILE H 21 24.60 29.13 -17.89
C ILE H 21 24.82 27.62 -17.98
N GLY H 22 23.73 26.89 -18.09
CA GLY H 22 23.78 25.42 -18.25
C GLY H 22 24.02 24.64 -16.98
N THR H 23 24.15 25.30 -15.83
CA THR H 23 24.50 24.63 -14.58
C THR H 23 23.30 23.89 -14.00
N GLY H 24 22.12 24.44 -14.18
CA GLY H 24 20.90 23.81 -13.66
C GLY H 24 19.93 24.68 -12.86
N LYS H 25 20.02 26.00 -13.01
CA LYS H 25 19.09 26.91 -12.33
C LYS H 25 17.62 26.64 -12.69
N SER H 26 17.28 26.55 -13.98
CA SER H 26 15.88 26.25 -14.37
C SER H 26 15.38 24.94 -13.75
N THR H 27 16.26 23.94 -13.73
CA THR H 27 15.94 22.62 -13.25
C THR H 27 15.69 22.69 -11.73
N VAL H 28 16.58 23.33 -10.99
CA VAL H 28 16.39 23.54 -9.59
C VAL H 28 15.12 24.34 -9.33
N CYS H 29 14.90 25.41 -10.10
CA CYS H 29 13.69 26.22 -9.90
C CYS H 29 12.42 25.41 -10.19
N GLU H 30 12.43 24.54 -11.22
CA GLU H 30 11.29 23.69 -11.51
C GLU H 30 10.96 22.82 -10.33
N ILE H 31 11.98 22.28 -9.69
CA ILE H 31 11.78 21.47 -8.49
C ILE H 31 11.15 22.31 -7.40
N LEU H 32 11.76 23.44 -7.08
CA LEU H 32 11.20 24.33 -6.04
C LEU H 32 9.74 24.71 -6.33
N LYS H 33 9.40 24.94 -7.59
CA LYS H 33 8.04 25.31 -7.98
C LYS H 33 7.10 24.15 -7.75
N ASN H 34 7.49 22.99 -8.25
CA ASN H 34 6.60 21.83 -8.26
C ASN H 34 6.52 21.08 -6.94
N LYS H 35 7.63 20.99 -6.22
CA LYS H 35 7.64 20.30 -4.95
C LYS H 35 7.38 21.24 -3.80
N TYR H 36 7.90 22.46 -3.85
CA TYR H 36 7.86 23.34 -2.69
C TYR H 36 6.93 24.54 -2.88
N GLY H 37 6.22 24.60 -4.02
CA GLY H 37 5.25 25.67 -4.24
C GLY H 37 5.87 27.05 -4.43
N ALA H 38 7.11 27.12 -4.87
CA ALA H 38 7.72 28.44 -5.08
C ALA H 38 7.03 29.20 -6.23
N HIS H 39 6.97 30.51 -6.08
CA HIS H 39 6.67 31.38 -7.20
C HIS H 39 8.00 31.77 -7.82
N VAL H 40 8.23 31.36 -9.05
CA VAL H 40 9.51 31.54 -9.74
C VAL H 40 9.53 32.83 -10.55
N VAL H 41 10.41 33.75 -10.21
CA VAL H 41 10.61 34.93 -10.99
C VAL H 41 11.77 34.61 -11.95
N ASN H 42 11.40 34.39 -13.20
CA ASN H 42 12.33 34.22 -14.28
C ASN H 42 12.87 35.57 -14.75
N VAL H 43 14.04 35.94 -14.30
CA VAL H 43 14.57 37.23 -14.63
C VAL H 43 14.90 37.39 -16.13
N ASP H 44 15.27 36.30 -16.79
CA ASP H 44 15.50 36.39 -18.24
C ASP H 44 14.25 36.87 -18.95
N ARG H 45 13.13 36.23 -18.64
CA ARG H 45 11.86 36.58 -19.27
C ARG H 45 11.51 38.06 -19.01
N ILE H 46 11.73 38.52 -17.77
CA ILE H 46 11.55 39.92 -17.42
C ILE H 46 12.43 40.80 -18.29
N GLY H 47 13.67 40.35 -18.51
CA GLY H 47 14.56 41.01 -19.48
C GLY H 47 13.94 41.16 -20.86
N HIS H 48 13.31 40.09 -21.35
CA HIS H 48 12.69 40.14 -22.70
C HIS H 48 11.58 41.17 -22.74
N GLU H 49 10.83 41.30 -21.65
CA GLU H 49 9.74 42.28 -21.58
C GLU H 49 10.29 43.70 -21.56
N VAL H 50 11.37 43.90 -20.81
CA VAL H 50 12.01 45.20 -20.76
C VAL H 50 12.58 45.63 -22.11
N LEU H 51 13.15 44.69 -22.84
CA LEU H 51 13.72 45.01 -24.18
C LEU H 51 12.69 45.70 -25.04
N GLU H 52 11.48 45.15 -25.06
CA GLU H 52 10.40 45.73 -25.85
C GLU H 52 10.05 47.15 -25.38
N GLU H 53 10.22 47.42 -24.09
CA GLU H 53 9.98 48.76 -23.55
C GLU H 53 10.97 49.82 -23.98
N VAL H 54 12.16 49.40 -24.38
CA VAL H 54 13.26 50.30 -24.67
C VAL H 54 13.71 50.13 -26.12
N LYS H 55 12.79 49.73 -27.01
CA LYS H 55 13.07 49.63 -28.46
C LYS H 55 13.88 50.84 -29.00
N GLU H 56 13.37 52.06 -28.78
CA GLU H 56 13.95 53.28 -29.37
C GLU H 56 15.39 53.47 -28.91
N LYS H 57 15.64 53.27 -27.61
CA LYS H 57 17.01 53.43 -27.05
C LYS H 57 18.00 52.34 -27.51
N LEU H 58 17.49 51.11 -27.72
CA LEU H 58 18.33 50.05 -28.29
C LEU H 58 18.74 50.39 -29.72
N VAL H 59 17.82 50.91 -30.50
CA VAL H 59 18.11 51.29 -31.88
C VAL H 59 19.15 52.41 -31.88
N GLU H 60 18.99 53.37 -30.98
CA GLU H 60 20.00 54.44 -30.83
C GLU H 60 21.36 53.89 -30.48
N LEU H 61 21.40 52.88 -29.63
CA LEU H 61 22.67 52.30 -29.22
C LEU H 61 23.31 51.37 -30.27
N PHE H 62 22.52 50.49 -30.90
CA PHE H 62 23.11 49.39 -31.71
C PHE H 62 22.65 49.31 -33.16
N GLY H 63 21.88 50.31 -33.61
CA GLY H 63 21.42 50.37 -35.01
C GLY H 63 20.09 49.65 -35.24
N GLY H 64 19.54 49.81 -36.43
CA GLY H 64 18.29 49.17 -36.84
C GLY H 64 18.36 47.66 -36.99
N SER H 65 19.57 47.11 -37.10
CA SER H 65 19.78 45.65 -37.20
C SER H 65 19.11 44.84 -36.08
N VAL H 66 18.82 45.47 -34.94
CA VAL H 66 18.17 44.77 -33.83
C VAL H 66 16.62 44.73 -33.84
N LEU H 67 15.98 45.39 -34.81
CA LEU H 67 14.48 45.38 -34.99
C LEU H 67 13.90 44.50 -36.14
N GLU H 68 13.31 43.36 -35.79
CA GLU H 68 12.90 42.30 -36.75
C GLU H 68 11.65 42.70 -37.47
N ASP H 69 10.60 43.02 -36.72
CA ASP H 69 9.44 43.71 -37.30
C ASP H 69 9.18 44.98 -36.49
N GLY H 70 8.17 44.94 -35.61
CA GLY H 70 8.02 45.99 -34.63
C GLY H 70 8.73 45.59 -33.35
N LYS H 71 9.52 44.52 -33.38
CA LYS H 71 10.04 43.91 -32.15
C LYS H 71 11.57 43.65 -32.09
N VAL H 72 12.09 43.65 -30.88
CA VAL H 72 13.48 43.40 -30.64
C VAL H 72 13.79 41.95 -31.04
N ASN H 73 14.75 41.79 -31.94
CA ASN H 73 15.21 40.47 -32.39
C ASN H 73 16.38 40.08 -31.49
N ARG H 74 16.12 39.18 -30.53
CA ARG H 74 17.17 38.85 -29.56
C ARG H 74 18.38 38.12 -30.19
N LYS H 75 18.14 37.32 -31.24
CA LYS H 75 19.24 36.62 -31.90
C LYS H 75 20.23 37.65 -32.43
N LYS H 76 19.73 38.62 -33.20
CA LYS H 76 20.59 39.65 -33.80
C LYS H 76 21.23 40.55 -32.74
N LEU H 77 20.51 40.82 -31.65
CA LEU H 77 21.06 41.65 -30.56
C LEU H 77 22.16 40.90 -29.81
N ALA H 78 21.93 39.62 -29.49
CA ALA H 78 22.97 38.73 -28.93
C ALA H 78 24.22 38.71 -29.83
N GLY H 79 24.00 38.62 -31.13
CA GLY H 79 25.12 38.64 -32.08
C GLY H 79 26.02 39.84 -31.88
N ILE H 80 25.41 40.97 -31.52
CA ILE H 80 26.15 42.22 -31.30
C ILE H 80 26.76 42.29 -29.91
N VAL H 81 25.95 42.08 -28.88
CA VAL H 81 26.45 42.32 -27.51
C VAL H 81 27.43 41.24 -27.04
N PHE H 82 27.26 39.99 -27.50
CA PHE H 82 28.18 38.94 -27.04
C PHE H 82 29.44 38.84 -27.87
N GLU H 83 29.74 39.87 -28.65
CA GLU H 83 31.05 39.94 -29.32
C GLU H 83 31.94 41.01 -28.69
N SER H 84 31.39 41.75 -27.74
CA SER H 84 32.13 42.82 -27.08
C SER H 84 31.63 43.08 -25.63
N ARG H 85 32.56 43.20 -24.68
CA ARG H 85 32.22 43.60 -23.32
C ARG H 85 31.68 45.05 -23.26
N GLU H 86 32.24 45.92 -24.09
CA GLU H 86 31.79 47.30 -24.16
C GLU H 86 30.32 47.34 -24.56
N ASN H 87 29.91 46.57 -25.58
CA ASN H 87 28.51 46.56 -26.01
C ASN H 87 27.59 45.93 -24.99
N LEU H 88 28.06 44.84 -24.40
CA LEU H 88 27.27 44.18 -23.37
C LEU H 88 27.00 45.14 -22.21
N LYS H 89 28.00 45.92 -21.82
CA LYS H 89 27.84 46.87 -20.70
C LYS H 89 26.83 47.98 -21.02
N LYS H 90 26.81 48.42 -22.28
CA LYS H 90 25.85 49.42 -22.71
C LYS H 90 24.45 48.88 -22.56
N LEU H 91 24.22 47.63 -22.97
CA LEU H 91 22.88 47.03 -22.84
C LEU H 91 22.49 46.87 -21.36
N GLU H 92 23.41 46.40 -20.56
CA GLU H 92 23.19 46.20 -19.14
C GLU H 92 22.86 47.46 -18.38
N LEU H 93 23.55 48.55 -18.68
CA LEU H 93 23.22 49.84 -18.05
C LEU H 93 21.82 50.33 -18.46
N LEU H 94 21.35 49.97 -19.65
CA LEU H 94 20.05 50.36 -20.10
C LEU H 94 18.94 49.54 -19.44
N VAL H 95 19.07 48.20 -19.37
CA VAL H 95 17.95 47.32 -18.95
C VAL H 95 17.96 46.78 -17.50
N HIS H 96 19.12 46.63 -16.92
CA HIS H 96 19.22 46.09 -15.55
C HIS H 96 18.48 46.89 -14.44
N PRO H 97 18.60 48.24 -14.41
CA PRO H 97 17.79 48.97 -13.46
C PRO H 97 16.28 48.74 -13.60
N LEU H 98 15.74 48.75 -14.84
CA LEU H 98 14.31 48.49 -15.04
C LEU H 98 13.92 47.07 -14.67
N LYS H 100 15.42 45.15 -12.33
CA LYS H 100 15.43 45.07 -10.86
C LYS H 100 14.15 45.70 -10.26
N LYS H 101 13.72 46.86 -10.79
CA LYS H 101 12.45 47.49 -10.32
C LYS H 101 11.30 46.49 -10.46
N ARG H 102 11.32 45.79 -11.57
CA ARG H 102 10.25 44.88 -11.90
C ARG H 102 10.31 43.67 -10.96
N VAL H 103 11.51 43.17 -10.67
CA VAL H 103 11.65 42.08 -9.71
C VAL H 103 11.14 42.51 -8.32
N GLN H 104 11.59 43.67 -7.87
CA GLN H 104 11.18 44.24 -6.60
C GLN H 104 9.66 44.33 -6.49
N GLU H 105 9.03 44.79 -7.56
CA GLU H 105 7.58 44.94 -7.60
C GLU H 105 6.86 43.60 -7.38
N ILE H 106 7.35 42.55 -8.04
CA ILE H 106 6.77 41.23 -7.88
C ILE H 106 6.97 40.72 -6.45
N ILE H 107 8.18 40.88 -5.91
CA ILE H 107 8.41 40.51 -4.53
C ILE H 107 7.39 41.20 -3.59
N ASN H 108 7.19 42.49 -3.74
CA ASN H 108 6.24 43.20 -2.87
C ASN H 108 4.80 42.70 -2.91
N LYS H 109 4.38 42.19 -4.06
CA LYS H 109 3.00 41.84 -4.30
C LYS H 109 2.74 40.32 -4.16
N THR H 110 3.75 39.59 -3.68
CA THR H 110 3.70 38.13 -3.63
C THR H 110 4.02 37.57 -2.24
N SER H 111 3.19 36.61 -1.82
CA SER H 111 3.38 35.92 -0.54
C SER H 111 3.99 34.54 -0.75
N GLY H 112 4.53 33.99 0.35
CA GLY H 112 5.05 32.63 0.35
C GLY H 112 6.46 32.55 -0.19
N LEU H 113 6.80 31.41 -0.75
CA LEU H 113 8.16 31.16 -1.19
C LEU H 113 8.36 31.73 -2.58
N ILE H 114 9.30 32.66 -2.69
CA ILE H 114 9.62 33.29 -3.96
C ILE H 114 11.06 32.94 -4.33
N VAL H 115 11.23 32.53 -5.58
CA VAL H 115 12.51 32.11 -6.09
C VAL H 115 12.92 33.07 -7.18
N ILE H 116 14.07 33.71 -7.03
CA ILE H 116 14.58 34.63 -8.06
C ILE H 116 15.59 33.88 -8.88
N GLU H 117 15.22 33.53 -10.10
CA GLU H 117 16.07 32.76 -10.99
C GLU H 117 16.84 33.71 -11.82
N ALA H 118 18.15 33.78 -11.63
CA ALA H 118 19.01 34.67 -12.41
C ALA H 118 20.52 34.33 -12.38
N ALA H 119 21.06 34.09 -13.56
CA ALA H 119 22.49 33.93 -13.66
C ALA H 119 23.20 35.17 -13.09
N LEU H 120 22.67 36.37 -13.35
CA LEU H 120 23.32 37.59 -12.94
C LEU H 120 22.75 38.15 -11.61
N LEU H 121 22.43 37.26 -10.68
CA LEU H 121 21.92 37.67 -9.39
C LEU H 121 22.84 38.71 -8.77
N LYS H 122 24.15 38.43 -8.71
CA LYS H 122 25.08 39.34 -8.05
C LYS H 122 25.28 40.57 -8.85
N ARG H 123 25.51 40.44 -10.13
CA ARG H 123 25.82 41.60 -10.93
C ARG H 123 24.72 42.63 -10.95
N GLY H 125 22.68 43.17 -8.40
CA GLY H 125 22.34 43.52 -7.01
C GLY H 125 21.04 42.87 -6.51
N LEU H 126 20.57 41.84 -7.21
CA LEU H 126 19.35 41.13 -6.81
C LEU H 126 19.60 40.29 -5.57
N ASP H 127 20.83 39.85 -5.36
CA ASP H 127 21.18 39.08 -4.19
C ASP H 127 20.77 39.80 -2.88
N GLN H 128 20.84 41.12 -2.86
CA GLN H 128 20.44 41.90 -1.71
C GLN H 128 18.96 41.79 -1.40
N LEU H 129 18.14 41.44 -2.38
CA LEU H 129 16.73 41.20 -2.11
C LEU H 129 16.42 39.82 -1.54
N CYS H 130 17.43 38.96 -1.41
CA CYS H 130 17.21 37.58 -1.05
C CYS H 130 17.50 37.31 0.42
N ASP H 131 16.73 36.40 1.00
CA ASP H 131 16.98 35.87 2.33
C ASP H 131 18.06 34.77 2.30
N HIS H 132 18.10 34.00 1.23
CA HIS H 132 19.16 33.06 0.99
C HIS H 132 19.48 33.00 -0.49
N VAL H 133 20.67 32.52 -0.80
CA VAL H 133 21.07 32.36 -2.17
C VAL H 133 21.59 30.93 -2.34
N ILE H 134 21.10 30.26 -3.38
CA ILE H 134 21.66 29.01 -3.83
C ILE H 134 22.46 29.30 -5.11
N THR H 135 23.72 28.86 -5.18
CA THR H 135 24.45 28.88 -6.45
C THR H 135 24.54 27.46 -6.97
N VAL H 136 24.09 27.25 -8.20
CA VAL H 136 24.25 25.97 -8.86
C VAL H 136 25.59 25.95 -9.61
N VAL H 137 26.43 24.94 -9.38
CA VAL H 137 27.69 24.86 -10.13
C VAL H 137 27.80 23.54 -10.89
N ALA H 138 28.62 23.57 -11.92
CA ALA H 138 28.85 22.39 -12.75
C ALA H 138 30.08 22.63 -13.58
N SER H 139 30.78 21.57 -13.92
CA SER H 139 32.02 21.66 -14.69
C SER H 139 31.76 22.22 -16.08
N ARG H 140 32.79 22.83 -16.65
CA ARG H 140 32.70 23.40 -17.99
C ARG H 140 32.31 22.32 -19.00
N GLU H 141 32.90 21.12 -18.89
CA GLU H 141 32.58 20.08 -19.87
C GLU H 141 31.13 19.67 -19.70
N THR H 142 30.63 19.62 -18.48
CA THR H 142 29.21 19.33 -18.24
C THR H 142 28.30 20.39 -18.89
N ILE H 143 28.63 21.66 -18.69
CA ILE H 143 27.86 22.77 -19.24
C ILE H 143 27.82 22.70 -20.76
N LEU H 144 28.97 22.46 -21.40
CA LEU H 144 29.05 22.43 -22.86
C LEU H 144 28.25 21.30 -23.51
N LYS H 145 28.21 20.14 -22.88
CA LYS H 145 27.36 19.04 -23.35
C LYS H 145 25.87 19.43 -23.29
N ARG H 146 25.49 20.30 -22.36
CA ARG H 146 24.08 20.62 -22.17
C ARG H 146 23.55 21.77 -23.01
N ASN H 147 24.38 22.78 -23.28
CA ASN H 147 23.93 24.04 -23.90
C ASN H 147 24.93 24.49 -24.96
N ARG H 148 24.43 24.84 -26.16
CA ARG H 148 25.31 25.14 -27.32
C ARG H 148 25.81 26.61 -27.36
N GLU H 149 25.01 27.49 -26.78
CA GLU H 149 25.37 28.90 -26.61
C GLU H 149 26.43 29.09 -25.51
N ALA H 150 26.70 28.07 -24.71
CA ALA H 150 27.48 28.26 -23.50
C ALA H 150 28.88 28.70 -23.83
N ASP H 151 29.48 28.06 -24.82
CA ASP H 151 30.82 28.45 -25.24
C ASP H 151 30.95 29.98 -25.30
N ARG H 152 30.03 30.60 -26.02
CA ARG H 152 30.08 32.01 -26.27
C ARG H 152 29.81 32.88 -25.03
N ARG H 153 28.83 32.49 -24.23
CA ARG H 153 28.38 33.36 -23.15
C ARG H 153 29.12 33.17 -21.85
N LEU H 154 29.73 32.01 -21.63
CA LEU H 154 30.56 31.82 -20.44
C LEU H 154 31.70 32.83 -20.32
N LYS H 155 32.21 33.27 -21.46
CA LYS H 155 33.26 34.29 -21.50
C LYS H 155 32.82 35.58 -20.81
N PHE H 156 31.52 35.80 -20.75
CA PHE H 156 30.95 36.97 -20.06
C PHE H 156 30.32 36.63 -18.69
N GLN H 157 30.75 35.52 -18.09
CA GLN H 157 30.22 35.12 -16.79
C GLN H 157 31.31 34.77 -15.76
N GLU H 158 32.55 35.21 -15.98
CA GLU H 158 33.65 34.94 -15.05
C GLU H 158 33.39 35.52 -13.66
N ASP H 159 32.55 36.54 -13.53
CA ASP H 159 32.23 37.15 -12.24
C ASP H 159 31.10 36.46 -11.49
N ILE H 160 30.51 35.43 -12.09
CA ILE H 160 29.47 34.63 -11.47
C ILE H 160 30.13 33.53 -10.64
N VAL H 161 30.42 33.85 -9.39
CA VAL H 161 31.18 32.99 -8.54
C VAL H 161 30.22 32.37 -7.51
N PRO H 162 30.59 31.25 -6.90
CA PRO H 162 29.70 30.64 -5.91
C PRO H 162 29.40 31.56 -4.75
N GLN H 163 28.15 31.66 -4.38
CA GLN H 163 27.75 32.41 -3.19
C GLN H 163 26.58 31.72 -2.48
N GLY H 164 26.46 31.90 -1.18
CA GLY H 164 25.43 31.23 -0.41
C GLY H 164 25.68 29.73 -0.34
N ILE H 165 24.66 28.96 -0.67
CA ILE H 165 24.68 27.52 -0.54
C ILE H 165 24.98 26.98 -1.93
N VAL H 166 26.11 26.27 -2.05
CA VAL H 166 26.55 25.73 -3.32
C VAL H 166 25.91 24.35 -3.49
N VAL H 167 25.26 24.16 -4.62
CA VAL H 167 24.64 22.94 -5.00
C VAL H 167 25.28 22.49 -6.32
N ALA H 168 26.14 21.48 -6.24
CA ALA H 168 26.80 20.89 -7.43
C ALA H 168 25.84 20.00 -8.21
N ASN H 169 25.79 20.21 -9.52
CA ASN H 169 24.89 19.46 -10.38
C ASN H 169 25.68 18.79 -11.49
N ASN H 170 26.51 17.86 -11.13
CA ASN H 170 27.33 17.17 -12.10
C ASN H 170 26.98 15.71 -12.24
N SER H 171 25.87 15.26 -11.68
CA SER H 171 25.48 13.87 -11.87
C SER H 171 24.02 13.84 -12.33
N THR H 172 23.19 13.04 -11.66
CA THR H 172 21.84 12.79 -12.12
C THR H 172 20.86 13.83 -11.58
N LEU H 173 19.67 13.88 -12.20
CA LEU H 173 18.55 14.72 -11.70
C LEU H 173 18.11 14.25 -10.34
N GLU H 174 18.06 12.94 -10.14
CA GLU H 174 17.67 12.39 -8.87
C GLU H 174 18.62 12.87 -7.78
N ASP H 175 19.92 12.92 -8.08
CA ASP H 175 20.89 13.44 -7.10
C ASP H 175 20.72 14.92 -6.87
N LEU H 176 20.38 15.66 -7.91
CA LEU H 176 20.08 17.09 -7.72
C LEU H 176 18.80 17.25 -6.84
N GLU H 177 17.76 16.43 -7.09
CA GLU H 177 16.55 16.47 -6.28
C GLU H 177 16.88 16.30 -4.79
N LYS H 178 17.74 15.32 -4.51
CA LYS H 178 18.15 15.00 -3.13
C LYS H 178 18.85 16.22 -2.51
N LYS H 179 19.76 16.85 -3.25
CA LYS H 179 20.47 18.04 -2.73
C LYS H 179 19.56 19.25 -2.54
N VAL H 180 18.57 19.42 -3.43
CA VAL H 180 17.64 20.51 -3.28
C VAL H 180 16.76 20.30 -2.04
N GLU H 181 16.33 19.05 -1.80
CA GLU H 181 15.55 18.70 -0.62
C GLU H 181 16.34 19.01 0.64
N GLU H 182 17.62 18.66 0.63
CA GLU H 182 18.50 18.94 1.78
C GLU H 182 18.71 20.42 2.08
N VAL H 183 18.78 21.25 1.05
CA VAL H 183 18.84 22.70 1.23
C VAL H 183 17.52 23.23 1.76
N LYS H 185 15.35 21.65 3.58
CA LYS H 185 15.29 21.26 4.99
C LYS H 185 16.03 22.29 5.87
N LEU H 186 17.10 22.87 5.32
CA LEU H 186 17.85 23.88 6.07
C LEU H 186 17.10 25.18 6.23
N VAL H 187 16.51 25.67 5.15
CA VAL H 187 16.05 27.06 5.11
C VAL H 187 14.53 27.21 5.21
N TRP H 188 13.78 26.11 5.27
CA TRP H 188 12.32 26.14 5.10
C TRP H 188 11.68 24.80 5.44
#